data_4I9V
# 
_entry.id   4I9V 
# 
_audit_conform.dict_name       mmcif_pdbx.dic 
_audit_conform.dict_version    5.379 
_audit_conform.dict_location   http://mmcif.pdb.org/dictionaries/ascii/mmcif_pdbx.dic 
# 
loop_
_database_2.database_id 
_database_2.database_code 
_database_2.pdbx_database_accession 
_database_2.pdbx_DOI 
PDB   4I9V         pdb_00004i9v 10.2210/pdb4i9v/pdb 
NDB   NA2207       ?            ?                   
RCSB  RCSB076486   ?            ?                   
WWPDB D_1000076486 ?            ?                   
# 
_pdbx_database_related.db_name        PDB 
_pdbx_database_related.db_id          355D 
_pdbx_database_related.details        . 
_pdbx_database_related.content_type   unspecified 
# 
_pdbx_database_status.status_code                     REL 
_pdbx_database_status.entry_id                        4I9V 
_pdbx_database_status.recvd_initial_deposition_date   2012-12-05 
_pdbx_database_status.deposit_site                    RCSB 
_pdbx_database_status.process_site                    RCSB 
_pdbx_database_status.status_code_sf                  REL 
_pdbx_database_status.status_code_mr                  ? 
_pdbx_database_status.SG_entry                        ? 
_pdbx_database_status.status_code_cs                  ? 
_pdbx_database_status.methods_development_category    ? 
_pdbx_database_status.pdb_format_compatible           Y 
_pdbx_database_status.status_code_nmr_data            ? 
# 
loop_
_audit_author.name 
_audit_author.pdbx_ordinal 
'Nocek, B.'      1 
'Szulik, M.W.'   2 
'Joachimiak, A.' 3 
'Stone, M.P.'    4 
# 
_citation.id                        primary 
_citation.title                     
;Differential stabilities and sequence-dependent base pair opening dynamics of watson-crick base pairs with 5-hydroxymethylcytosine, 5-formylcytosine, or 5-carboxylcytosine.
;
_citation.journal_abbrev            Biochemistry 
_citation.journal_volume            54 
_citation.page_first                1294 
_citation.page_last                 1305 
_citation.year                      2015 
_citation.journal_id_ASTM           BICHAW 
_citation.country                   US 
_citation.journal_id_ISSN           0006-2960 
_citation.journal_id_CSD            0033 
_citation.book_publisher            ? 
_citation.pdbx_database_id_PubMed   25632825 
_citation.pdbx_database_id_DOI      10.1021/bi501534x 
# 
loop_
_citation_author.citation_id 
_citation_author.name 
_citation_author.ordinal 
_citation_author.identifier_ORCID 
primary 'Szulik, M.W.'   1  ? 
primary 'Pallan, P.S.'   2  ? 
primary 'Nocek, B.'      3  ? 
primary 'Voehler, M.'    4  ? 
primary 'Banerjee, S.'   5  ? 
primary 'Brooks, S.'     6  ? 
primary 'Joachimiak, A.' 7  ? 
primary 'Egli, M.'       8  ? 
primary 'Eichman, B.F.'  9  ? 
primary 'Stone, M.P.'    10 ? 
# 
_cell.entry_id           4I9V 
_cell.length_a           25.606 
_cell.length_b           41.344 
_cell.length_c           64.319 
_cell.angle_alpha        90.00 
_cell.angle_beta         90.00 
_cell.angle_gamma        90.00 
_cell.Z_PDB              8 
_cell.pdbx_unique_axis   ? 
_cell.length_a_esd       ? 
_cell.length_b_esd       ? 
_cell.length_c_esd       ? 
_cell.angle_alpha_esd    ? 
_cell.angle_beta_esd     ? 
_cell.angle_gamma_esd    ? 
# 
_symmetry.entry_id                         4I9V 
_symmetry.space_group_name_H-M             'P 21 21 21' 
_symmetry.pdbx_full_space_group_name_H-M   ? 
_symmetry.cell_setting                     ? 
_symmetry.Int_Tables_number                19 
_symmetry.space_group_name_Hall            ? 
# 
loop_
_entity.id 
_entity.type 
_entity.src_method 
_entity.pdbx_description 
_entity.formula_weight 
_entity.pdbx_number_of_molecules 
_entity.pdbx_ec 
_entity.pdbx_mutation 
_entity.pdbx_fragment 
_entity.details 
1 polymer     syn 
;DNA (5'-D(*CP*GP*CP*GP*AP*AP*TP*TP*(5HC)P*GP*CP*G)-3')
;
3693.418 2   ? ? ? ? 
2 non-polymer syn 'MAGNESIUM ION'                                          24.305   1   ? ? ? ? 
3 non-polymer syn 'SPERMINE (FULLY PROTONATED FORM)'                       206.372  2   ? ? ? ? 
4 water       nat water                                                    18.015   187 ? ? ? ? 
# 
_entity_poly.entity_id                      1 
_entity_poly.type                           polydeoxyribonucleotide 
_entity_poly.nstd_linkage                   no 
_entity_poly.nstd_monomer                   yes 
_entity_poly.pdbx_seq_one_letter_code       '(DC)(DG)(DC)(DG)(DA)(DA)(DT)(DT)(5HC)(DG)(DC)(DG)' 
_entity_poly.pdbx_seq_one_letter_code_can   CGCGAATTXGCG 
_entity_poly.pdbx_strand_id                 A,B 
_entity_poly.pdbx_target_identifier         ? 
# 
loop_
_entity_poly_seq.entity_id 
_entity_poly_seq.num 
_entity_poly_seq.mon_id 
_entity_poly_seq.hetero 
1 1  DC  n 
1 2  DG  n 
1 3  DC  n 
1 4  DG  n 
1 5  DA  n 
1 6  DA  n 
1 7  DT  n 
1 8  DT  n 
1 9  5HC n 
1 10 DG  n 
1 11 DC  n 
1 12 DG  n 
# 
_pdbx_entity_src_syn.entity_id              1 
_pdbx_entity_src_syn.pdbx_src_id            1 
_pdbx_entity_src_syn.pdbx_alt_source_flag   sample 
_pdbx_entity_src_syn.pdbx_beg_seq_num       ? 
_pdbx_entity_src_syn.pdbx_end_seq_num       ? 
_pdbx_entity_src_syn.organism_scientific    'Synthetic DNA' 
_pdbx_entity_src_syn.organism_common_name   ? 
_pdbx_entity_src_syn.ncbi_taxonomy_id       32630 
_pdbx_entity_src_syn.details                ? 
# 
_struct_ref.id                         1 
_struct_ref.db_name                    PDB 
_struct_ref.db_code                    4I9V 
_struct_ref.pdbx_db_accession          4I9V 
_struct_ref.entity_id                  1 
_struct_ref.pdbx_align_begin           ? 
_struct_ref.pdbx_seq_one_letter_code   ? 
_struct_ref.pdbx_db_isoform            ? 
# 
loop_
_struct_ref_seq.align_id 
_struct_ref_seq.ref_id 
_struct_ref_seq.pdbx_PDB_id_code 
_struct_ref_seq.pdbx_strand_id 
_struct_ref_seq.seq_align_beg 
_struct_ref_seq.pdbx_seq_align_beg_ins_code 
_struct_ref_seq.seq_align_end 
_struct_ref_seq.pdbx_seq_align_end_ins_code 
_struct_ref_seq.pdbx_db_accession 
_struct_ref_seq.db_align_beg 
_struct_ref_seq.pdbx_db_align_beg_ins_code 
_struct_ref_seq.db_align_end 
_struct_ref_seq.pdbx_db_align_end_ins_code 
_struct_ref_seq.pdbx_auth_seq_align_beg 
_struct_ref_seq.pdbx_auth_seq_align_end 
1 1 4I9V A 1 ? 12 ? 4I9V 1  ? 12 ? 1  12 
2 1 4I9V B 1 ? 12 ? 4I9V 13 ? 24 ? 13 24 
# 
loop_
_chem_comp.id 
_chem_comp.type 
_chem_comp.mon_nstd_flag 
_chem_comp.name 
_chem_comp.pdbx_synonyms 
_chem_comp.formula 
_chem_comp.formula_weight 
5HC 'DNA linking' n 
;2'-deoxy-5-(hydroxymethyl)cytidine 5'-(dihydrogen phosphate)
;
? 'C10 H16 N3 O8 P' 337.223 
DA  'DNA linking' y "2'-DEOXYADENOSINE-5'-MONOPHOSPHATE"                           ? 'C10 H14 N5 O6 P' 331.222 
DC  'DNA linking' y "2'-DEOXYCYTIDINE-5'-MONOPHOSPHATE"                            ? 'C9 H14 N3 O7 P'  307.197 
DG  'DNA linking' y "2'-DEOXYGUANOSINE-5'-MONOPHOSPHATE"                           ? 'C10 H14 N5 O7 P' 347.221 
DT  'DNA linking' y "THYMIDINE-5'-MONOPHOSPHATE"                                   ? 'C10 H15 N2 O8 P' 322.208 
HOH non-polymer   . WATER                                                          ? 'H2 O'            18.015  
MG  non-polymer   . 'MAGNESIUM ION'                                                ? 'Mg 2'            24.305  
SPK non-polymer   . 'SPERMINE (FULLY PROTONATED FORM)'                             ? 'C10 H30 N4 4'    206.372 
# 
_exptl.entry_id          4I9V 
_exptl.method            'X-RAY DIFFRACTION' 
_exptl.crystals_number   1 
# 
_exptl_crystal.id                    1 
_exptl_crystal.density_meas          ? 
_exptl_crystal.density_Matthews      2.30 
_exptl_crystal.density_percent_sol   46.63 
_exptl_crystal.description           ? 
_exptl_crystal.F_000                 ? 
_exptl_crystal.preparation           ? 
# 
_exptl_crystal_grow.crystal_id      1 
_exptl_crystal_grow.method          'VAPOR DIFFUSION, HANGING DROP' 
_exptl_crystal_grow.temp            291 
_exptl_crystal_grow.temp_details    ? 
_exptl_crystal_grow.pH              7.0 
_exptl_crystal_grow.pdbx_pH_range   ? 
_exptl_crystal_grow.pdbx_details    
;10% MPD,40mM cacodylate, 80mM NaCl,12 mM spermine tetrachloride, 20mM MgCl2, pH 7.0, VAPOR DIFFUSION, HANGING DROP, temperature 291K
;
# 
_diffrn.id                     1 
_diffrn.ambient_temp           100 
_diffrn.ambient_temp_details   ? 
_diffrn.crystal_id             1 
# 
_diffrn_detector.diffrn_id              1 
_diffrn_detector.detector               CCD 
_diffrn_detector.type                   'ADSC QUANTUM 315r' 
_diffrn_detector.pdbx_collection_date   2012-06-14 
_diffrn_detector.details                mirrors 
# 
_diffrn_radiation.diffrn_id                        1 
_diffrn_radiation.wavelength_id                    1 
_diffrn_radiation.pdbx_monochromatic_or_laue_m_l   M 
_diffrn_radiation.monochromator                    'double crystal' 
_diffrn_radiation.pdbx_diffrn_protocol             'SINGLE WAVELENGTH' 
_diffrn_radiation.pdbx_scattering_type             x-ray 
# 
_diffrn_radiation_wavelength.id           1 
_diffrn_radiation_wavelength.wavelength   0.979 
_diffrn_radiation_wavelength.wt           1.0 
# 
_diffrn_source.diffrn_id                   1 
_diffrn_source.source                      SYNCHROTRON 
_diffrn_source.type                        'APS BEAMLINE 19-ID' 
_diffrn_source.pdbx_synchrotron_site       APS 
_diffrn_source.pdbx_synchrotron_beamline   19-ID 
_diffrn_source.pdbx_wavelength             ? 
_diffrn_source.pdbx_wavelength_list        0.979 
# 
_reflns.pdbx_diffrn_id               1 
_reflns.pdbx_ordinal                 1 
_reflns.entry_id                     4I9V 
_reflns.observed_criterion_sigma_I   2.0 
_reflns.observed_criterion_sigma_F   2.0 
_reflns.d_resolution_low             14.90 
_reflns.d_resolution_high            1.02 
_reflns.number_obs                   35974 
_reflns.number_all                   36693 
_reflns.percent_possible_obs         98 
_reflns.pdbx_Rmerge_I_obs            0.043 
_reflns.pdbx_Rsym_value              ? 
_reflns.pdbx_netI_over_sigmaI        44.67 
_reflns.B_iso_Wilson_estimate        ? 
_reflns.pdbx_redundancy              8.8 
_reflns.R_free_details               ? 
_reflns.pdbx_chi_squared             ? 
_reflns.pdbx_scaling_rejects         ? 
# 
_reflns_shell.pdbx_diffrn_id         1 
_reflns_shell.pdbx_ordinal           1 
_reflns_shell.d_res_high             1.02 
_reflns_shell.d_res_low              1.03 
_reflns_shell.percent_possible_all   99.9 
_reflns_shell.Rmerge_I_obs           0.78 
_reflns_shell.pdbx_Rsym_value        ? 
_reflns_shell.meanI_over_sigI_obs    ? 
_reflns_shell.pdbx_redundancy        6.5 
_reflns_shell.percent_possible_obs   ? 
_reflns_shell.number_unique_all      ? 
_reflns_shell.number_measured_all    ? 
_reflns_shell.number_measured_obs    ? 
_reflns_shell.number_unique_obs      ? 
_reflns_shell.pdbx_chi_squared       ? 
# 
_refine.pdbx_refine_id                           'X-RAY DIFFRACTION' 
_refine.entry_id                                 4I9V 
_refine.pdbx_diffrn_id                           1 
_refine.pdbx_TLS_residual_ADP_flag               ? 
_refine.ls_number_reflns_obs                     32113 
_refine.ls_number_reflns_all                     33816 
_refine.pdbx_ls_sigma_I                          ? 
_refine.pdbx_ls_sigma_F                          . 
_refine.pdbx_data_cutoff_high_absF               ? 
_refine.pdbx_data_cutoff_low_absF                ? 
_refine.pdbx_data_cutoff_high_rms_absF           ? 
_refine.ls_d_res_low                             14.88 
_refine.ls_d_res_high                            1.02 
_refine.ls_percent_reflns_obs                    95.04 
_refine.ls_R_factor_obs                          0.16064 
_refine.ls_R_factor_all                          ? 
_refine.ls_R_factor_R_work                       0.15947 
_refine.ls_R_factor_R_free                       0.18189 
_refine.ls_R_factor_R_free_error                 ? 
_refine.ls_R_factor_R_free_error_details         ? 
_refine.ls_percent_reflns_R_free                 5.0 
_refine.ls_number_reflns_R_free                  1700 
_refine.ls_number_parameters                     ? 
_refine.ls_number_restraints                     ? 
_refine.occupancy_min                            ? 
_refine.occupancy_max                            ? 
_refine.correlation_coeff_Fo_to_Fc               0.979 
_refine.correlation_coeff_Fo_to_Fc_free          0.974 
_refine.B_iso_mean                               22.675 
_refine.aniso_B[1][1]                            0.24 
_refine.aniso_B[2][2]                            -1.49 
_refine.aniso_B[3][3]                            1.26 
_refine.aniso_B[1][2]                            0.00 
_refine.aniso_B[1][3]                            0.00 
_refine.aniso_B[2][3]                            0.00 
_refine.solvent_model_details                    MASK 
_refine.solvent_model_param_ksol                 ? 
_refine.solvent_model_param_bsol                 ? 
_refine.pdbx_solvent_vdw_probe_radii             1.20 
_refine.pdbx_solvent_ion_probe_radii             0.80 
_refine.pdbx_solvent_shrinkage_radii             0.80 
_refine.pdbx_ls_cross_valid_method               THROUGHOUT 
_refine.details                                  'HYDROGENS HAVE BEEN ADDED IN THE RIDING POSITIONS' 
_refine.pdbx_starting_model                      'PDB ENTRY 436D' 
_refine.pdbx_method_to_determine_struct          'MOLECULAR REPLACEMENT' 
_refine.pdbx_isotropic_thermal_model             ? 
_refine.pdbx_stereochemistry_target_values       'MAXIMUM LIKELIHOOD' 
_refine.pdbx_stereochem_target_val_spec_case     ? 
_refine.pdbx_R_Free_selection_details            RANDOM 
_refine.pdbx_overall_ESU_R                       0.029 
_refine.pdbx_overall_ESU_R_Free                  0.030 
_refine.overall_SU_ML                            0.023 
_refine.pdbx_overall_phase_error                 ? 
_refine.overall_SU_B                             0.990 
_refine.overall_SU_R_Cruickshank_DPI             ? 
_refine.pdbx_overall_SU_R_free_Cruickshank_DPI   ? 
_refine.pdbx_overall_SU_R_Blow_DPI               ? 
_refine.pdbx_overall_SU_R_free_Blow_DPI          ? 
_refine.ls_redundancy_reflns_obs                 ? 
_refine.overall_SU_R_free                        ? 
_refine.ls_wR_factor_R_free                      ? 
_refine.ls_wR_factor_R_work                      ? 
_refine.overall_FOM_free_R_set                   ? 
_refine.overall_FOM_work_R_set                   ? 
# 
_refine_hist.pdbx_refine_id                   'X-RAY DIFFRACTION' 
_refine_hist.cycle_id                         LAST 
_refine_hist.pdbx_number_atoms_protein        0 
_refine_hist.pdbx_number_atoms_nucleic_acid   490 
_refine_hist.pdbx_number_atoms_ligand         26 
_refine_hist.number_atoms_solvent             187 
_refine_hist.number_atoms_total               703 
_refine_hist.d_res_high                       1.02 
_refine_hist.d_res_low                        14.88 
# 
loop_
_refine_ls_restr.type 
_refine_ls_restr.dev_ideal 
_refine_ls_restr.dev_ideal_target 
_refine_ls_restr.weight 
_refine_ls_restr.number 
_refine_ls_restr.pdbx_refine_id 
_refine_ls_restr.pdbx_restraint_function 
r_bond_refined_d             0.020  0.012 ? 629  'X-RAY DIFFRACTION' ? 
r_bond_other_d               0.006  0.020 ? 375  'X-RAY DIFFRACTION' ? 
r_angle_refined_deg          2.488  1.354 ? 937  'X-RAY DIFFRACTION' ? 
r_angle_other_deg            2.562  3.000 ? 888  'X-RAY DIFFRACTION' ? 
r_dihedral_angle_1_deg       ?      ?     ? ?    'X-RAY DIFFRACTION' ? 
r_dihedral_angle_2_deg       ?      ?     ? ?    'X-RAY DIFFRACTION' ? 
r_dihedral_angle_3_deg       ?      ?     ? ?    'X-RAY DIFFRACTION' ? 
r_dihedral_angle_4_deg       ?      ?     ? ?    'X-RAY DIFFRACTION' ? 
r_chiral_restr               0.406  0.200 ? 78   'X-RAY DIFFRACTION' ? 
r_gen_planes_refined         0.041  0.020 ? 337  'X-RAY DIFFRACTION' ? 
r_gen_planes_other           0.008  0.020 ? 137  'X-RAY DIFFRACTION' ? 
r_nbd_refined                ?      ?     ? ?    'X-RAY DIFFRACTION' ? 
r_nbd_other                  ?      ?     ? ?    'X-RAY DIFFRACTION' ? 
r_nbtor_refined              ?      ?     ? ?    'X-RAY DIFFRACTION' ? 
r_nbtor_other                ?      ?     ? ?    'X-RAY DIFFRACTION' ? 
r_xyhbond_nbd_refined        ?      ?     ? ?    'X-RAY DIFFRACTION' ? 
r_xyhbond_nbd_other          ?      ?     ? ?    'X-RAY DIFFRACTION' ? 
r_metal_ion_refined          ?      ?     ? ?    'X-RAY DIFFRACTION' ? 
r_metal_ion_other            ?      ?     ? ?    'X-RAY DIFFRACTION' ? 
r_symmetry_vdw_refined       ?      ?     ? ?    'X-RAY DIFFRACTION' ? 
r_symmetry_vdw_other         ?      ?     ? ?    'X-RAY DIFFRACTION' ? 
r_symmetry_hbond_refined     ?      ?     ? ?    'X-RAY DIFFRACTION' ? 
r_symmetry_hbond_other       ?      ?     ? ?    'X-RAY DIFFRACTION' ? 
r_symmetry_metal_ion_refined ?      ?     ? ?    'X-RAY DIFFRACTION' ? 
r_symmetry_metal_ion_other   ?      ?     ? ?    'X-RAY DIFFRACTION' ? 
r_mcbond_it                  ?      ?     ? ?    'X-RAY DIFFRACTION' ? 
r_mcbond_other               ?      ?     ? ?    'X-RAY DIFFRACTION' ? 
r_mcangle_it                 ?      ?     ? ?    'X-RAY DIFFRACTION' ? 
r_scbond_it                  ?      ?     ? ?    'X-RAY DIFFRACTION' ? 
r_scangle_it                 ?      ?     ? ?    'X-RAY DIFFRACTION' ? 
r_rigid_bond_restr           4.594  3.000 ? 1002 'X-RAY DIFFRACTION' ? 
r_sphericity_free            8.840  5.000 ? 2    'X-RAY DIFFRACTION' ? 
r_sphericity_bonded          10.669 5.000 ? 1134 'X-RAY DIFFRACTION' ? 
# 
_refine_ls_shell.pdbx_refine_id                   'X-RAY DIFFRACTION' 
_refine_ls_shell.pdbx_total_number_of_bins_used   20 
_refine_ls_shell.d_res_high                       1.020 
_refine_ls_shell.d_res_low                        1.046 
_refine_ls_shell.number_reflns_R_work             1374 
_refine_ls_shell.R_factor_R_work                  0.335 
_refine_ls_shell.percent_reflns_obs               56.96 
_refine_ls_shell.R_factor_R_free                  0.302 
_refine_ls_shell.R_factor_R_free_error            ? 
_refine_ls_shell.percent_reflns_R_free            ? 
_refine_ls_shell.number_reflns_R_free             82 
_refine_ls_shell.number_reflns_all                ? 
_refine_ls_shell.R_factor_all                     ? 
_refine_ls_shell.redundancy_reflns_obs            ? 
_refine_ls_shell.number_reflns_obs                ? 
# 
_struct.entry_id                  4I9V 
_struct.title                     
;The atomic structure of 5-Hydroxymethyl 2'-deoxycitidine base paired with 2'-deoxyguanosine in Dickerson Drew Dodecamer
;
_struct.pdbx_model_details        ? 
_struct.pdbx_CASP_flag            ? 
_struct.pdbx_model_type_details   ? 
# 
_struct_keywords.entry_id        4I9V 
_struct_keywords.pdbx_keywords   DNA 
_struct_keywords.text            
;5-Hydroxymethyl 2' deoxycitidine, 5-hydroxymethyl-dC adduct, modified DDD, Dodecamer of B-DNA, DNA
;
# 
loop_
_struct_asym.id 
_struct_asym.pdbx_blank_PDB_chainid_flag 
_struct_asym.pdbx_modified 
_struct_asym.entity_id 
_struct_asym.details 
A N N 1 ? 
B N N 1 ? 
C N N 2 ? 
D N N 3 ? 
E N N 3 ? 
F N N 4 ? 
G N N 4 ? 
# 
_struct_biol.id        1 
_struct_biol.details   ? 
# 
loop_
_struct_conn.id 
_struct_conn.conn_type_id 
_struct_conn.pdbx_leaving_atom_flag 
_struct_conn.pdbx_PDB_id 
_struct_conn.ptnr1_label_asym_id 
_struct_conn.ptnr1_label_comp_id 
_struct_conn.ptnr1_label_seq_id 
_struct_conn.ptnr1_label_atom_id 
_struct_conn.pdbx_ptnr1_label_alt_id 
_struct_conn.pdbx_ptnr1_PDB_ins_code 
_struct_conn.pdbx_ptnr1_standard_comp_id 
_struct_conn.ptnr1_symmetry 
_struct_conn.ptnr2_label_asym_id 
_struct_conn.ptnr2_label_comp_id 
_struct_conn.ptnr2_label_seq_id 
_struct_conn.ptnr2_label_atom_id 
_struct_conn.pdbx_ptnr2_label_alt_id 
_struct_conn.pdbx_ptnr2_PDB_ins_code 
_struct_conn.ptnr1_auth_asym_id 
_struct_conn.ptnr1_auth_comp_id 
_struct_conn.ptnr1_auth_seq_id 
_struct_conn.ptnr2_auth_asym_id 
_struct_conn.ptnr2_auth_comp_id 
_struct_conn.ptnr2_auth_seq_id 
_struct_conn.ptnr2_symmetry 
_struct_conn.pdbx_ptnr3_label_atom_id 
_struct_conn.pdbx_ptnr3_label_seq_id 
_struct_conn.pdbx_ptnr3_label_comp_id 
_struct_conn.pdbx_ptnr3_label_asym_id 
_struct_conn.pdbx_ptnr3_label_alt_id 
_struct_conn.pdbx_ptnr3_PDB_ins_code 
_struct_conn.details 
_struct_conn.pdbx_dist_value 
_struct_conn.pdbx_value_order 
_struct_conn.pdbx_role 
covale1  covale both ? A DT  8  "O3'" ? ? ? 1_555 A 5HC 9  P  ? ? A DT  8   A 5HC 9   1_555 ? ? ? ? ? ? ?            1.591 ? ? 
covale2  covale both ? A 5HC 9  "O3'" ? ? ? 1_555 A DG  10 P  ? ? A 5HC 9   A DG  10  1_555 ? ? ? ? ? ? ?            1.525 ? ? 
covale3  covale both ? B DT  8  "O3'" ? ? ? 1_555 B 5HC 9  P  ? ? B DT  20  B 5HC 21  1_555 ? ? ? ? ? ? ?            1.566 ? ? 
covale4  covale both ? B 5HC 9  "O3'" ? ? ? 1_555 B DG  10 P  ? ? B 5HC 21  B DG  22  1_555 ? ? ? ? ? ? ?            1.536 ? ? 
metalc1  metalc ?    ? C MG  .  MG    ? ? ? 1_555 F HOH .  O  ? ? A MG  101 A HOH 208 1_555 ? ? ? ? ? ? ?            2.044 ? ? 
metalc2  metalc ?    ? C MG  .  MG    ? ? ? 1_555 F HOH .  O  ? ? A MG  101 A HOH 249 1_555 ? ? ? ? ? ? ?            2.078 ? ? 
metalc3  metalc ?    ? C MG  .  MG    ? ? ? 1_555 G HOH .  O  ? ? A MG  101 B HOH 206 1_555 ? ? ? ? ? ? ?            2.082 ? ? 
metalc4  metalc ?    ? C MG  .  MG    ? ? ? 1_555 G HOH .  O  ? ? A MG  101 B HOH 261 1_555 ? ? ? ? ? ? ?            2.085 ? ? 
metalc5  metalc ?    ? C MG  .  MG    ? ? ? 1_555 G HOH .  O  ? ? A MG  101 B HOH 262 1_555 ? ? ? ? ? ? ?            2.089 ? ? 
metalc6  metalc ?    ? C MG  .  MG    ? ? ? 1_555 G HOH .  O  ? ? A MG  101 B HOH 270 1_555 ? ? ? ? ? ? ?            2.039 ? ? 
hydrog1  hydrog ?    ? A DC  1  N3    ? ? ? 1_555 B DG  12 N1 ? ? A DC  1   B DG  24  1_555 ? ? ? ? ? ? WATSON-CRICK ?     ? ? 
hydrog2  hydrog ?    ? A DC  1  N4    ? ? ? 1_555 B DG  12 O6 ? ? A DC  1   B DG  24  1_555 ? ? ? ? ? ? WATSON-CRICK ?     ? ? 
hydrog3  hydrog ?    ? A DC  1  O2    ? ? ? 1_555 B DG  12 N2 ? ? A DC  1   B DG  24  1_555 ? ? ? ? ? ? WATSON-CRICK ?     ? ? 
hydrog4  hydrog ?    ? A DG  2  N1    ? ? ? 1_555 B DC  11 N3 ? ? A DG  2   B DC  23  1_555 ? ? ? ? ? ? WATSON-CRICK ?     ? ? 
hydrog5  hydrog ?    ? A DG  2  N2    ? ? ? 1_555 B DC  11 O2 ? ? A DG  2   B DC  23  1_555 ? ? ? ? ? ? WATSON-CRICK ?     ? ? 
hydrog6  hydrog ?    ? A DG  2  O6    ? ? ? 1_555 B DC  11 N4 ? ? A DG  2   B DC  23  1_555 ? ? ? ? ? ? WATSON-CRICK ?     ? ? 
hydrog7  hydrog ?    ? A DC  3  N3    ? ? ? 1_555 B DG  10 N1 ? ? A DC  3   B DG  22  1_555 ? ? ? ? ? ? WATSON-CRICK ?     ? ? 
hydrog8  hydrog ?    ? A DC  3  N4    ? ? ? 1_555 B DG  10 O6 ? ? A DC  3   B DG  22  1_555 ? ? ? ? ? ? WATSON-CRICK ?     ? ? 
hydrog9  hydrog ?    ? A DC  3  O2    ? ? ? 1_555 B DG  10 N2 ? ? A DC  3   B DG  22  1_555 ? ? ? ? ? ? WATSON-CRICK ?     ? ? 
hydrog10 hydrog ?    ? A DA  5  N1    ? ? ? 1_555 B DT  8  N3 ? ? A DA  5   B DT  20  1_555 ? ? ? ? ? ? WATSON-CRICK ?     ? ? 
hydrog11 hydrog ?    ? A DA  5  N6    ? ? ? 1_555 B DT  8  O4 ? ? A DA  5   B DT  20  1_555 ? ? ? ? ? ? WATSON-CRICK ?     ? ? 
hydrog12 hydrog ?    ? A DA  6  N1    ? ? ? 1_555 B DT  7  N3 A ? A DA  6   B DT  19  1_555 ? ? ? ? ? ? WATSON-CRICK ?     ? ? 
hydrog13 hydrog ?    ? A DA  6  N6    ? ? ? 1_555 B DT  7  O4 A ? A DA  6   B DT  19  1_555 ? ? ? ? ? ? WATSON-CRICK ?     ? ? 
hydrog14 hydrog ?    ? A DT  7  N3    ? ? ? 1_555 B DA  6  N1 A ? A DT  7   B DA  18  1_555 ? ? ? ? ? ? WATSON-CRICK ?     ? ? 
hydrog15 hydrog ?    ? A DT  7  O4    ? ? ? 1_555 B DA  6  N6 A ? A DT  7   B DA  18  1_555 ? ? ? ? ? ? WATSON-CRICK ?     ? ? 
hydrog16 hydrog ?    ? A DT  8  N3    ? ? ? 1_555 B DA  5  N1 ? ? A DT  8   B DA  17  1_555 ? ? ? ? ? ? WATSON-CRICK ?     ? ? 
hydrog17 hydrog ?    ? A DT  8  O4    ? ? ? 1_555 B DA  5  N6 ? ? A DT  8   B DA  17  1_555 ? ? ? ? ? ? WATSON-CRICK ?     ? ? 
hydrog18 hydrog ?    ? A DG  10 N1    ? ? ? 1_555 B DC  3  N3 ? ? A DG  10  B DC  15  1_555 ? ? ? ? ? ? WATSON-CRICK ?     ? ? 
hydrog19 hydrog ?    ? A DG  10 N2    ? ? ? 1_555 B DC  3  O2 ? ? A DG  10  B DC  15  1_555 ? ? ? ? ? ? WATSON-CRICK ?     ? ? 
hydrog20 hydrog ?    ? A DG  10 O6    ? ? ? 1_555 B DC  3  N4 ? ? A DG  10  B DC  15  1_555 ? ? ? ? ? ? WATSON-CRICK ?     ? ? 
hydrog21 hydrog ?    ? A DC  11 N3    ? ? ? 1_555 B DG  2  N1 ? ? A DC  11  B DG  14  1_555 ? ? ? ? ? ? WATSON-CRICK ?     ? ? 
hydrog22 hydrog ?    ? A DC  11 N4    ? ? ? 1_555 B DG  2  O6 ? ? A DC  11  B DG  14  1_555 ? ? ? ? ? ? WATSON-CRICK ?     ? ? 
hydrog23 hydrog ?    ? A DC  11 O2    ? ? ? 1_555 B DG  2  N2 ? ? A DC  11  B DG  14  1_555 ? ? ? ? ? ? WATSON-CRICK ?     ? ? 
hydrog24 hydrog ?    ? A DG  12 N1    ? ? ? 1_555 B DC  1  N3 ? ? A DG  12  B DC  13  1_555 ? ? ? ? ? ? WATSON-CRICK ?     ? ? 
hydrog25 hydrog ?    ? A DG  12 N2    ? ? ? 1_555 B DC  1  O2 ? ? A DG  12  B DC  13  1_555 ? ? ? ? ? ? WATSON-CRICK ?     ? ? 
hydrog26 hydrog ?    ? A DG  12 O6    ? ? ? 1_555 B DC  1  N4 ? ? A DG  12  B DC  13  1_555 ? ? ? ? ? ? WATSON-CRICK ?     ? ? 
# 
loop_
_struct_conn_type.id 
_struct_conn_type.criteria 
_struct_conn_type.reference 
covale ? ? 
metalc ? ? 
hydrog ? ? 
# 
loop_
_struct_site.id 
_struct_site.pdbx_evidence_code 
_struct_site.pdbx_auth_asym_id 
_struct_site.pdbx_auth_comp_id 
_struct_site.pdbx_auth_seq_id 
_struct_site.pdbx_auth_ins_code 
_struct_site.pdbx_num_residues 
_struct_site.details 
AC1 Software A MG  101 ? 6 'BINDING SITE FOR RESIDUE MG A 101'  
AC2 Software B SPK 101 ? 7 'BINDING SITE FOR RESIDUE SPK B 101' 
AC3 Software B SPK 102 ? 8 'BINDING SITE FOR RESIDUE SPK B 102' 
# 
loop_
_struct_site_gen.id 
_struct_site_gen.site_id 
_struct_site_gen.pdbx_num_res 
_struct_site_gen.label_comp_id 
_struct_site_gen.label_asym_id 
_struct_site_gen.label_seq_id 
_struct_site_gen.pdbx_auth_ins_code 
_struct_site_gen.auth_comp_id 
_struct_site_gen.auth_asym_id 
_struct_site_gen.auth_seq_id 
_struct_site_gen.label_atom_id 
_struct_site_gen.label_alt_id 
_struct_site_gen.symmetry 
_struct_site_gen.details 
1  AC1 6 HOH F .  ? HOH A 208 . ? 1_555 ? 
2  AC1 6 HOH F .  ? HOH A 249 . ? 1_555 ? 
3  AC1 6 HOH G .  ? HOH B 206 . ? 1_555 ? 
4  AC1 6 HOH G .  ? HOH B 261 . ? 1_555 ? 
5  AC1 6 HOH G .  ? HOH B 262 . ? 1_555 ? 
6  AC1 6 HOH G .  ? HOH B 270 . ? 1_555 ? 
7  AC2 7 DG  A 12 ? DG  A 12  . ? 4_555 ? 
8  AC2 7 HOH F .  ? HOH A 264 . ? 4_555 ? 
9  AC2 7 HOH F .  ? HOH A 271 . ? 4_555 ? 
10 AC2 7 DA  B 6  ? DA  B 18  . ? 4_555 ? 
11 AC2 7 DT  B 7  ? DT  B 19  . ? 1_555 ? 
12 AC2 7 DT  B 8  ? DT  B 20  . ? 1_555 ? 
13 AC2 7 HOH G .  ? HOH B 250 . ? 4_555 ? 
14 AC3 8 5HC A 9  ? 5HC A 9   . ? 1_555 ? 
15 AC3 8 DG  A 10 ? DG  A 10  . ? 1_555 ? 
16 AC3 8 HOH F .  ? HOH A 231 . ? 1_555 ? 
17 AC3 8 DG  B 2  ? DG  B 14  . ? 1_555 ? 
18 AC3 8 DC  B 3  ? DC  B 15  . ? 1_555 ? 
19 AC3 8 DC  B 11 ? DC  B 23  . ? 2_555 ? 
20 AC3 8 HOH G .  ? HOH B 219 . ? 1_655 ? 
21 AC3 8 HOH G .  ? HOH B 257 . ? 1_555 ? 
# 
_atom_sites.entry_id                    4I9V 
_atom_sites.fract_transf_matrix[1][1]   -0.00309441 
_atom_sites.fract_transf_matrix[1][2]   -0.03869051 
_atom_sites.fract_transf_matrix[1][3]   0.00431348 
_atom_sites.fract_transf_matrix[2][1]   -0.00433628 
_atom_sites.fract_transf_matrix[2][2]   0.00297878 
_atom_sites.fract_transf_matrix[2][3]   0.02360793 
_atom_sites.fract_transf_matrix[3][1]   -0.01524640 
_atom_sites.fract_transf_matrix[3][2]   0.00089459 
_atom_sites.fract_transf_matrix[3][3]   -0.00291332 
_atom_sites.fract_transf_vector[1]      -0.059993 
_atom_sites.fract_transf_vector[2]      0.048684 
_atom_sites.fract_transf_vector[3]      -0.114897 
# 
loop_
_atom_type.symbol 
C  
MG 
N  
O  
P  
# 
loop_
_atom_site.group_PDB 
_atom_site.id 
_atom_site.type_symbol 
_atom_site.label_atom_id 
_atom_site.label_alt_id 
_atom_site.label_comp_id 
_atom_site.label_asym_id 
_atom_site.label_entity_id 
_atom_site.label_seq_id 
_atom_site.pdbx_PDB_ins_code 
_atom_site.Cartn_x 
_atom_site.Cartn_y 
_atom_site.Cartn_z 
_atom_site.occupancy 
_atom_site.B_iso_or_equiv 
_atom_site.pdbx_formal_charge 
_atom_site.auth_seq_id 
_atom_site.auth_comp_id 
_atom_site.auth_asym_id 
_atom_site.auth_atom_id 
_atom_site.pdbx_PDB_model_num 
ATOM   1   O  "O5'" . DC  A 1 1  ? 13.312  7.221   15.685  1.00   23.56  ? 1   DC  A "O5'" 1 
ATOM   2   C  "C5'" . DC  A 1 1  ? 13.803  6.334   14.671  1.00   20.62  ? 1   DC  A "C5'" 1 
ATOM   3   C  "C4'" . DC  A 1 1  ? 13.917  7.103   13.379  1.00   20.18  ? 1   DC  A "C4'" 1 
ATOM   4   O  "O4'" . DC  A 1 1  ? 14.556  6.266   12.388  1.00   20.51  ? 1   DC  A "O4'" 1 
ATOM   5   C  "C3'" . DC  A 1 1  ? 12.592  7.521   12.755  1.00   21.54  ? 1   DC  A "C3'" 1 
ATOM   6   O  "O3'" . DC  A 1 1  ? 12.783  8.850   12.246  1.00   23.86  ? 1   DC  A "O3'" 1 
ATOM   7   C  "C2'" . DC  A 1 1  ? 12.338  6.439   11.719  1.00   20.54  ? 1   DC  A "C2'" 1 
ATOM   8   C  "C1'" . DC  A 1 1  ? 13.735  6.118   11.242  1.00   19.55  ? 1   DC  A "C1'" 1 
ATOM   9   N  N1    . DC  A 1 1  ? 13.962  4.767   10.726  1.00   18.68  ? 1   DC  A N1    1 
ATOM   10  C  C2    . DC  A 1 1  ? 14.799  4.607   9.617   1.00   18.66  ? 1   DC  A C2    1 
ATOM   11  O  O2    . DC  A 1 1  ? 15.248  5.614   9.055   1.00   20.32  ? 1   DC  A O2    1 
ATOM   12  N  N3    . DC  A 1 1  ? 15.078  3.360   9.174   1.00   18.09  ? 1   DC  A N3    1 
ATOM   13  C  C4    . DC  A 1 1  ? 14.584  2.301   9.817   1.00   18.74  ? 1   DC  A C4    1 
ATOM   14  N  N4    . DC  A 1 1  ? 14.890  1.089   9.353   1.00   19.80  ? 1   DC  A N4    1 
ATOM   15  C  C5    . DC  A 1 1  ? 13.757  2.436   10.969  1.00   19.77  ? 1   DC  A C5    1 
ATOM   16  C  C6    . DC  A 1 1  ? 13.486  3.675   11.392  1.00   19.55  ? 1   DC  A C6    1 
ATOM   17  P  P     . DG  A 1 2  ? 11.584  9.693   11.698  1.00   26.04  ? 2   DG  A P     1 
ATOM   18  O  OP1   . DG  A 1 2  ? 11.853  11.078  11.957  1.00   29.73  ? 2   DG  A OP1   1 
ATOM   19  O  OP2   . DG  A 1 2  ? 10.346  9.133   12.073  1.00   29.00  ? 2   DG  A OP2   1 
ATOM   20  O  "O5'" . DG  A 1 2  ? 11.642  9.421   10.134  1.00   23.68  ? 2   DG  A "O5'" 1 
ATOM   21  C  "C5'" . DG  A 1 2  ? 12.679  10.016  9.378   1.00   22.65  ? 2   DG  A "C5'" 1 
ATOM   22  C  "C4'" . DG  A 1 2  ? 12.474  9.680   7.927   1.00   21.99  ? 2   DG  A "C4'" 1 
ATOM   23  O  "O4'" . DG  A 1 2  ? 12.734  8.280   7.705   1.00   24.02  ? 2   DG  A "O4'" 1 
ATOM   24  C  "C3'" . DG  A 1 2  ? 11.072  9.947   7.391   1.00   21.91  ? 2   DG  A "C3'" 1 
ATOM   25  O  "O3'" . DG  A 1 2  ? 11.337  10.569  6.135   1.00   29.79  ? 2   DG  A "O3'" 1 
ATOM   26  C  "C2'" . DG  A 1 2  ? 10.474  8.556   7.279   1.00   23.04  ? 2   DG  A "C2'" 1 
ATOM   27  C  "C1'" . DG  A 1 2  ? 11.691  7.712   6.969   1.00   21.83  ? 2   DG  A "C1'" 1 
ATOM   28  N  N9    . DG  A 1 2  ? 11.636  6.292   7.297   1.00   19.47  ? 2   DG  A N9    1 
ATOM   29  C  C8    . DG  A 1 2  ? 11.025  5.700   8.371   1.00   19.61  ? 2   DG  A C8    1 
ATOM   30  N  N7    . DG  A 1 2  ? 11.208  4.411   8.415   1.00   18.90  ? 2   DG  A N7    1 
ATOM   31  C  C5    . DG  A 1 2  ? 11.990  4.137   7.304   1.00   17.60  ? 2   DG  A C5    1 
ATOM   32  C  C6    . DG  A 1 2  ? 12.496  2.904   6.815   1.00   16.44  ? 2   DG  A C6    1 
ATOM   33  O  O6    . DG  A 1 2  ? 12.361  1.786   7.283   1.00   17.75  ? 2   DG  A O6    1 
ATOM   34  N  N1    . DG  A 1 2  ? 13.247  3.084   5.662   1.00   16.93  ? 2   DG  A N1    1 
ATOM   35  C  C2    . DG  A 1 2  ? 13.467  4.285   5.048   1.00   16.68  ? 2   DG  A C2    1 
ATOM   36  N  N2    . DG  A 1 2  ? 14.211  4.251   3.946   1.00   17.23  ? 2   DG  A N2    1 
ATOM   37  N  N3    . DG  A 1 2  ? 13.009  5.438   5.495   1.00   17.69  ? 2   DG  A N3    1 
ATOM   38  C  C4    . DG  A 1 2  ? 12.284  5.291   6.619   1.00   17.73  ? 2   DG  A C4    1 
ATOM   39  P  P     . DC  A 1 3  ? 10.287  11.450  5.348   1.00   25.26  ? 3   DC  A P     1 
ATOM   40  O  OP1   . DC  A 1 3  ? 10.832  12.767  5.231   1.00   35.26  ? 3   DC  A OP1   1 
ATOM   41  O  OP2   . DC  A 1 3  ? 9.001   11.290  5.873   1.00   32.75  ? 3   DC  A OP2   1 
ATOM   42  O  "O5'" . DC  A 1 3  ? 10.425  10.884  3.881   1.00   22.98  ? 3   DC  A "O5'" 1 
ATOM   43  C  "C5'" . DC  A 1 3  ? 11.668  10.469  3.358   1.00   19.40  ? 3   DC  A "C5'" 1 
ATOM   44  C  "C4'" . DC  A 1 3  ? 11.457  9.225   2.531   1.00   18.42  ? 3   DC  A "C4'" 1 
ATOM   45  O  "O4'" . DC  A 1 3  ? 11.229  8.106   3.387   1.00   18.58  ? 3   DC  A "O4'" 1 
ATOM   46  C  "C3'" . DC  A 1 3  ? 10.266  9.249   1.572   1.00   19.10  ? 3   DC  A "C3'" 1 
ATOM   47  O  "O3'" . DC  A 1 3  ? 10.828  9.559   0.298   1.00   20.43  ? 3   DC  A "O3'" 1 
ATOM   48  C  "C2'" . DC  A 1 3  ? 9.667   7.850   1.682   1.00   19.14  ? 3   DC  A "C2'" 1 
ATOM   49  C  "C1'" . DC  A 1 3  ? 10.601  7.096   2.616   1.00   18.51  ? 3   DC  A "C1'" 1 
ATOM   50  N  N1    . DC  A 1 3  ? 9.974   6.171   3.557   1.00   17.85  ? 3   DC  A N1    1 
ATOM   51  C  C2    . DC  A 1 3  ? 10.306  4.811   3.527   1.00   17.27  ? 3   DC  A C2    1 
ATOM   52  O  O2    . DC  A 1 3  ? 11.040  4.392   2.631   1.00   17.85  ? 3   DC  A O2    1 
ATOM   53  N  N3    . DC  A 1 3  ? 9.803   3.989   4.471   1.00   17.19  ? 3   DC  A N3    1 
ATOM   54  C  C4    . DC  A 1 3  ? 9.012   4.477   5.424   1.00   17.32  ? 3   DC  A C4    1 
ATOM   55  N  N4    . DC  A 1 3  ? 8.541   3.634   6.337   1.00   17.71  ? 3   DC  A N4    1 
ATOM   56  C  C5    . DC  A 1 3  ? 8.669   5.856   5.484   1.00   18.69  ? 3   DC  A C5    1 
ATOM   57  C  C6    . DC  A 1 3  ? 9.177   6.661   4.549   1.00   18.34  ? 3   DC  A C6    1 
ATOM   58  P  P     . DG  A 1 4  ? 9.934   9.849   -0.978  1.00   21.70  ? 4   DG  A P     1 
ATOM   59  O  OP1   . DG  A 1 4  ? 10.738  10.600  -1.914  1.00   25.45  ? 4   DG  A OP1   1 
ATOM   60  O  OP2   . DG  A 1 4  ? 8.682   10.345  -0.581  1.00   23.67  ? 4   DG  A OP2   1 
ATOM   61  O  "O5'" . DG  A 1 4  ? 9.653   8.415   -1.591  1.00   19.80  ? 4   DG  A "O5'" 1 
ATOM   62  C  "C5'" . DG  A 1 4  ? 10.712  7.597   -2.047  1.00   19.65  ? 4   DG  A "C5'" 1 
ATOM   63  C  "C4'" . DG  A 1 4  ? 10.185  6.205   -2.285  1.00   19.72  ? 4   DG  A "C4'" 1 
ATOM   64  O  "O4'" . DG  A 1 4  ? 9.822   5.599   -1.026  1.00   18.58  ? 4   DG  A "O4'" 1 
ATOM   65  C  "C3'" . DG  A 1 4  ? 8.924   6.149   -3.149  1.00   19.70  ? 4   DG  A "C3'" 1 
ATOM   66  O  "O3'" . DG  A 1 4  ? 8.966   4.956   -3.932  1.00   21.01  ? 4   DG  A "O3'" 1 
ATOM   67  C  "C2'" . DG  A 1 4  ? 7.829   5.966   -2.119  1.00   18.78  ? 4   DG  A "C2'" 1 
ATOM   68  C  "C1'" . DG  A 1 4  ? 8.552   5.039   -1.184  1.00   18.13  ? 4   DG  A "C1'" 1 
ATOM   69  N  N9    . DG  A 1 4  ? 7.961   4.836   0.129   1.00   17.98  ? 4   DG  A N9    1 
ATOM   70  C  C8    . DG  A 1 4  ? 7.221   5.713   0.878   1.00   18.66  ? 4   DG  A C8    1 
ATOM   71  N  N7    . DG  A 1 4  ? 6.790   5.193   1.993   1.00   18.42  ? 4   DG  A N7    1 
ATOM   72  C  C5    . DG  A 1 4  ? 7.302   3.904   1.991   1.00   17.78  ? 4   DG  A C5    1 
ATOM   73  C  C6    . DG  A 1 4  ? 7.148   2.848   2.925   1.00   17.31  ? 4   DG  A C6    1 
ATOM   74  O  O6    . DG  A 1 4  ? 6.557   2.860   4.005   1.00   18.39  ? 4   DG  A O6    1 
ATOM   75  N  N1    . DG  A 1 4  ? 7.794   1.692   2.501   1.00   17.25  ? 4   DG  A N1    1 
ATOM   76  C  C2    . DG  A 1 4  ? 8.490   1.565   1.327   1.00   17.22  ? 4   DG  A C2    1 
ATOM   77  N  N2    . DG  A 1 4  ? 9.045   0.377   1.095   1.00   17.77  ? 4   DG  A N2    1 
ATOM   78  N  N3    . DG  A 1 4  ? 8.632   2.537   0.449   1.00   17.40  ? 4   DG  A N3    1 
ATOM   79  C  C4    . DG  A 1 4  ? 8.005   3.664   0.834   1.00   17.27  ? 4   DG  A C4    1 
ATOM   80  P  P     . DA  A 1 5  ? 9.174   5.002   -5.469  1.00   26.07  ? 5   DA  A P     1 
ATOM   81  O  OP1   . DA  A 1 5  ? 10.446  5.645   -5.691  1.00   34.24  ? 5   DA  A OP1   1 
ATOM   82  O  OP2   . DA  A 1 5  ? 7.922   5.517   -5.982  1.00   31.70  ? 5   DA  A OP2   1 
ATOM   83  O  "O5'" . DA  A 1 5  ? 9.268   3.471   -5.845  1.00   25.02  ? 5   DA  A "O5'" 1 
ATOM   84  C  "C5'" . DA  A 1 5  ? 10.397  2.725   -5.488  1.00   25.58  ? 5   DA  A "C5'" 1 
ATOM   85  C  "C4'" . DA  A 1 5  ? 10.017  1.302   -5.157  1.00   21.18  ? 5   DA  A "C4'" 1 
ATOM   86  O  "O4'" . DA  A 1 5  ? 9.333   1.235   -3.880  1.00   21.12  ? 5   DA  A "O4'" 1 
ATOM   87  C  "C3'" . DA  A 1 5  ? 9.093   0.610   -6.155  1.00   22.28  ? 5   DA  A "C3'" 1 
ATOM   88  O  "O3'" . DA  A 1 5  ? 9.621   -0.721  -6.233  1.00   22.49  ? 5   DA  A "O3'" 1 
ATOM   89  C  "C2'" . DA  A 1 5  ? 7.728   0.738   -5.500  1.00   19.79  ? 5   DA  A "C2'" 1 
ATOM   90  C  "C1'" . DA  A 1 5  ? 8.070   0.609   -4.030  1.00   18.90  ? 5   DA  A "C1'" 1 
ATOM   91  N  N9    . DA  A 1 5  ? 7.147   1.247   -3.095  1.00   18.25  ? 5   DA  A N9    1 
ATOM   92  C  C8    . DA  A 1 5  ? 6.678   2.532   -3.135  1.00   19.12  ? 5   DA  A C8    1 
ATOM   93  N  N7    . DA  A 1 5  ? 5.928   2.855   -2.112  1.00   18.43  ? 5   DA  A N7    1 
ATOM   94  C  C5    . DA  A 1 5  ? 5.896   1.702   -1.347  1.00   17.03  ? 5   DA  A C5    1 
ATOM   95  C  C6    . DA  A 1 5  ? 5.284   1.400   -0.118  1.00   16.52  ? 5   DA  A C6    1 
ATOM   96  N  N6    . DA  A 1 5  ? 4.534   2.265   0.570   1.00   16.72  ? 5   DA  A N6    1 
ATOM   97  N  N1    . DA  A 1 5  ? 5.441   0.152   0.366   1.00   16.93  ? 5   DA  A N1    1 
ATOM   98  C  C2    . DA  A 1 5  ? 6.206   -0.707  -0.311  1.00   17.09  ? 5   DA  A C2    1 
ATOM   99  N  N3    . DA  A 1 5  ? 6.845   -0.536  -1.464  1.00   17.55  ? 5   DA  A N3    1 
ATOM   100 C  C4    . DA  A 1 5  ? 6.650   0.705   -1.935  1.00   17.26  ? 5   DA  A C4    1 
ATOM   101 P  P     . DA  A 1 6  ? 8.963   -1.858  -7.149  1.00   21.29  ? 6   DA  A P     1 
ATOM   102 O  OP1   . DA  A 1 6  ? 10.026  -2.833  -7.494  1.00   22.29  ? 6   DA  A OP1   1 
ATOM   103 O  OP2   . DA  A 1 6  ? 8.135   -1.200  -8.144  1.00   19.81  ? 6   DA  A OP2   1 
ATOM   104 O  "O5'" . DA  A 1 6  ? 7.931   -2.557  -6.185  1.00   20.69  ? 6   DA  A "O5'" 1 
ATOM   105 C  "C5'" . DA  A 1 6  ? 8.418   -3.409  -5.158  1.00   21.58  ? 6   DA  A "C5'" 1 
ATOM   106 C  "C4'" . DA  A 1 6  ? 7.213   -4.072  -4.554  1.00   19.89  ? 6   DA  A "C4'" 1 
ATOM   107 O  "O4'" . DA  A 1 6  ? 6.476   -3.071  -3.829  1.00   20.52  ? 6   DA  A "O4'" 1 
ATOM   108 C  "C3'" . DA  A 1 6  ? 6.237   -4.683  -5.566  1.00   19.27  ? 6   DA  A "C3'" 1 
ATOM   109 O  "O3'" . DA  A 1 6  ? 6.152   -6.046  -5.175  1.00   19.32  ? 6   DA  A "O3'" 1 
ATOM   110 C  "C2'" . DA  A 1 6  ? 4.954   -3.881  -5.393  1.00   17.99  ? 6   DA  A "C2'" 1 
ATOM   111 C  "C1'" . DA  A 1 6  ? 5.096   -3.300  -4.001  1.00   17.77  ? 6   DA  A "C1'" 1 
ATOM   112 N  N9    . DA  A 1 6  ? 4.440   -2.026  -3.782  1.00   16.84  ? 6   DA  A N9    1 
ATOM   113 C  C8    . DA  A 1 6  ? 4.542   -0.906  -4.563  1.00   17.41  ? 6   DA  A C8    1 
ATOM   114 N  N7    . DA  A 1 6  ? 3.959   0.150   -4.054  1.00   16.93  ? 6   DA  A N7    1 
ATOM   115 C  C5    . DA  A 1 6  ? 3.424   -0.310  -2.857  1.00   16.24  ? 6   DA  A C5    1 
ATOM   116 C  C6    . DA  A 1 6  ? 2.695   0.328   -1.835  1.00   15.50  ? 6   DA  A C6    1 
ATOM   117 N  N6    . DA  A 1 6  ? 2.334   1.611   -1.869  1.00   16.31  ? 6   DA  A N6    1 
ATOM   118 N  N1    . DA  A 1 6  ? 2.313   -0.422  -0.781  1.00   16.10  ? 6   DA  A N1    1 
ATOM   119 C  C2    . DA  A 1 6  ? 2.683   -1.708  -0.736  1.00   16.39  ? 6   DA  A C2    1 
ATOM   120 N  N3    . DA  A 1 6  ? 3.383   -2.413  -1.621  1.00   16.61  ? 6   DA  A N3    1 
ATOM   121 C  C4    . DA  A 1 6  ? 3.735   -1.644  -2.667  1.00   16.35  ? 6   DA  A C4    1 
ATOM   122 P  P     . DT  A 1 7  ? 5.149   -7.087  -5.854  1.00   18.20  ? 7   DT  A P     1 
ATOM   123 O  OP1   . DT  A 1 7  ? 5.756   -8.416  -5.680  1.00   20.55  ? 7   DT  A OP1   1 
ATOM   124 O  OP2   . DT  A 1 7  ? 4.763   -6.660  -7.228  1.00   18.55  ? 7   DT  A OP2   1 
ATOM   125 O  "O5'" . DT  A 1 7  ? 3.853   -6.970  -4.947  1.00   17.72  ? 7   DT  A "O5'" 1 
ATOM   126 C  "C5'" . DT  A 1 7  ? 3.954   -7.249  -3.552  1.00   17.94  ? 7   DT  A "C5'" 1 
ATOM   127 C  "C4'" . DT  A 1 7  ? 2.667   -6.861  -2.867  1.00   18.23  ? 7   DT  A "C4'" 1 
ATOM   128 O  "O4'" . DT  A 1 7  ? 2.472   -5.439  -2.966  1.00   17.48  ? 7   DT  A "O4'" 1 
ATOM   129 C  "C3'" . DT  A 1 7  ? 1.410   -7.509  -3.455  1.00   18.60  ? 7   DT  A "C3'" 1 
ATOM   130 O  "O3'" . DT  A 1 7  ? 0.985   -8.477  -2.486  1.00   20.96  ? 7   DT  A "O3'" 1 
ATOM   131 C  "C2'" . DT  A 1 7  ? 0.466   -6.342  -3.697  1.00   18.04  ? 7   DT  A "C2'" 1 
ATOM   132 C  "C1'" . DT  A 1 7  ? 1.077   -5.223  -2.874  1.00   17.24  ? 7   DT  A "C1'" 1 
ATOM   133 N  N1    . DT  A 1 7  ? 0.810   -3.854  -3.331  1.00   16.44  ? 7   DT  A N1    1 
ATOM   134 C  C2    . DT  A 1 7  ? 0.149   -2.995  -2.481  1.00   16.52  ? 7   DT  A C2    1 
ATOM   135 O  O2    . DT  A 1 7  ? -0.298  -3.335  -1.398  1.00   17.09  ? 7   DT  A O2    1 
ATOM   136 N  N3    . DT  A 1 7  ? 0.003   -1.719  -2.955  1.00   16.15  ? 7   DT  A N3    1 
ATOM   137 C  C4    . DT  A 1 7  ? 0.430   -1.229  -4.173  1.00   16.39  ? 7   DT  A C4    1 
ATOM   138 O  O4    . DT  A 1 7  ? 0.257   -0.044  -4.445  1.00   17.18  ? 7   DT  A O4    1 
ATOM   139 C  C5    . DT  A 1 7  ? 1.090   -2.191  -5.034  1.00   16.66  ? 7   DT  A C5    1 
ATOM   140 C  C7    . DT  A 1 7  ? 1.568   -1.756  -6.385  1.00   17.97  ? 7   DT  A C7    1 
ATOM   141 C  C6    . DT  A 1 7  ? 1.256   -3.435  -4.570  1.00   16.58  ? 7   DT  A C6    1 
ATOM   142 P  P     . DT  A 1 8  ? -0.376  -9.290  -2.655  1.00   23.59  ? 8   DT  A P     1 
ATOM   143 O  OP1   . DT  A 1 8  ? -0.256  -10.535 -1.863  1.00   28.71  ? 8   DT  A OP1   1 
ATOM   144 O  OP2   . DT  A 1 8  ? -0.732  -9.366  -4.082  1.00   27.86  ? 8   DT  A OP2   1 
ATOM   145 O  "O5'" . DT  A 1 8  ? -1.458  -8.362  -1.973  1.00   20.37  ? 8   DT  A "O5'" 1 
ATOM   146 C  "C5'" . DT  A 1 8  ? -1.305  -8.012  -0.598  1.00   19.53  ? 8   DT  A "C5'" 1 
ATOM   147 C  "C4'" . DT  A 1 8  ? -2.447  -7.110  -0.201  1.00   20.08  ? 8   DT  A "C4'" 1 
ATOM   148 O  "O4'" . DT  A 1 8  ? -2.297  -5.862  -0.899  1.00   20.46  ? 8   DT  A "O4'" 1 
ATOM   149 C  "C3'" . DT  A 1 8  ? -3.845  -7.631  -0.556  1.00   22.98  ? 8   DT  A "C3'" 1 
ATOM   150 O  "O3'" . DT  A 1 8  ? -4.563  -7.729  0.662   1.00   26.53  ? 8   DT  A "O3'" 1 
ATOM   151 C  "C2'" . DT  A 1 8  ? -4.433  -6.573  -1.475  1.00   20.72  ? 8   DT  A "C2'" 1 
ATOM   152 C  "C1'" . DT  A 1 8  ? -3.583  -5.358  -1.196  1.00   19.02  ? 8   DT  A "C1'" 1 
ATOM   153 N  N1    . DT  A 1 8  ? -3.426  -4.422  -2.306  1.00   17.78  ? 8   DT  A N1    1 
ATOM   154 C  C2    . DT  A 1 8  ? -3.792  -3.110  -2.116  1.00   17.15  ? 8   DT  A C2    1 
ATOM   155 O  O2    . DT  A 1 8  ? -4.319  -2.702  -1.094  1.00   17.74  ? 8   DT  A O2    1 
ATOM   156 N  N3    . DT  A 1 8  ? -3.529  -2.288  -3.178  1.00   17.07  ? 8   DT  A N3    1 
ATOM   157 C  C4    . DT  A 1 8  ? -2.955  -2.638  -4.385  1.00   17.23  ? 8   DT  A C4    1 
ATOM   158 O  O4    . DT  A 1 8  ? -2.768  -1.780  -5.237  1.00   18.34  ? 8   DT  A O4    1 
ATOM   159 C  C5    . DT  A 1 8  ? -2.608  -4.036  -4.525  1.00   17.88  ? 8   DT  A C5    1 
ATOM   160 C  C7    . DT  A 1 8  ? -1.998  -4.513  -5.805  1.00   19.45  ? 8   DT  A C7    1 
ATOM   161 C  C6    . DT  A 1 8  ? -2.851  -4.846  -3.486  1.00   18.15  ? 8   DT  A C6    1 
HETATM 162 P  P     . 5HC A 1 9  ? -6.099  -8.122  0.795   1.00   26.54  ? 9   5HC A P     1 
HETATM 163 O  OP1   . 5HC A 1 9  ? -6.094  -8.857  2.346   1.00   32.38  ? 9   5HC A OP1   1 
HETATM 164 O  OP2   . 5HC A 1 9  ? -6.570  -8.848  -0.715  1.00   29.03  ? 9   5HC A OP2   1 
HETATM 165 O  "O5'" . 5HC A 1 9  ? -6.750  -6.626  0.898   1.00   24.30  ? 9   5HC A "O5'" 1 
HETATM 166 C  "C5'" . 5HC A 1 9  ? -6.379  -5.735  1.857   1.00   21.88  ? 9   5HC A "C5'" 1 
HETATM 167 C  "C4'" . 5HC A 1 9  ? -7.200  -4.476  1.655   1.00   19.77  ? 9   5HC A "C4'" 1 
HETATM 168 O  "O4'" . 5HC A 1 9  ? -6.856  -3.846  0.432   1.00   19.06  ? 9   5HC A "O4'" 1 
HETATM 169 C  "C3'" . 5HC A 1 9  ? -8.706  -4.740  1.610   1.00   23.06  ? 9   5HC A "C3'" 1 
HETATM 170 O  "O3'" . 5HC A 1 9  ? -9.328  -4.172  2.734   1.00   26.29  ? 9   5HC A "O3'" 1 
HETATM 171 C  "C2'" . 5HC A 1 9  ? -9.130  -4.258  0.322   1.00   20.08  ? 9   5HC A "C2'" 1 
HETATM 172 C  "C1'" . 5HC A 1 9  ? -8.061  -3.345  -0.181  1.00   19.02  ? 9   5HC A "C1'" 1 
HETATM 173 N  N1    . 5HC A 1 9  ? -7.719  -3.203  -1.616  1.00   17.21  ? 9   5HC A N1    1 
HETATM 174 C  C2    . 5HC A 1 9  ? -7.645  -2.007  -2.193  1.00   16.83  ? 9   5HC A C2    1 
HETATM 175 O  O2    . 5HC A 1 9  ? -8.004  -0.992  -1.611  1.00   18.21  ? 9   5HC A O2    1 
HETATM 176 N  N3    . 5HC A 1 9  ? -7.240  -1.906  -3.463  1.00   17.07  ? 9   5HC A N3    1 
HETATM 177 C  C4    . 5HC A 1 9  ? -6.861  -2.985  -4.131  1.00   16.89  ? 9   5HC A C4    1 
HETATM 178 N  N4    . 5HC A 1 9  ? -6.405  -2.791  -5.406  1.00   18.16  ? 9   5HC A N4    1 
HETATM 179 C  C5    . 5HC A 1 9  ? -6.915  -4.246  -3.552  1.00   18.02  ? 9   5HC A C5    1 
HETATM 180 C  C5M   A 5HC A 1 9  ? -6.514  -5.520  -4.278  0.80   19.74  ? 9   5HC A C5M   1 
HETATM 181 C  C5M   B 5HC A 1 9  ? -6.459  -5.397  -4.371  0.20   19.99  ? 9   5HC A C5M   1 
HETATM 182 O  O5    A 5HC A 1 9  ? -7.439  -5.795  -5.325  0.80   23.25  ? 9   5HC A O5    1 
HETATM 183 O  O5    B 5HC A 1 9  ? -7.085  -6.505  -3.882  0.20   19.97  ? 9   5HC A O5    1 
HETATM 184 C  C6    . 5HC A 1 9  ? -7.339  -4.292  -2.259  0.80   18.28  ? 9   5HC A C6    1 
ATOM   185 P  P     . DG  A 1 10 ? -10.777 -4.366  3.170   0.80   31.69  ? 10  DG  A P     1 
ATOM   186 O  OP1   . DG  A 1 10 ? -10.867 -3.934  4.565   1.00   41.30  ? 10  DG  A OP1   1 
ATOM   187 O  OP2   . DG  A 1 10 ? -11.214 -5.655  2.817   1.00   42.79  ? 10  DG  A OP2   1 
ATOM   188 O  "O5'" . DG  A 1 10 ? -11.573 -3.345  2.248   1.00   24.57  ? 10  DG  A "O5'" 1 
ATOM   189 C  "C5'" . DG  A 1 10 ? -11.460 -1.934  2.341   1.00   23.54  ? 10  DG  A "C5'" 1 
ATOM   190 C  "C4'" . DG  A 1 10 ? -12.195 -1.320  1.170   1.00   20.58  ? 10  DG  A "C4'" 1 
ATOM   191 O  "O4'" . DG  A 1 10 ? -11.462 -1.608  -0.042  1.00   19.55  ? 10  DG  A "O4'" 1 
ATOM   192 C  "C3'" . DG  A 1 10 ? -13.606 -1.871  0.939   1.00   21.57  ? 10  DG  A "C3'" 1 
ATOM   193 O  "O3'" . DG  A 1 10 ? -14.490 -0.833  0.523   1.00   21.79  ? 10  DG  A "O3'" 1 
ATOM   194 C  "C2'" . DG  A 1 10 ? -13.425 -2.804  -0.240  1.00   21.13  ? 10  DG  A "C2'" 1 
ATOM   195 C  "C1'" . DG  A 1 10 ? -12.406 -2.005  -1.011  1.00   19.40  ? 10  DG  A "C1'" 1 
ATOM   196 N  N9    . DG  A 1 10 ? -11.703 -2.647  -2.122  1.00   18.52  ? 10  DG  A N9    1 
ATOM   197 C  C8    . DG  A 1 10 ? -11.402 -3.971  -2.315  1.00   18.90  ? 10  DG  A C8    1 
ATOM   198 N  N7    . DG  A 1 10 ? -10.750 -4.191  -3.423  1.00   18.74  ? 10  DG  A N7    1 
ATOM   199 C  C5    . DG  A 1 10 ? -10.605 -2.931  -3.988  1.00   17.85  ? 10  DG  A C5    1 
ATOM   200 C  C6    . DG  A 1 10 ? -9.997  -2.526  -5.210  1.00   17.40  ? 10  DG  A C6    1 
ATOM   201 O  O6    . DG  A 1 10 ? -9.414  -3.216  -6.044  1.00   18.91  ? 10  DG  A O6    1 
ATOM   202 N  N1    . DG  A 1 10 ? -10.103 -1.154  -5.400  1.00   17.26  ? 10  DG  A N1    1 
ATOM   203 C  C2    . DG  A 1 10 ? -10.728 -0.285  -4.546  1.00   17.06  ? 10  DG  A C2    1 
ATOM   204 N  N2    . DG  A 1 10 ? -10.733 0.997   -4.897  1.00   17.62  ? 10  DG  A N2    1 
ATOM   205 N  N3    . DG  A 1 10 ? -11.276 -0.647  -3.402  1.00   17.60  ? 10  DG  A N3    1 
ATOM   206 C  C4    . DG  A 1 10 ? -11.182 -1.971  -3.191  1.00   18.03  ? 10  DG  A C4    1 
ATOM   207 P  P     . DC  A 1 11 ? -15.463 -0.112  1.551   1.00   22.76  ? 11  DC  A P     1 
ATOM   208 O  OP1   . DC  A 1 11 ? -14.873 -0.074  2.871   1.00   25.52  ? 11  DC  A OP1   1 
ATOM   209 O  OP2   . DC  A 1 11 ? -16.718 -0.697  1.347   1.00   26.17  ? 11  DC  A OP2   1 
ATOM   210 O  "O5'" . DC  A 1 11 ? -15.572 1.336   0.920   1.00   22.04  ? 11  DC  A "O5'" 1 
ATOM   211 C  "C5'" . DC  A 1 11 ? -14.504 2.250   1.007   1.00   22.16  ? 11  DC  A "C5'" 1 
ATOM   212 C  "C4'" . DC  A 1 11 ? -14.432 3.100   -0.238  1.00   20.24  ? 11  DC  A "C4'" 1 
ATOM   213 O  "O4'" . DC  A 1 11 ? -13.984 2.301   -1.355  1.00   20.19  ? 11  DC  A "O4'" 1 
ATOM   214 C  "C3'" . DC  A 1 11 ? -15.730 3.743   -0.699  1.00   20.69  ? 11  DC  A "C3'" 1 
ATOM   215 O  "O3'" . DC  A 1 11 ? -15.342 5.016   -1.200  1.00   23.34  ? 11  DC  A "O3'" 1 
ATOM   216 C  "C2'" . DC  A 1 11 ? -16.202 2.809   -1.802  1.00   20.20  ? 11  DC  A "C2'" 1 
ATOM   217 C  "C1'" . DC  A 1 11 ? -14.891 2.414   -2.444  1.00   19.06  ? 11  DC  A "C1'" 1 
ATOM   218 N  N1    . DC  A 1 11 ? -14.843 1.143   -3.161  1.00   17.91  ? 11  DC  A N1    1 
ATOM   219 C  C2    . DC  A 1 11 ? -14.207 1.094   -4.406  1.00   17.91  ? 11  DC  A C2    1 
ATOM   220 O  O2    . DC  A 1 11 ? -13.836 2.144   -4.922  1.00   18.39  ? 11  DC  A O2    1 
ATOM   221 N  N3    . DC  A 1 11 ? -14.045 -0.095  -5.014  1.00   17.84  ? 11  DC  A N3    1 
ATOM   222 C  C4    . DC  A 1 11 ? -14.456 -1.212  -4.416  1.00   18.55  ? 11  DC  A C4    1 
ATOM   223 N  N4    . DC  A 1 11 ? -14.227 -2.366  -5.026  1.00   18.95  ? 11  DC  A N4    1 
ATOM   224 C  C5    . DC  A 1 11 ? -15.079 -1.194  -3.134  1.00   19.97  ? 11  DC  A C5    1 
ATOM   225 C  C6    . DC  A 1 11 ? -15.244 -0.007  -2.547  1.00   19.96  ? 11  DC  A C6    1 
ATOM   226 P  P     . DG  A 1 12 ? -16.416 6.124   -1.525  1.00   27.72  ? 12  DG  A P     1 
ATOM   227 O  OP1   . DG  A 1 12 ? -15.912 7.378   -1.150  1.00   27.56  ? 12  DG  A OP1   1 
ATOM   228 O  OP2   . DG  A 1 12 ? -17.704 5.668   -1.187  1.00   32.88  ? 12  DG  A OP2   1 
ATOM   229 O  "O5'" . DG  A 1 12 ? -16.755 5.928   -3.026  1.00   33.13  ? 12  DG  A "O5'" 1 
ATOM   230 C  "C5'" . DG  A 1 12 ? -15.863 6.321   -4.000  1.00   26.12  ? 12  DG  A "C5'" 1 
ATOM   231 C  "C4'" . DG  A 1 12 ? -16.603 6.341   -5.323  1.00   19.74  ? 12  DG  A "C4'" 1 
ATOM   232 O  "O4'" . DG  A 1 12 ? -16.479 5.114   -6.062  1.00   26.91  ? 12  DG  A "O4'" 1 
ATOM   233 C  "C3'" . DG  A 1 12 ? -18.092 6.656   -5.240  1.00   19.40  ? 12  DG  A "C3'" 1 
ATOM   234 O  "O3'" . DG  A 1 12 ? -18.343 7.752   -6.105  1.00   19.83  ? 12  DG  A "O3'" 1 
ATOM   235 C  "C2'" . DG  A 1 12 ? -18.787 5.388   -5.705  1.00   20.33  ? 12  DG  A "C2'" 1 
ATOM   236 C  "C1'" . DG  A 1 12 ? -17.726 4.598   -6.455  1.00   21.19  ? 12  DG  A "C1'" 1 
ATOM   237 N  N9    . DG  A 1 12 ? -17.682 3.164   -6.208  1.00   19.72  ? 12  DG  A N9    1 
ATOM   238 C  C8    . DG  A 1 12 ? -18.021 2.497   -5.059  1.00   19.31  ? 12  DG  A C8    1 
ATOM   239 N  N7    . DG  A 1 12 ? -17.786 1.216   -5.124  1.00   19.76  ? 12  DG  A N7    1 
ATOM   240 C  C5    . DG  A 1 12 ? -17.232 1.031   -6.382  1.00   18.91  ? 12  DG  A C5    1 
ATOM   241 C  C6    . DG  A 1 12 ? -16.782 -0.152  -7.029  1.00   18.84  ? 12  DG  A C6    1 
ATOM   242 O  O6    . DG  A 1 12 ? -16.766 -1.304  -6.601  1.00   20.63  ? 12  DG  A O6    1 
ATOM   243 N  N1    . DG  A 1 12 ? -16.299 0.116   -8.304  1.00   19.50  ? 12  DG  A N1    1 
ATOM   244 C  C2    . DG  A 1 12 ? -16.273 1.350   -8.892  1.00   18.89  ? 12  DG  A C2    1 
ATOM   245 N  N2    . DG  A 1 12 ? -15.798 1.399   -10.136 1.00   19.80  ? 12  DG  A N2    1 
ATOM   246 N  N3    . DG  A 1 12 ? -16.692 2.454   -8.303  1.00   18.80  ? 12  DG  A N3    1 
ATOM   247 C  C4    . DG  A 1 12 ? -17.150 2.224   -7.058  1.00   18.99  ? 12  DG  A C4    1 
ATOM   248 O  "O5'" . DC  B 1 1  ? -14.673 -6.478  -13.831 1.00   35.24  ? 13  DC  B "O5'" 1 
ATOM   249 C  "C5'" . DC  B 1 1  ? -15.244 -5.834  -14.976 1.00   29.09  ? 13  DC  B "C5'" 1 
ATOM   250 C  "C4'" . DC  B 1 1  ? -14.810 -4.388  -15.002 1.00   25.51  ? 13  DC  B "C4'" 1 
ATOM   251 O  "O4'" . DC  B 1 1  ? -15.290 -3.629  -13.873 1.00   23.51  ? 13  DC  B "O4'" 1 
ATOM   252 C  "C3'" . DC  B 1 1  ? -13.301 -4.149  -15.104 1.00   25.96  ? 13  DC  B "C3'" 1 
ATOM   253 O  "O3'" . DC  B 1 1  ? -13.006 -3.191  -16.125 1.00   26.95  ? 13  DC  B "O3'" 1 
ATOM   254 C  "C2'" . DC  B 1 1  ? -12.915 -3.616  -13.738 1.00   25.51  ? 13  DC  B "C2'" 1 
ATOM   255 C  "C1'" . DC  B 1 1  ? -14.210 -3.007  -13.186 1.00   24.13  ? 13  DC  B "C1'" 1 
ATOM   256 N  N1    . DC  B 1 1  ? -14.468 -3.184  -11.743 1.00   22.20  ? 13  DC  B N1    1 
ATOM   257 C  C2    . DC  B 1 1  ? -14.904 -2.088  -10.979 1.00   21.44  ? 13  DC  B C2    1 
ATOM   258 O  O2    . DC  B 1 1  ? -14.933 -0.968  -11.500 1.00   21.81  ? 13  DC  B O2    1 
ATOM   259 N  N3    . DC  B 1 1  ? -15.225 -2.275  -9.679  1.00   20.55  ? 13  DC  B N3    1 
ATOM   260 C  C4    . DC  B 1 1  ? -15.152 -3.494  -9.144  1.00   20.39  ? 13  DC  B C4    1 
ATOM   261 N  N4    . DC  B 1 1  ? -15.497 -3.633  -7.863  1.00   21.23  ? 13  DC  B N4    1 
ATOM   262 C  C5    . DC  B 1 1  ? -14.765 -4.634  -9.909  1.00   22.11  ? 13  DC  B C5    1 
ATOM   263 C  C6    . DC  B 1 1  ? -14.451 -4.438  -11.196 1.00   23.23  ? 13  DC  B C6    1 
ATOM   264 P  P     . DG  B 1 2  ? -11.497 -2.915  -16.588 1.00   29.20  ? 14  DG  B P     1 
ATOM   265 O  OP1   . DG  B 1 2  ? -11.548 -2.467  -18.006 1.00   34.49  ? 14  DG  B OP1   1 
ATOM   266 O  OP2   . DG  B 1 2  ? -10.650 -4.092  -16.243 1.00   36.05  ? 14  DG  B OP2   1 
ATOM   267 O  "O5'" . DG  B 1 2  ? -11.116 -1.700  -15.637 1.00   24.63  ? 14  DG  B "O5'" 1 
ATOM   268 C  "C5'" . DG  B 1 2  ? -11.818 -0.493  -15.862 1.00   22.11  ? 14  DG  B "C5'" 1 
ATOM   269 C  "C4'" . DG  B 1 2  ? -11.549 0.454   -14.725 1.00   19.91  ? 14  DG  B "C4'" 1 
ATOM   270 O  "O4'" . DG  B 1 2  ? -12.074 -0.105  -13.518 1.00   21.17  ? 14  DG  B "O4'" 1 
ATOM   271 C  "C3'" . DG  B 1 2  ? -10.059 0.666   -14.470 1.00   21.45  ? 14  DG  B "C3'" 1 
ATOM   272 O  "O3'" . DG  B 1 2  ? -9.762  1.982   -14.889 1.00   20.62  ? 14  DG  B "O3'" 1 
ATOM   273 C  "C2'" . DG  B 1 2  ? -9.890  0.491   -12.974 1.00   21.93  ? 14  DG  B "C2'" 1 
ATOM   274 C  "C1'" . DG  B 1 2  ? -11.312 0.427   -12.455 1.00   21.04  ? 14  DG  B "C1'" 1 
ATOM   275 N  N9    . DG  B 1 2  ? -11.465 -0.472  -11.325 1.00   20.97  ? 14  DG  B N9    1 
ATOM   276 C  C8    . DG  B 1 2  ? -11.134 -1.805  -11.319 1.00   21.40  ? 14  DG  B C8    1 
ATOM   277 N  N7    . DG  B 1 2  ? -11.395 -2.390  -10.184 1.00   20.65  ? 14  DG  B N7    1 
ATOM   278 C  C5    . DG  B 1 2  ? -11.940 -1.387  -9.397  1.00   18.90  ? 14  DG  B C5    1 
ATOM   279 C  C6    . DG  B 1 2  ? -12.399 -1.425  -8.062  1.00   17.21  ? 14  DG  B C6    1 
ATOM   280 O  O6    . DG  B 1 2  ? -12.460 -2.396  -7.303  1.00   18.11  ? 14  DG  B O6    1 
ATOM   281 N  N1    . DG  B 1 2  ? -12.874 -0.186  -7.645  1.00   17.18  ? 14  DG  B N1    1 
ATOM   282 C  C2    . DG  B 1 2  ? -12.883 0.955   -8.409  1.00   17.31  ? 14  DG  B C2    1 
ATOM   283 N  N2    . DG  B 1 2  ? -13.362 2.060   -7.813  1.00   17.84  ? 14  DG  B N2    1 
ATOM   284 N  N3    . DG  B 1 2  ? -12.458 1.004   -9.665  1.00   18.31  ? 14  DG  B N3    1 
ATOM   285 C  C4    . DG  B 1 2  ? -12.003 -0.197  -10.090 1.00   18.67  ? 14  DG  B C4    1 
ATOM   286 P  P     . DC  B 1 3  ? -8.297  2.583   -14.714 1.00   21.03  ? 15  DC  B P     1 
ATOM   287 O  OP1   . DC  B 1 3  ? -8.135  3.588   -15.775 1.00   22.84  ? 15  DC  B OP1   1 
ATOM   288 O  OP2   . DC  B 1 3  ? -7.322  1.469   -14.612 1.00   24.83  ? 15  DC  B OP2   1 
ATOM   289 O  "O5'" . DC  B 1 3  ? -8.339  3.269   -13.284 1.00   20.14  ? 15  DC  B "O5'" 1 
ATOM   290 C  "C5'" . DC  B 1 3  ? -9.206  4.374   -13.018 1.00   18.89  ? 15  DC  B "C5'" 1 
ATOM   291 C  "C4'" . DC  B 1 3  ? -9.387  4.528   -11.528 1.00   19.01  ? 15  DC  B "C4'" 1 
ATOM   292 O  "O4'" . DC  B 1 3  ? -9.873  3.296   -10.980 1.00   20.19  ? 15  DC  B "O4'" 1 
ATOM   293 C  "C3'" . DC  B 1 3  ? -8.122  4.796   -10.729 1.00   18.81  ? 15  DC  B "C3'" 1 
ATOM   294 O  "O3'" . DC  B 1 3  ? -7.802  6.173   -10.841 1.00   19.90  ? 15  DC  B "O3'" 1 
ATOM   295 C  "C2'" . DC  B 1 3  ? -8.530  4.365   -9.334  1.00   20.48  ? 15  DC  B "C2'" 1 
ATOM   296 C  "C1'" . DC  B 1 3  ? -9.510  3.248   -9.596  1.00   19.84  ? 15  DC  B "C1'" 1 
ATOM   297 N  N1    . DC  B 1 3  ? -9.040  1.896   -9.313  1.00   19.11  ? 15  DC  B N1    1 
ATOM   298 C  C2    . DC  B 1 3  ? -9.407  1.321   -8.099  1.00   17.83  ? 15  DC  B C2    1 
ATOM   299 O  O2    . DC  B 1 3  ? -9.997  2.014   -7.264  1.00   18.22  ? 15  DC  B O2    1 
ATOM   300 N  N3    . DC  B 1 3  ? -9.097  0.031   -7.858  1.00   18.25  ? 15  DC  B N3    1 
ATOM   301 C  C4    . DC  B 1 3  ? -8.386  -0.658  -8.750  1.00   20.21  ? 15  DC  B C4    1 
ATOM   302 N  N4    . DC  B 1 3  ? -8.089  -1.925  -8.465  1.00   21.23  ? 15  DC  B N4    1 
ATOM   303 C  C5    . DC  B 1 3  ? -7.940  -0.077  -9.971  1.00   22.52  ? 15  DC  B C5    1 
ATOM   304 C  C6    . DC  B 1 3  ? -8.288  1.193   -10.211 1.00   21.63  ? 15  DC  B C6    1 
ATOM   305 P  P     . DG  B 1 4  ? -6.426  6.744   -10.291 1.00   21.07  ? 16  DG  B P     1 
ATOM   306 O  OP1   . DG  B 1 4  ? -6.250  8.077   -10.912 1.00   24.23  ? 16  DG  B OP1   1 
ATOM   307 O  OP2   . DG  B 1 4  ? -5.353  5.725   -10.450 1.00   22.93  ? 16  DG  B OP2   1 
ATOM   308 O  "O5'" . DG  B 1 4  ? -6.677  6.929   -8.733  1.00   19.96  ? 16  DG  B "O5'" 1 
ATOM   309 C  "C5'" . DG  B 1 4  ? -7.704  7.801   -8.236  1.00   19.81  ? 16  DG  B "C5'" 1 
ATOM   310 C  "C4'" . DG  B 1 4  ? -7.762  7.687   -6.733  1.00   20.01  ? 16  DG  B "C4'" 1 
ATOM   311 O  "O4'" . DG  B 1 4  ? -8.040  6.312   -6.368  1.00   18.88  ? 16  DG  B "O4'" 1 
ATOM   312 C  "C3'" . DG  B 1 4  ? -6.477  8.065   -5.992  1.00   20.05  ? 16  DG  B "C3'" 1 
ATOM   313 O  "O3'" . DG  B 1 4  ? -6.899  8.715   -4.781  1.00   20.65  ? 16  DG  B "O3'" 1 
ATOM   314 C  "C2'" . DG  B 1 4  ? -5.784  6.733   -5.807  1.00   20.01  ? 16  DG  B "C2'" 1 
ATOM   315 C  "C1'" . DG  B 1 4  ? -6.947  5.774   -5.646  1.00   18.79  ? 16  DG  B "C1'" 1 
ATOM   316 N  N9    . DG  B 1 4  ? -6.648  4.433   -6.138  1.00   17.72  ? 16  DG  B N9    1 
ATOM   317 C  C8    . DG  B 1 4  ? -5.873  4.085   -7.219  1.00   18.68  ? 16  DG  B C8    1 
ATOM   318 N  N7    . DG  B 1 4  ? -5.703  2.796   -7.333  1.00   19.08  ? 16  DG  B N7    1 
ATOM   319 C  C5    . DG  B 1 4  ? -6.394  2.264   -6.253  1.00   17.51  ? 16  DG  B C5    1 
ATOM   320 C  C6    . DG  B 1 4  ? -6.520  0.920   -5.809  1.00   17.43  ? 16  DG  B C6    1 
ATOM   321 O  O6    . DG  B 1 4  ? -6.067  -0.107  -6.327  1.00   18.30  ? 16  DG  B O6    1 
ATOM   322 N  N1    . DG  B 1 4  ? -7.250  0.836   -4.625  1.00   17.05  ? 16  DG  B N1    1 
ATOM   323 C  C2    . DG  B 1 4  ? -7.810  1.902   -3.969  1.00   16.74  ? 16  DG  B C2    1 
ATOM   324 N  N2    . DG  B 1 4  ? -8.477  1.619   -2.837  1.00   17.18  ? 16  DG  B N2    1 
ATOM   325 N  N3    . DG  B 1 4  ? -7.712  3.153   -4.381  1.00   16.99  ? 16  DG  B N3    1 
ATOM   326 C  C4    . DG  B 1 4  ? -6.975  3.263   -5.504  1.00   16.89  ? 16  DG  B C4    1 
ATOM   327 P  P     . DA  B 1 5  ? -6.026  8.817   -3.428  1.00   21.05  ? 17  DA  B P     1 
ATOM   328 O  OP1   . DA  B 1 5  ? -6.480  10.049  -2.723  1.00   22.46  ? 17  DA  B OP1   1 
ATOM   329 O  OP2   . DA  B 1 5  ? -4.590  8.634   -3.718  1.00   23.21  ? 17  DA  B OP2   1 
ATOM   330 O  "O5'" . DA  B 1 5  ? -6.501  7.549   -2.598  1.00   19.99  ? 17  DA  B "O5'" 1 
ATOM   331 C  "C5'" . DA  B 1 5  ? -7.880  7.380   -2.232  1.00   19.29  ? 17  DA  B "C5'" 1 
ATOM   332 C  "C4'" . DA  B 1 5  ? -7.967  6.371   -1.118  1.00   18.87  ? 17  DA  B "C4'" 1 
ATOM   333 O  "O4'" . DA  B 1 5  ? -7.538  5.079   -1.596  1.00   18.85  ? 17  DA  B "O4'" 1 
ATOM   334 C  "C3'" . DA  B 1 5  ? -7.079  6.680   0.085   1.00   19.37  ? 17  DA  B "C3'" 1 
ATOM   335 O  "O3'" . DA  B 1 5  ? -7.844  6.299   1.253   1.00   20.63  ? 17  DA  B "O3'" 1 
ATOM   336 C  "C2'" . DA  B 1 5  ? -5.828  5.846   -0.168  1.00   18.90  ? 17  DA  B "C2'" 1 
ATOM   337 C  "C1'" . DA  B 1 5  ? -6.381  4.628   -0.876  1.00   17.85  ? 17  DA  B "C1'" 1 
ATOM   338 N  N9    . DA  B 1 5  ? -5.477  4.040   -1.853  1.00   17.40  ? 17  DA  B N9    1 
ATOM   339 C  C8    . DA  B 1 5  ? -4.874  4.698   -2.893  1.00   18.01  ? 17  DA  B C8    1 
ATOM   340 N  N7    . DA  B 1 5  ? -4.201  3.911   -3.695  1.00   17.59  ? 17  DA  B N7    1 
ATOM   341 C  C5    . DA  B 1 5  ? -4.411  2.643   -3.174  1.00   16.97  ? 17  DA  B C5    1 
ATOM   342 C  C6    . DA  B 1 5  ? -3.974  1.370   -3.579  1.00   16.69  ? 17  DA  B C6    1 
ATOM   343 N  N6    . DA  B 1 5  ? -3.222  1.146   -4.666  1.00   17.33  ? 17  DA  B N6    1 
ATOM   344 N  N1    . DA  B 1 5  ? -4.345  0.313   -2.821  1.00   16.97  ? 17  DA  B N1    1 
ATOM   345 C  C2    . DA  B 1 5  ? -5.112  0.529   -1.744  1.00   16.80  ? 17  DA  B C2    1 
ATOM   346 N  N3    . DA  B 1 5  ? -5.596  1.675   -1.273  1.00   16.78  ? 17  DA  B N3    1 
ATOM   347 C  C4    . DA  B 1 5  ? -5.199  2.707   -2.039  1.00   16.78  ? 17  DA  B C4    1 
ATOM   348 P  P     A DA  B 1 6  ? -7.213  6.365   2.691   0.80   21.71  ? 18  DA  B P     1 
ATOM   349 P  P     B DA  B 1 6  ? -7.277  6.426   2.821   0.20   23.21  ? 18  DA  B P     1 
ATOM   350 O  OP1   A DA  B 1 6  ? -8.317  6.547   3.644   0.80   24.47  ? 18  DA  B OP1   1 
ATOM   351 O  OP1   B DA  B 1 6  ? -8.436  6.592   3.748   0.20   26.26  ? 18  DA  B OP1   1 
ATOM   352 O  OP2   A DA  B 1 6  ? -6.065  7.303   2.699   0.80   23.59  ? 18  DA  B OP2   1 
ATOM   353 O  OP2   B DA  B 1 6  ? -6.161  7.408   2.862   0.20   23.62  ? 18  DA  B OP2   1 
ATOM   354 O  "O5'" A DA  B 1 6  ? -6.591  4.926   2.924   0.80   20.14  ? 18  DA  B "O5'" 1 
ATOM   355 O  "O5'" B DA  B 1 6  ? -6.654  4.991   3.127   0.20   21.93  ? 18  DA  B "O5'" 1 
ATOM   356 C  "C5'" A DA  B 1 6  ? -7.417  3.771   2.933   0.80   19.88  ? 18  DA  B "C5'" 1 
ATOM   357 C  "C5'" B DA  B 1 6  ? -7.450  3.795   3.112   0.20   21.44  ? 18  DA  B "C5'" 1 
ATOM   358 C  "C4'" A DA  B 1 6  ? -6.544  2.567   3.167   0.80   20.12  ? 18  DA  B "C4'" 1 
ATOM   359 C  "C4'" B DA  B 1 6  ? -6.564  2.609   3.403   0.20   21.41  ? 18  DA  B "C4'" 1 
ATOM   360 O  "O4'" A DA  B 1 6  ? -5.708  2.351   2.018   0.80   19.35  ? 18  DA  B "O4'" 1 
ATOM   361 O  "O4'" B DA  B 1 6  ? -5.767  2.305   2.238   0.20   20.69  ? 18  DA  B "O4'" 1 
ATOM   362 C  "C3'" A DA  B 1 6  ? -5.603  2.665   4.374   0.80   27.46  ? 18  DA  B "C3'" 1 
ATOM   363 C  "C3'" B DA  B 1 6  ? -5.577  2.833   4.551   0.20   28.34  ? 18  DA  B "C3'" 1 
ATOM   364 O  "O3'" A DA  B 1 6  ? -6.029  1.551   5.200   0.80   37.27  ? 18  DA  B "O3'" 1 
ATOM   365 O  "O3'" B DA  B 1 6  ? -5.786  1.814   5.532   0.20   38.21  ? 18  DA  B "O3'" 1 
ATOM   366 C  "C2'" A DA  B 1 6  ? -4.201  2.616   3.759   0.80   21.78  ? 18  DA  B "C2'" 1 
ATOM   367 C  "C2'" B DA  B 1 6  ? -4.200  2.696   3.917   0.20   22.17  ? 18  DA  B "C2'" 1 
ATOM   368 C  "C1'" A DA  B 1 6  ? -4.440  1.895   2.449   0.80   19.05  ? 18  DA  B "C1'" 1 
ATOM   369 C  "C1'" B DA  B 1 6  ? -4.473  1.906   2.656   0.20   20.34  ? 18  DA  B "C1'" 1 
ATOM   370 N  N9    A DA  B 1 6  ? -3.507  2.176   1.372   0.80   18.34  ? 18  DA  B N9    1 
ATOM   371 N  N9    B DA  B 1 6  ? -3.566  2.191   1.555   0.20   18.85  ? 18  DA  B N9    1 
ATOM   372 C  C8    A DA  B 1 6  ? -3.239  3.414   0.852   0.80   18.68  ? 18  DA  B C8    1 
ATOM   373 C  C8    B DA  B 1 6  ? -3.294  3.428   1.031   0.20   18.56  ? 18  DA  B C8    1 
ATOM   374 N  N7    A DA  B 1 6  ? -2.444  3.388   -0.189  0.80   17.95  ? 18  DA  B N7    1 
ATOM   375 N  N7    B DA  B 1 6  ? -2.502  3.397   -0.011  0.20   17.94  ? 18  DA  B N7    1 
ATOM   376 C  C5    A DA  B 1 6  ? -2.199  2.038   -0.389  0.80   16.94  ? 18  DA  B C5    1 
ATOM   377 C  C5    B DA  B 1 6  ? -2.263  2.044   -0.206  0.20   17.59  ? 18  DA  B C5    1 
ATOM   378 C  C6    A DA  B 1 6  ? -1.452  1.345   -1.360  0.80   16.44  ? 18  DA  B C6    1 
ATOM   379 C  C6    B DA  B 1 6  ? -1.517  1.348   -1.171  0.20   17.73  ? 18  DA  B C6    1 
ATOM   380 N  N6    A DA  B 1 6  ? -0.786  1.944   -2.353  0.80   17.27  ? 18  DA  B N6    1 
ATOM   381 N  N6    B DA  B 1 6  ? -0.840  1.943   -2.155  0.20   18.91  ? 18  DA  B N6    1 
ATOM   382 N  N1    A DA  B 1 6  ? -1.396  0.001   -1.265  0.80   16.64  ? 18  DA  B N1    1 
ATOM   383 N  N1    B DA  B 1 6  ? -1.471  0.001   -1.078  0.20   17.76  ? 18  DA  B N1    1 
ATOM   384 C  C2    A DA  B 1 6  ? -2.088  -0.603  -0.292  0.80   16.47  ? 18  DA  B C2    1 
ATOM   385 C  C2    B DA  B 1 6  ? -2.164  -0.596  -0.101  0.20   17.56  ? 18  DA  B C2    1 
ATOM   386 N  N3    A DA  B 1 6  ? -2.840  -0.062  0.667   0.80   17.37  ? 18  DA  B N3    1 
ATOM   387 N  N3    B DA  B 1 6  ? -2.912  -0.050  0.857   0.20   18.59  ? 18  DA  B N3    1 
ATOM   388 C  C4    A DA  B 1 6  ? -2.854  1.279   0.561   0.80   17.61  ? 18  DA  B C4    1 
ATOM   389 C  C4    B DA  B 1 6  ? -2.919  1.289   0.746   0.20   18.03  ? 18  DA  B C4    1 
ATOM   390 P  P     A DT  B 1 7  ? -5.321  1.162   6.565   0.80   37.49  ? 19  DT  B P     1 
ATOM   391 P  P     B DT  B 1 7  ? -4.734  1.651   6.699   0.20   30.04  ? 19  DT  B P     1 
ATOM   392 O  OP1   A DT  B 1 7  ? -6.317  0.484   7.444   0.80   66.07  ? 19  DT  B OP1   1 
ATOM   393 O  OP1   B DT  B 1 7  ? -5.512  1.247   7.885   0.20   21.48  ? 19  DT  B OP1   1 
ATOM   394 O  OP2   A DT  B 1 7  ? -4.549  2.330   6.989   0.80   59.66  ? 19  DT  B OP2   1 
ATOM   395 O  OP2   B DT  B 1 7  ? -3.885  2.872   6.770   0.20   21.09  ? 19  DT  B OP2   1 
ATOM   396 O  "O5'" A DT  B 1 7  ? -4.161  0.198   6.111   0.80   25.76  ? 19  DT  B "O5'" 1 
ATOM   397 O  "O5'" B DT  B 1 7  ? -3.816  0.454   6.196   0.20   21.19  ? 19  DT  B "O5'" 1 
ATOM   398 C  "C5'" A DT  B 1 7  ? -4.467  -1.051  5.527   0.80   22.11  ? 19  DT  B "C5'" 1 
ATOM   399 C  "C5'" B DT  B 1 7  ? -4.373  -0.721  5.592   0.20   17.66  ? 19  DT  B "C5'" 1 
ATOM   400 C  "C4'" A DT  B 1 7  ? -3.183  -1.661  5.034   0.80   19.18  ? 19  DT  B "C4'" 1 
ATOM   401 C  "C4'" B DT  B 1 7  ? -3.225  -1.560  5.090   0.20   15.03  ? 19  DT  B "C4'" 1 
ATOM   402 O  "O4'" A DT  B 1 7  ? -2.601  -0.855  3.997   0.80   19.64  ? 19  DT  B "O4'" 1 
ATOM   403 O  "O4'" B DT  B 1 7  ? -2.608  -0.873  3.984   0.20   14.40  ? 19  DT  B "O4'" 1 
ATOM   404 C  "C3'" A DT  B 1 7  ? -2.108  -1.766  6.113   0.80   18.48  ? 19  DT  B "C3'" 1 
ATOM   405 C  "C3'" B DT  B 1 7  ? -2.120  -1.755  6.132   0.20   17.12  ? 19  DT  B "C3'" 1 
ATOM   406 O  "O3'" A DT  B 1 7  ? -2.094  -3.132  6.498   0.80   20.95  ? 19  DT  B "O3'" 1 
ATOM   407 O  "O3'" B DT  B 1 7  ? -2.092  -3.132  6.493   0.20   19.41  ? 19  DT  B "O3'" 1 
ATOM   408 C  "C2'" A DT  B 1 7  ? -0.834  -1.256  5.451   0.80   18.81  ? 19  DT  B "C2'" 1 
ATOM   409 C  "C2'" B DT  B 1 7  ? -0.854  -1.231  5.465   0.20   15.70  ? 19  DT  B "C2'" 1 
ATOM   410 C  "C1'" A DT  B 1 7  ? -1.219  -1.168  3.990   0.80   18.13  ? 19  DT  B "C1'" 1 
ATOM   411 C  "C1'" B DT  B 1 7  ? -1.225  -1.171  4.001   0.20   14.89  ? 19  DT  B "C1'" 1 
ATOM   412 N  N1    A DT  B 1 7  ? -0.543  -0.149  3.188   0.80   17.76  ? 19  DT  B N1    1 
ATOM   413 N  N1    B DT  B 1 7  ? -0.548  -0.149  3.196   0.20   14.11  ? 19  DT  B N1    1 
ATOM   414 C  C2    A DT  B 1 7  ? 0.217   -0.567  2.120   0.80   17.56  ? 19  DT  B C2    1 
ATOM   415 C  C2    B DT  B 1 7  ? 0.207   -0.563  2.123   0.20   13.80  ? 19  DT  B C2    1 
ATOM   416 O  O2    A DT  B 1 7  ? 0.427   -1.737  1.864   0.80   18.19  ? 19  DT  B O2    1 
ATOM   417 O  O2    B DT  B 1 7  ? 0.413   -1.737  1.868   0.20   14.13  ? 19  DT  B O2    1 
ATOM   418 N  N3    A DT  B 1 7  ? 0.751   0.446   1.373   0.80   17.05  ? 19  DT  B N3    1 
ATOM   419 N  N3    B DT  B 1 7  ? 0.749   0.453   1.380   0.20   14.08  ? 19  DT  B N3    1 
ATOM   420 C  C4    A DT  B 1 7  ? 0.604   1.802   1.575   0.80   17.88  ? 19  DT  B C4    1 
ATOM   421 C  C4    B DT  B 1 7  ? 0.601   1.810   1.588   0.20   13.56  ? 19  DT  B C4    1 
ATOM   422 O  O4    A DT  B 1 7  ? 1.133   2.589   0.798   0.80   18.22  ? 19  DT  B O4    1 
ATOM   423 O  O4    B DT  B 1 7  ? 1.138   2.606   0.822   0.20   14.05  ? 19  DT  B O4    1 
ATOM   424 C  C5    A DT  B 1 7  ? -0.182  2.174   2.735   0.80   18.56  ? 19  DT  B C5    1 
ATOM   425 C  C5    B DT  B 1 7  ? -0.201  2.175   2.736   0.20   14.19  ? 19  DT  B C5    1 
ATOM   426 C  C7    A DT  B 1 7  ? -0.388  3.624   3.040   0.80   18.90  ? 19  DT  B C7    1 
ATOM   427 C  C7    B DT  B 1 7  ? -0.413  3.624   3.043   0.20   14.48  ? 19  DT  B C7    1 
ATOM   428 C  C6    A DT  B 1 7  ? -0.724  1.190   3.464   0.80   18.38  ? 19  DT  B C6    1 
ATOM   429 C  C6    B DT  B 1 7  ? -0.738  1.189   3.464   0.20   14.57  ? 19  DT  B C6    1 
ATOM   430 P  P     . DT  B 1 8  ? -0.956  -3.707  7.456   1.00   23.35  ? 20  DT  B P     1 
ATOM   431 O  OP1   . DT  B 1 8  ? -1.523  -4.892  8.091   1.00   30.87  ? 20  DT  B OP1   1 
ATOM   432 O  OP2   . DT  B 1 8  ? -0.330  -2.710  8.232   1.00   25.54  ? 20  DT  B OP2   1 
ATOM   433 O  "O5'" . DT  B 1 8  ? 0.158   -4.196  6.426   1.00   19.35  ? 20  DT  B "O5'" 1 
ATOM   434 C  "C5'" . DT  B 1 8  ? -0.165  -5.069  5.358   1.00   20.44  ? 20  DT  B "C5'" 1 
ATOM   435 C  "C4'" . DT  B 1 8  ? 1.051   -5.364  4.508   1.00   18.85  ? 20  DT  B "C4'" 1 
ATOM   436 O  "O4'" . DT  B 1 8  ? 1.498   -4.175  3.826   1.00   18.38  ? 20  DT  B "O4'" 1 
ATOM   437 C  "C3'" . DT  B 1 8  ? 2.264   -5.909  5.269   1.00   20.07  ? 20  DT  B "C3'" 1 
ATOM   438 O  "O3'" . DT  B 1 8  ? 2.675   -7.034  4.508   1.00   22.30  ? 20  DT  B "O3'" 1 
ATOM   439 C  "C2'" . DT  B 1 8  ? 3.252   -4.754  5.241   1.00   17.95  ? 20  DT  B "C2'" 1 
ATOM   440 C  "C1'" . DT  B 1 8  ? 2.898   -4.056  3.934   1.00   17.77  ? 20  DT  B "C1'" 1 
ATOM   441 N  N1    . DT  B 1 8  ? 3.214   -2.627  3.809   1.00   16.82  ? 20  DT  B N1    1 
ATOM   442 C  C2    . DT  B 1 8  ? 3.849   -2.172  2.672   1.00   16.13  ? 20  DT  B C2    1 
ATOM   443 O  O2    . DT  B 1 8  ? 4.305   -2.914  1.819   1.00   17.23  ? 20  DT  B O2    1 
ATOM   444 N  N3    . DT  B 1 8  ? 3.977   -0.808  2.597   1.00   16.14  ? 20  DT  B N3    1 
ATOM   445 C  C4    . DT  B 1 8  ? 3.504   0.131   3.500   1.00   16.52  ? 20  DT  B C4    1 
ATOM   446 O  O4    . DT  B 1 8  ? 3.647   1.318   3.271   1.00   16.72  ? 20  DT  B O4    1 
ATOM   447 C  C5    . DT  B 1 8  ? 2.821   -0.419  4.654   1.00   16.26  ? 20  DT  B C5    1 
ATOM   448 C  C7    . DT  B 1 8  ? 2.294   0.514   5.702   1.00   17.35  ? 20  DT  B C7    1 
ATOM   449 C  C6    . DT  B 1 8  ? 2.703   -1.748  4.740   1.00   16.49  ? 20  DT  B C6    1 
HETATM 450 P  P     . 5HC B 1 9  ? 3.761   -8.051  4.998   1.00   24.00  ? 21  5HC B P     1 
HETATM 451 O  OP1   . 5HC B 1 9  ? 3.565   -9.278  4.242   1.00   27.67  ? 21  5HC B OP1   1 
HETATM 452 O  OP2   . 5HC B 1 9  ? 3.802   -8.037  6.422   1.00   27.44  ? 21  5HC B OP2   1 
HETATM 453 O  "O5'" . 5HC B 1 9  ? 5.135   -7.391  4.571   1.00   20.89  ? 21  5HC B "O5'" 1 
HETATM 454 C  "C5'" . 5HC B 1 9  ? 5.446   -7.303  3.191   1.00   20.57  ? 21  5HC B "C5'" 1 
HETATM 455 C  "C4'" . 5HC B 1 9  ? 6.610   -6.367  2.987   1.00   21.24  ? 21  5HC B "C4'" 1 
HETATM 456 O  "O4'" . 5HC B 1 9  ? 6.256   -5.027  3.340   1.00   19.62  ? 21  5HC B "O4'" 1 
HETATM 457 C  "C3'" . 5HC B 1 9  ? 7.837   -6.671  3.829   1.00   21.71  ? 21  5HC B "C3'" 1 
HETATM 458 O  "O3'" . 5HC B 1 9  ? 8.665   -7.405  2.942   1.00   25.37  ? 21  5HC B "O3'" 1 
HETATM 459 C  "C2'" . 5HC B 1 9  ? 8.414   -5.296  4.148   1.00   21.90  ? 21  5HC B "C2'" 1 
HETATM 460 C  "C1'" . 5HC B 1 9  ? 7.477   -4.336  3.451   1.00   20.59  ? 21  5HC B "C1'" 1 
HETATM 461 N  N1    . 5HC B 1 9  ? 7.201   -3.061  4.124   1.00   18.70  ? 21  5HC B N1    1 
HETATM 462 C  C2    . 5HC B 1 9  ? 7.535   -1.875  3.472   1.00   18.13  ? 21  5HC B C2    1 
HETATM 463 O  O2    . 5HC B 1 9  ? 8.147   -1.934  2.399   1.00   18.29  ? 21  5HC B O2    1 
HETATM 464 N  N3    . 5HC B 1 9  ? 7.192   -0.698  4.031   1.00   16.88  ? 21  5HC B N3    1 
HETATM 465 C  C4    . 5HC B 1 9  ? 6.540   -0.676  5.192   1.00   16.90  ? 21  5HC B C4    1 
HETATM 466 N  N4    . 5HC B 1 9  ? 6.207   0.509   5.695   1.00   17.96  ? 21  5HC B N4    1 
HETATM 467 C  C5    . 5HC B 1 9  ? 6.208   -1.872  5.893   1.00   17.49  ? 21  5HC B C5    1 
HETATM 468 C  C5M   . 5HC B 1 9  ? 5.460   -1.876  7.247   1.00   18.79  ? 21  5HC B C5M   1 
HETATM 469 O  O5    . 5HC B 1 9  ? 6.326   -1.337  8.271   1.00   20.00  ? 21  5HC B O5    1 
HETATM 470 C  C6    . 5HC B 1 9  ? 6.534   -3.030  5.317   1.00   17.74  ? 21  5HC B C6    1 
ATOM   471 P  P     . DG  B 1 10 ? 10.023  -7.991  3.354   1.00   29.70  ? 22  DG  B P     1 
ATOM   472 O  OP1   . DG  B 1 10 ? 10.331  -9.059  2.398   1.00   33.39  ? 22  DG  B OP1   1 
ATOM   473 O  OP2   . DG  B 1 10 ? 10.071  -8.199  4.798   1.00   29.57  ? 22  DG  B OP2   1 
ATOM   474 O  "O5'" . DG  B 1 10 ? 11.069  -6.810  3.171   1.00   27.62  ? 22  DG  B "O5'" 1 
ATOM   475 C  "C5'" . DG  B 1 10 ? 11.383  -6.330  1.886   1.00   25.38  ? 22  DG  B "C5'" 1 
ATOM   476 C  "C4'" . DG  B 1 10 ? 12.293  -5.135  2.020   1.00   21.58  ? 22  DG  B "C4'" 1 
ATOM   477 O  "O4'" . DG  B 1 10 ? 11.579  -4.017  2.599   1.00   19.97  ? 22  DG  B "O4'" 1 
ATOM   478 C  "C3'" . DG  B 1 10 ? 13.505  -5.358  2.920   1.00   20.21  ? 22  DG  B "C3'" 1 
ATOM   479 O  "O3'" . DG  B 1 10 ? 14.626  -4.749  2.280   1.00   20.61  ? 22  DG  B "O3'" 1 
ATOM   480 C  "C2'" . DG  B 1 10 ? 13.175  -4.558  4.166   1.00   19.75  ? 22  DG  B "C2'" 1 
ATOM   481 C  "C1'" . DG  B 1 10 ? 12.424  -3.412  3.550   1.00   18.52  ? 22  DG  B "C1'" 1 
ATOM   482 N  N9    . DG  B 1 10 ? 11.606  -2.602  4.445   1.00   17.92  ? 22  DG  B N9    1 
ATOM   483 C  C8    . DG  B 1 10 ? 10.935  -3.009  5.571   1.00   20.22  ? 22  DG  B C8    1 
ATOM   484 N  N7    . DG  B 1 10 ? 10.272  -2.048  6.145   1.00   18.58  ? 22  DG  B N7    1 
ATOM   485 C  C5    . DG  B 1 10 ? 10.523  -0.936  5.354   1.00   16.85  ? 22  DG  B C5    1 
ATOM   486 C  C6    . DG  B 1 10 ? 10.094  0.408   5.493   1.00   17.29  ? 22  DG  B C6    1 
ATOM   487 O  O6    . DG  B 1 10 ? 9.356   0.888   6.345   1.00   17.63  ? 22  DG  B O6    1 
ATOM   488 N  N1    . DG  B 1 10 ? 10.596  1.214   4.484   1.00   16.41  ? 22  DG  B N1    1 
ATOM   489 C  C2    . DG  B 1 10 ? 11.411  0.785   3.471   1.00   16.45  ? 22  DG  B C2    1 
ATOM   490 N  N2    . DG  B 1 10 ? 11.801  1.713   2.600   1.00   16.72  ? 22  DG  B N2    1 
ATOM   491 N  N3    . DG  B 1 10 ? 11.820  -0.463  3.329   1.00   17.04  ? 22  DG  B N3    1 
ATOM   492 C  C4    . DG  B 1 10 ? 11.347  -1.263  4.303   1.00   17.26  ? 22  DG  B C4    1 
ATOM   493 P  P     . DC  B 1 11 ? 16.052  -5.350  2.389   1.00   19.80  ? 23  DC  B P     1 
ATOM   494 O  OP1   . DC  B 1 11 ? 16.139  -6.573  1.592   1.00   23.05  ? 23  DC  B OP1   1 
ATOM   495 O  OP2   . DC  B 1 11 ? 16.403  -5.374  3.789   1.00   21.38  ? 23  DC  B OP2   1 
ATOM   496 O  "O5'" . DC  B 1 11 ? 16.913  -4.214  1.687   1.00   19.03  ? 23  DC  B "O5'" 1 
ATOM   497 C  "C5'" . DC  B 1 11 ? 16.665  -3.828  0.329   1.00   19.03  ? 23  DC  B "C5'" 1 
ATOM   498 C  "C4'" . DC  B 1 11 ? 16.549  -2.325  0.215   1.00   18.25  ? 23  DC  B "C4'" 1 
ATOM   499 O  "O4'" . DC  B 1 11 ? 15.390  -1.851  0.924   1.00   18.05  ? 23  DC  B "O4'" 1 
ATOM   500 C  "C3'" . DC  B 1 11 ? 17.699  -1.516  0.798   1.00   18.05  ? 23  DC  B "C3'" 1 
ATOM   501 O  "O3'" . DC  B 1 11 ? 18.760  -1.415  -0.136  1.00   19.30  ? 23  DC  B "O3'" 1 
ATOM   502 C  "C2'" . DC  B 1 11 ? 17.055  -0.161  0.982   1.00   17.85  ? 23  DC  B "C2'" 1 
ATOM   503 C  "C1'" . DC  B 1 11 ? 15.666  -0.538  1.425   1.00   17.71  ? 23  DC  B "C1'" 1 
ATOM   504 N  N1    . DC  B 1 11 ? 15.387  -0.528  2.869   1.00   17.09  ? 23  DC  B N1    1 
ATOM   505 C  C2    . DC  B 1 11 ? 14.955  0.664   3.451   1.00   16.37  ? 23  DC  B C2    1 
ATOM   506 O  O2    . DC  B 1 11 ? 14.955  1.695   2.772   1.00   17.16  ? 23  DC  B O2    1 
ATOM   507 N  N3    . DC  B 1 11 ? 14.536  0.656   4.738   1.00   17.01  ? 23  DC  B N3    1 
ATOM   508 C  C4    . DC  B 1 11 ? 14.580  -0.473  5.446   1.00   17.14  ? 23  DC  B C4    1 
ATOM   509 N  N4    . DC  B 1 11 ? 14.122  -0.445  6.697   1.00   17.90  ? 23  DC  B N4    1 
ATOM   510 C  C5    . DC  B 1 11 ? 15.065  -1.690  4.890   1.00   17.98  ? 23  DC  B C5    1 
ATOM   511 C  C6    . DC  B 1 11 ? 15.440  -1.677  3.609   1.00   17.79  ? 23  DC  B C6    1 
ATOM   512 P  P     . DG  B 1 12 ? 20.224  -1.087  0.314   1.00   19.52  ? 24  DG  B P     1 
ATOM   513 O  OP1   . DG  B 1 12 ? 21.081  -1.375  -0.851  1.00   22.14  ? 24  DG  B OP1   1 
ATOM   514 O  OP2   . DG  B 1 12 ? 20.504  -1.748  1.615   1.00   20.89  ? 24  DG  B OP2   1 
ATOM   515 O  "O5'" . DG  B 1 12 ? 20.207  0.474   0.617   1.00   18.90  ? 24  DG  B "O5'" 1 
ATOM   516 C  "C5'" . DG  B 1 12 ? 20.053  1.453   -0.422  1.00   17.95  ? 24  DG  B "C5'" 1 
ATOM   517 C  "C4'" . DG  B 1 12 ? 19.830  2.811   0.201   1.00   17.69  ? 24  DG  B "C4'" 1 
ATOM   518 O  "O4'" . DG  B 1 12 ? 18.613  2.788   0.975   1.00   17.05  ? 24  DG  B "O4'" 1 
ATOM   519 C  "C3'" . DG  B 1 12 ? 20.900  3.279   1.181   1.00   17.37  ? 24  DG  B "C3'" 1 
ATOM   520 O  "O3'" . DG  B 1 12 ? 21.982  3.866   0.455   1.00   18.53  ? 24  DG  B "O3'" 1 
ATOM   521 C  "C2'" . DG  B 1 12 ? 20.136  4.244   2.068   1.00   17.50  ? 24  DG  B "C2'" 1 
ATOM   522 C  "C1'" . DG  B 1 12 ? 18.769  3.604   2.146   1.00   17.02  ? 24  DG  B "C1'" 1 
ATOM   523 N  N9    . DG  B 1 12 ? 18.552  2.743   3.305   1.00   16.84  ? 24  DG  B N9    1 
ATOM   524 C  C8    . DG  B 1 12 ? 18.904  1.421   3.428   1.00   17.48  ? 24  DG  B C8    1 
ATOM   525 N  N7    . DG  B 1 12 ? 18.485  0.879   4.541   1.00   17.33  ? 24  DG  B N7    1 
ATOM   526 C  C5    . DG  B 1 12 ? 17.834  1.912   5.201   1.00   16.61  ? 24  DG  B C5    1 
ATOM   527 C  C6    . DG  B 1 12 ? 17.153  1.923   6.447   1.00   16.94  ? 24  DG  B C6    1 
ATOM   528 O  O6    . DG  B 1 12 ? 16.997  0.993   7.249   1.00   18.23  ? 24  DG  B O6    1 
ATOM   529 N  N1    . DG  B 1 12 ? 16.635  3.181   6.738   1.00   17.20  ? 24  DG  B N1    1 
ATOM   530 C  C2    . DG  B 1 12 ? 16.763  4.290   5.940   1.00   16.88  ? 24  DG  B C2    1 
ATOM   531 N  N2    . DG  B 1 12 ? 16.212  5.421   6.393   1.00   17.90  ? 24  DG  B N2    1 
ATOM   532 N  N3    . DG  B 1 12 ? 17.367  4.286   4.763   1.00   16.72  ? 24  DG  B N3    1 
ATOM   533 C  C4    . DG  B 1 12 ? 17.869  3.069   4.454   1.00   16.50  ? 24  DG  B C4    1 
HETATM 534 MG MG    . MG  C 2 .  ? 9.494   0.975   10.539  1.00   19.21  ? 101 MG  A MG    1 
HETATM 535 N  N1    . SPK D 3 .  ? 2.397   -3.421  12.625  1.00   38.88  ? 101 SPK B N1    1 
HETATM 536 C  C2    . SPK D 3 .  ? 1.225   -2.649  12.196  1.00   35.81  ? 101 SPK B C2    1 
HETATM 537 C  C3    . SPK D 3 .  ? 0.124   -3.578  11.720  1.00   30.62  ? 101 SPK B C3    1 
HETATM 538 C  C4    . SPK D 3 .  ? -1.092  -2.752  11.390  1.00   33.05  ? 101 SPK B C4    1 
HETATM 539 N  N5    . SPK D 3 .  ? -2.243  -3.527  10.921  1.00   32.00  ? 101 SPK B N5    1 
HETATM 540 C  C6    . SPK D 3 .  ? -3.324  -2.605  10.544  1.00   37.35  ? 101 SPK B C6    1 
HETATM 541 C  C7    . SPK D 3 .  ? -4.467  -3.385  9.919   1.00   32.55  ? 101 SPK B C7    1 
HETATM 542 C  C8    . SPK D 3 .  ? -5.485  -2.409  9.371   1.00   33.83  ? 101 SPK B C8    1 
HETATM 543 C  C9    . SPK D 3 .  ? -6.654  -3.085  8.721   1.00   37.83  ? 101 SPK B C9    1 
HETATM 544 N  N10   . SPK D 3 .  ? -7.806  -2.204  8.929   1.00   38.86  ? 101 SPK B N10   1 
HETATM 545 C  C11   . SPK D 3 .  ? -8.970  -2.876  8.366   1.00   70.65  ? 101 SPK B C11   1 
HETATM 546 N  N1    A SPK E 3 .  ? -10.622 -5.030  -9.639  0.50   30.43  ? 102 SPK B N1    1 
HETATM 547 N  N1    B SPK E 3 .  ? -9.161  -5.261  -8.179  0.30   33.20  ? 102 SPK B N1    1 
HETATM 548 C  C2    A SPK E 3 .  ? -10.899 -4.758  -8.210  0.50   27.48  ? 102 SPK B C2    1 
HETATM 549 C  C2    B SPK E 3 .  ? -10.622 -4.819  -8.235  0.30   29.88  ? 102 SPK B C2    1 
HETATM 550 C  C3    A SPK E 3 .  ? -11.551 -5.963  -7.585  0.50   32.21  ? 102 SPK B C3    1 
HETATM 551 C  C3    B SPK E 3 .  ? -11.549 -5.903  -7.723  0.30   33.74  ? 102 SPK B C3    1 
HETATM 552 C  C4    A SPK E 3 .  ? -12.329 -5.631  -6.355  0.50   29.32  ? 102 SPK B C4    1 
HETATM 553 C  C4    B SPK E 3 .  ? -12.205 -5.608  -6.402  0.30   31.94  ? 102 SPK B C4    1 
HETATM 554 N  N5    A SPK E 3 .  ? -12.750 -6.770  -5.530  0.50   31.92  ? 102 SPK B N5    1 
HETATM 555 N  N5    B SPK E 3 .  ? -12.718 -6.741  -5.609  0.30   31.37  ? 102 SPK B N5    1 
HETATM 556 C  C6    A SPK E 3 .  ? -11.790 -7.844  -5.449  0.50   32.61  ? 102 SPK B C6    1 
HETATM 557 C  C6    B SPK E 3 .  ? -11.781 -7.832  -5.466  0.30   25.06  ? 102 SPK B C6    1 
HETATM 558 C  C7    A SPK E 3 .  ? -12.065 -8.705  -4.250  0.50   36.82  ? 102 SPK B C7    1 
HETATM 559 C  C7    B SPK E 3 .  ? -12.077 -8.674  -4.258  0.30   29.77  ? 102 SPK B C7    1 
HETATM 560 C  C8    A SPK E 3 .  ? -11.577 -10.060 -4.646  0.50   38.26  ? 102 SPK B C8    1 
HETATM 561 C  C8    B SPK E 3 .  ? -11.609 -10.042 -4.641  0.30   33.44  ? 102 SPK B C8    1 
HETATM 562 C  C9    A SPK E 3 .  ? -11.021 -10.912 -3.539  0.50   37.48  ? 102 SPK B C9    1 
HETATM 563 C  C9    B SPK E 3 .  ? -11.025 -10.886 -3.543  0.30   38.30  ? 102 SPK B C9    1 
HETATM 564 N  N10   A SPK E 3 .  ? -12.097 -11.253 -2.640  0.50   33.65  ? 102 SPK B N10   1 
HETATM 565 N  N10   B SPK E 3 .  ? -12.083 -11.250 -2.630  0.30   38.11  ? 102 SPK B N10   1 
HETATM 566 C  C11   A SPK E 3 .  ? -11.895 -10.734 -1.285  0.50   38.40  ? 102 SPK B C11   1 
HETATM 567 C  C11   B SPK E 3 .  ? -11.863 -10.720 -1.283  0.30   38.57  ? 102 SPK B C11   1 
HETATM 568 C  C12   A SPK E 3 .  ? -10.622 -11.308 -0.741  0.50   37.63  ? 102 SPK B C12   1 
HETATM 569 C  C12   B SPK E 3 .  ? -10.586 -11.300 -0.752  0.30   36.34  ? 102 SPK B C12   1 
HETATM 570 C  C13   A SPK E 3 .  ? -10.207 -10.872 0.638   0.50   39.84  ? 102 SPK B C13   1 
HETATM 571 C  C13   B SPK E 3 .  ? -10.011 -10.690 0.500   0.30   38.21  ? 102 SPK B C13   1 
HETATM 572 N  N14   A SPK E 3 .  ? -8.746  -11.046 0.746   0.50   38.49  ? 102 SPK B N14   1 
HETATM 573 N  N14   B SPK E 3 .  ? -10.133 -11.722 1.538   0.30   36.30  ? 102 SPK B N14   1 
HETATM 574 O  O     . HOH F 4 .  ? 7.690   -8.910  -7.571  1.00   21.22  ? 201 HOH A O     1 
HETATM 575 O  O     . HOH F 4 .  ? -5.574  -4.549  -7.562  1.00   26.57  ? 202 HOH A O     1 
HETATM 576 O  O     . HOH F 4 .  ? -0.314  -4.371  1.207   1.00   18.18  ? 203 HOH A O     1 
HETATM 577 O  O     . HOH F 4 .  ? -7.570  0.639   0.561   1.00   18.25  ? 204 HOH A O     1 
HETATM 578 O  O     . HOH F 4 .  ? 6.487   8.842   0.109   1.00   31.40  ? 205 HOH A O     1 
HETATM 579 O  O     . HOH F 4 .  ? -11.321 1.467   -1.582  1.00   20.23  ? 206 HOH A O     1 
HETATM 580 O  O     . HOH F 4 .  ? 4.170   4.946   -1.405  1.00   27.30  ? 207 HOH A O     1 
HETATM 581 O  O     . HOH F 4 .  ? 11.086  0.577   9.320   1.00   19.11  ? 208 HOH A O     1 
HETATM 582 O  O     . HOH F 4 .  ? 2.283   -5.339  -7.276  1.00   22.56  ? 209 HOH A O     1 
HETATM 583 O  O     . HOH F 4 .  ? -14.825 -4.873  -3.324  1.00   23.58  ? 210 HOH A O     1 
HETATM 584 O  O     . HOH F 4 .  ? -8.890  -7.527  -1.724  1.00   36.42  ? 211 HOH A O     1 
HETATM 585 O  O     . HOH F 4 .  ? 10.542  1.581   -1.319  1.00   21.97  ? 212 HOH A O     1 
HETATM 586 O  O     . HOH F 4 .  ? -2.046  -1.484  -7.819  1.00   30.33  ? 213 HOH A O     1 
HETATM 587 O  O     . HOH F 4 .  ? 5.236   -1.096  -7.860  1.00   24.67  ? 214 HOH A O     1 
HETATM 588 O  O     . HOH F 4 .  ? -9.952  2.138   0.631   1.00   22.82  ? 215 HOH A O     1 
HETATM 589 O  O     . HOH F 4 .  ? 5.351   6.879   3.637   1.00   25.51  ? 216 HOH A O     1 
HETATM 590 O  O     . HOH F 4 .  ? 8.982   -2.318  -1.937  1.00   31.40  ? 217 HOH A O     1 
HETATM 591 O  O     . HOH F 4 .  ? -13.099 1.316   4.354   1.00   35.18  ? 218 HOH A O     1 
HETATM 592 O  O     . HOH F 4 .  ? 0.683   1.662   -6.527  1.00   28.51  ? 219 HOH A O     1 
HETATM 593 O  O     . HOH F 4 .  ? 3.842   2.417   -5.571  1.00   36.03  ? 220 HOH A O     1 
HETATM 594 O  O     . HOH F 4 .  ? 13.083  13.472  3.632   1.00   36.79  ? 221 HOH A O     1 
HETATM 595 O  O     . HOH F 4 .  ? 12.181  -2.858  -5.526  1.00   30.59  ? 222 HOH A O     1 
HETATM 596 O  O     . HOH F 4 .  ? 9.009   7.213   10.682  1.00   26.78  ? 223 HOH A O     1 
HETATM 597 O  O     . HOH F 4 .  ? 2.375   4.009   -3.685  1.00   28.55  ? 224 HOH A O     1 
HETATM 598 O  O     . HOH F 4 .  ? -19.858 4.044   -2.550  1.00   27.78  ? 225 HOH A O     1 
HETATM 599 O  O     . HOH F 4 .  ? 16.675  4.240   12.713  1.00   24.74  ? 226 HOH A O     1 
HETATM 600 O  O     . HOH F 4 .  ? -1.464  -8.241  -6.192  1.00   36.77  ? 227 HOH A O     1 
HETATM 601 O  O     . HOH F 4 .  ? 7.310   4.642   8.800   1.00   32.89  ? 228 HOH A O     1 
HETATM 602 O  O     . HOH F 4 .  ? -18.853 -0.312  -3.026  1.00   35.80  ? 229 HOH A O     1 
HETATM 603 O  O     . HOH F 4 .  ? -3.787  -7.898  -4.773  1.00   34.36  ? 230 HOH A O     1 
HETATM 604 O  O     . HOH F 4 .  ? -9.663  -6.699  -3.936  1.00   25.28  ? 231 HOH A O     1 
HETATM 605 O  O     . HOH F 4 .  ? 5.265   4.128   5.991   1.00   28.30  ? 232 HOH A O     1 
HETATM 606 O  O     . HOH F 4 .  ? 7.345   7.616   8.653   1.00   43.06  ? 233 HOH A O     1 
HETATM 607 O  O     . HOH F 4 .  ? 16.333  3.199   15.273  1.00   41.33  ? 234 HOH A O     1 
HETATM 608 O  O     . HOH F 4 .  ? 11.462  -1.845  -3.059  1.00   32.72  ? 235 HOH A O     1 
HETATM 609 O  O     . HOH F 4 .  ? 13.072  -1.156  10.158  1.00   26.37  ? 236 HOH A O     1 
HETATM 610 O  O     . HOH F 4 .  ? 14.947  -0.015  13.645  1.00   28.72  ? 237 HOH A O     1 
HETATM 611 O  O     . HOH F 4 .  ? -11.762 6.678   0.689   1.00   31.43  ? 238 HOH A O     1 
HETATM 612 O  O     . HOH F 4 .  ? -11.090 2.672   3.057   1.00   30.50  ? 239 HOH A O     1 
HETATM 613 O  O     . HOH F 4 .  ? 5.286   6.615   6.614   1.00   38.02  ? 240 HOH A O     1 
HETATM 614 O  O     . HOH F 4 .  ? 4.232   -3.225  -9.354  1.00   27.17  ? 241 HOH A O     1 
HETATM 615 O  O     . HOH F 4 .  ? -14.725 -2.212  4.749   1.00   43.86  ? 242 HOH A O     1 
HETATM 616 O  O     . HOH F 4 .  ? -11.968 -6.484  -0.056  1.00   39.16  ? 243 HOH A O     1 
HETATM 617 O  O     . HOH F 4 .  ? -9.837  -8.289  2.805   1.00   64.61  ? 244 HOH A O     1 
HETATM 618 O  O     . HOH F 4 .  ? -7.672  -8.126  4.532   1.00   55.02  ? 245 HOH A O     1 
HETATM 619 O  O     . HOH F 4 .  ? 1.916   -10.674 -0.234  1.00   45.23  ? 246 HOH A O     1 
HETATM 620 O  O     . HOH F 4 .  ? -2.269  -10.748 2.010   1.00   44.59  ? 247 HOH A O     1 
HETATM 621 O  O     . HOH F 4 .  ? -2.706  -11.453 -0.672  1.00   45.44  ? 248 HOH A O     1 
HETATM 622 O  O     . HOH F 4 .  ? 9.665   3.034   10.323  1.00   20.60  ? 249 HOH A O     1 
HETATM 623 O  O     . HOH F 4 .  ? 16.841  1.668   12.164  1.00   30.86  ? 250 HOH A O     1 
HETATM 624 O  O     . HOH F 4 .  ? 18.431  1.093   14.612  1.00   46.90  ? 251 HOH A O     1 
HETATM 625 O  O     . HOH F 4 .  ? 7.030   9.214   6.654   0.50   32.50  ? 252 HOH A O     1 
HETATM 626 O  O     . HOH F 4 .  ? 11.846  10.196  -4.366  1.00   40.37  ? 253 HOH A O     1 
HETATM 627 O  O     . HOH F 4 .  ? 8.167   9.710   -5.415  1.00   55.40  ? 254 HOH A O     1 
HETATM 628 O  O     . HOH F 4 .  ? 4.769   7.720   -1.581  1.00   36.24  ? 255 HOH A O     1 
HETATM 629 O  O     . HOH F 4 .  ? 5.622   7.601   -4.377  1.00   51.95  ? 256 HOH A O     1 
HETATM 630 O  O     . HOH F 4 .  ? -16.194 9.899   -2.196  1.00   33.34  ? 257 HOH A O     1 
HETATM 631 O  O     . HOH F 4 .  ? -18.097 9.805   -4.066  1.00   36.71  ? 258 HOH A O     1 
HETATM 632 O  O     . HOH F 4 .  ? -4.473  -7.126  -7.273  1.00   44.14  ? 259 HOH A O     1 
HETATM 633 O  O     . HOH F 4 .  ? -5.772  -9.342  -3.414  1.00   44.95  ? 260 HOH A O     1 
HETATM 634 O  O     . HOH F 4 .  ? 10.639  7.637   15.731  1.00   36.90  ? 261 HOH A O     1 
HETATM 635 O  O     . HOH F 4 .  ? 9.025   9.631   14.500  0.50   34.87  ? 262 HOH A O     1 
HETATM 636 O  O     . HOH F 4 .  ? 12.298  14.009  6.772   1.00   43.10  ? 263 HOH A O     1 
HETATM 637 O  O     . HOH F 4 .  ? -19.419 8.103   -1.889  1.00   113.09 ? 264 HOH A O     1 
HETATM 638 O  O     . HOH F 4 .  ? -0.895  -8.354  3.525   1.00   45.43  ? 265 HOH A O     1 
HETATM 639 O  O     . HOH F 4 .  ? 11.433  8.058   -5.696  0.50   33.63  ? 266 HOH A O     1 
HETATM 640 O  O     . HOH F 4 .  ? 14.089  -4.771  -5.463  0.50   35.63  ? 267 HOH A O     1 
HETATM 641 O  O     . HOH F 4 .  ? 7.892   -8.730  -3.761  1.00   41.40  ? 268 HOH A O     1 
HETATM 642 O  O     . HOH F 4 .  ? -7.858  -6.212  5.688   0.50   45.75  ? 269 HOH A O     1 
HETATM 643 O  O     . HOH F 4 .  ? -17.976 0.445   4.749   0.50   51.17  ? 270 HOH A O     1 
HETATM 644 O  O     . HOH F 4 .  ? -14.418 7.170   1.026   1.00   34.53  ? 271 HOH A O     1 
HETATM 645 O  O     A HOH F 4 .  ? 12.911  2.816   -8.095  0.50   37.97  ? 272 HOH A O     1 
HETATM 646 O  O     B HOH F 4 .  ? 11.335  2.209   -8.927  0.50   38.45  ? 272 HOH A O     1 
HETATM 647 O  O     . HOH F 4 .  ? -17.372 -2.571  -0.911  0.50   49.09  ? 273 HOH A O     1 
HETATM 648 O  O     . HOH F 4 .  ? -18.995 1.252   1.193   0.50   30.77  ? 274 HOH A O     1 
HETATM 649 O  O     . HOH F 4 .  ? -0.255  -2.077  -9.521  1.00   52.18  ? 275 HOH A O     1 
HETATM 650 O  O     . HOH F 4 .  ? 6.850   11.324  3.627   0.50   27.97  ? 276 HOH A O     1 
HETATM 651 O  O     . HOH F 4 .  ? -6.193  -4.177  5.668   0.50   32.92  ? 277 HOH A O     1 
HETATM 652 O  O     . HOH F 4 .  ? -15.554 -4.543  3.204   0.50   36.36  ? 278 HOH A O     1 
HETATM 653 O  O     . HOH F 4 .  ? -19.021 -1.430  3.619   0.50   37.48  ? 279 HOH A O     1 
HETATM 654 O  O     . HOH F 4 .  ? 12.213  11.019  16.434  0.50   40.39  ? 280 HOH A O     1 
HETATM 655 O  O     . HOH F 4 .  ? -9.684  1.338   5.028   1.00   35.87  ? 281 HOH A O     1 
HETATM 656 O  O     . HOH F 4 .  ? -8.095  -8.328  -7.379  1.00   53.26  ? 282 HOH A O     1 
HETATM 657 O  O     . HOH F 4 .  ? -8.214  -1.299  4.891   1.00   30.53  ? 283 HOH A O     1 
HETATM 658 O  O     . HOH G 4 .  ? -4.436  -2.229  1.673   1.00   18.99  ? 201 HOH B O     1 
HETATM 659 O  O     . HOH G 4 .  ? 5.067   -1.809  10.661  1.00   29.99  ? 202 HOH B O     1 
HETATM 660 O  O     . HOH G 4 .  ? 3.015   3.693   4.572   1.00   23.33  ? 203 HOH B O     1 
HETATM 661 O  O     . HOH G 4 .  ? 5.273   1.765   8.096   1.00   30.03  ? 204 HOH B O     1 
HETATM 662 O  O     . HOH G 4 .  ? -6.675  -0.956  2.679   1.00   21.69  ? 205 HOH B O     1 
HETATM 663 O  O     . HOH G 4 .  ? 8.317   0.895   8.823   1.00   20.68  ? 206 HOH B O     1 
HETATM 664 O  O     . HOH G 4 .  ? 8.781   -2.441  8.452   1.00   19.98  ? 207 HOH B O     1 
HETATM 665 O  O     . HOH G 4 .  ? -0.984  2.071   6.742   1.00   23.32  ? 208 HOH B O     1 
HETATM 666 O  O     . HOH G 4 .  ? -2.809  -4.391  2.589   1.00   21.06  ? 209 HOH B O     1 
HETATM 667 O  O     . HOH G 4 .  ? -15.869 -6.645  -7.161  1.00   27.08  ? 210 HOH B O     1 
HETATM 668 O  O     . HOH G 4 .  ? 2.291   -2.396  8.083   1.00   24.52  ? 211 HOH B O     1 
HETATM 669 O  O     . HOH G 4 .  ? 22.157  4.016   -2.379  1.00   21.94  ? 212 HOH B O     1 
HETATM 670 O  O     . HOH G 4 .  ? -3.383  6.061   2.920   1.00   25.45  ? 213 HOH B O     1 
HETATM 671 O  O     . HOH G 4 .  ? 19.525  -1.795  4.179   1.00   22.00  ? 214 HOH B O     1 
HETATM 672 O  O     . HOH G 4 .  ? 4.012   -4.774  -0.149  1.00   19.88  ? 215 HOH B O     1 
HETATM 673 O  O     . HOH G 4 .  ? 2.906   5.845   3.085   1.00   27.23  ? 216 HOH B O     1 
HETATM 674 O  O     . HOH G 4 .  ? 18.041  -3.775  5.336   1.00   24.69  ? 217 HOH B O     1 
HETATM 675 O  O     . HOH G 4 .  ? -1.594  5.762   -1.222  1.00   26.95  ? 218 HOH B O     1 
HETATM 676 O  O     . HOH G 4 .  ? -7.966  11.615  -4.492  1.00   27.48  ? 219 HOH B O     1 
HETATM 677 O  O     . HOH G 4 .  ? 1.011   4.019   6.493   1.00   26.12  ? 220 HOH B O     1 
HETATM 678 O  O     . HOH G 4 .  ? -2.254  4.945   -5.416  1.00   30.59  ? 221 HOH B O     1 
HETATM 679 O  O     . HOH G 4 .  ? -0.574  0.253   8.845   1.00   28.92  ? 222 HOH B O     1 
HETATM 680 O  O     . HOH G 4 .  ? 1.738   -6.219  0.720   1.00   21.53  ? 223 HOH B O     1 
HETATM 681 O  O     . HOH G 4 .  ? -3.056  8.048   -1.445  1.00   29.63  ? 224 HOH B O     1 
HETATM 682 O  O     . HOH G 4 .  ? 14.059  -3.105  8.077   1.00   27.93  ? 225 HOH B O     1 
HETATM 683 O  O     . HOH G 4 .  ? 17.620  -7.378  -0.503  1.00   33.62  ? 226 HOH B O     1 
HETATM 684 O  O     . HOH G 4 .  ? 3.243   -0.174  9.527   1.00   38.66  ? 227 HOH B O     1 
HETATM 685 O  O     . HOH G 4 .  ? -4.515  -0.632  -8.509  1.00   91.33  ? 228 HOH B O     1 
HETATM 686 O  O     . HOH G 4 .  ? -3.028  5.526   5.685   1.00   31.08  ? 229 HOH B O     1 
HETATM 687 O  O     . HOH G 4 .  ? -0.305  4.649   -3.407  1.00   27.45  ? 230 HOH B O     1 
HETATM 688 O  O     . HOH G 4 .  ? 12.381  -1.495  0.665   1.00   24.36  ? 231 HOH B O     1 
HETATM 689 O  O     . HOH G 4 .  ? -6.619  10.555  -0.143  1.00   31.52  ? 232 HOH B O     1 
HETATM 690 O  O     . HOH G 4 .  ? 9.857   -3.053  0.487   1.00   28.54  ? 233 HOH B O     1 
HETATM 691 O  O     . HOH G 4 .  ? 2.337   4.968   0.556   1.00   25.77  ? 234 HOH B O     1 
HETATM 692 O  O     . HOH G 4 .  ? -9.829  -0.387  -18.956 1.00   60.04  ? 235 HOH B O     1 
HETATM 693 O  O     . HOH G 4 .  ? -4.541  9.005   1.108   1.00   32.96  ? 236 HOH B O     1 
HETATM 694 O  O     . HOH G 4 .  ? -5.693  1.350   -12.486 1.00   40.56  ? 237 HOH B O     1 
HETATM 695 O  O     . HOH G 4 .  ? -3.616  -6.095  7.127   1.00   39.43  ? 238 HOH B O     1 
HETATM 696 O  O     . HOH G 4 .  ? 13.460  -3.271  -1.434  1.00   37.54  ? 239 HOH B O     1 
HETATM 697 O  O     . HOH G 4 .  ? -7.884  10.224  -11.213 1.00   39.02  ? 240 HOH B O     1 
HETATM 698 O  O     . HOH G 4 .  ? 0.455   6.926   0.127   1.00   34.05  ? 241 HOH B O     1 
HETATM 699 O  O     . HOH G 4 .  ? -7.025  7.847   -13.755 1.00   41.62  ? 242 HOH B O     1 
HETATM 700 O  O     . HOH G 4 .  ? 10.708  -6.129  6.573   1.00   35.34  ? 243 HOH B O     1 
HETATM 701 O  O     . HOH G 4 .  ? 17.908  -1.643  7.285   1.00   28.37  ? 244 HOH B O     1 
HETATM 702 O  O     . HOH G 4 .  ? -7.653  11.523  -8.599  1.00   43.39  ? 245 HOH B O     1 
HETATM 703 O  O     . HOH G 4 .  ? 13.347  -5.742  7.379   1.00   31.12  ? 246 HOH B O     1 
HETATM 704 O  O     . HOH G 4 .  ? -3.632  -6.133  4.510   1.00   82.42  ? 247 HOH B O     1 
HETATM 705 O  O     . HOH G 4 .  ? 5.892   -5.667  7.529   1.00   27.67  ? 248 HOH B O     1 
HETATM 706 O  O     . HOH G 4 .  ? 3.591   -4.752  8.934   1.00   33.03  ? 249 HOH B O     1 
HETATM 707 O  O     . HOH G 4 .  ? -8.548  10.043  1.456   0.50   30.90  ? 250 HOH B O     1 
HETATM 708 O  O     . HOH G 4 .  ? 6.480   3.454   12.479  1.00   33.85  ? 251 HOH B O     1 
HETATM 709 O  O     . HOH G 4 .  ? -1.204  7.321   1.932   1.00   37.19  ? 252 HOH B O     1 
HETATM 710 O  O     . HOH G 4 .  ? 0.786   7.193   4.072   1.00   39.66  ? 253 HOH B O     1 
HETATM 711 O  O     . HOH G 4 .  ? -0.449  6.269   6.176   1.00   32.37  ? 254 HOH B O     1 
HETATM 712 O  O     . HOH G 4 .  ? -10.924 5.606   3.190   1.00   32.68  ? 255 HOH B O     1 
HETATM 713 O  O     . HOH G 4 .  ? -13.830 -2.698  -19.292 1.00   37.03  ? 256 HOH B O     1 
HETATM 714 O  O     . HOH G 4 .  ? -10.828 -8.396  -0.183  0.50   34.87  ? 257 HOH B O     1 
HETATM 715 O  O     . HOH G 4 .  ? 1.891   -8.736  1.700   1.00   35.13  ? 258 HOH B O     1 
HETATM 716 O  O     . HOH G 4 .  ? -0.699  -8.921  6.291   1.00   54.77  ? 259 HOH B O     1 
HETATM 717 O  O     . HOH G 4 .  ? 18.407  -10.122 -0.123  1.00   35.32  ? 260 HOH B O     1 
HETATM 718 O  O     . HOH G 4 .  ? 9.350   -1.090  10.793  1.00   20.32  ? 261 HOH B O     1 
HETATM 719 O  O     . HOH G 4 .  ? 7.739   1.263   11.635  1.00   20.92  ? 262 HOH B O     1 
HETATM 720 O  O     . HOH G 4 .  ? 8.312   -5.227  8.449   1.00   38.73  ? 263 HOH B O     1 
HETATM 721 O  O     . HOH G 4 .  ? 14.105  -7.476  -0.061  1.00   47.14  ? 264 HOH B O     1 
HETATM 722 O  O     . HOH G 4 .  ? 15.469  -6.924  5.809   1.00   35.72  ? 265 HOH B O     1 
HETATM 723 O  O     . HOH G 4 .  ? 7.790   -4.935  11.808  1.00   38.94  ? 266 HOH B O     1 
HETATM 724 O  O     . HOH G 4 .  ? -0.113  -7.159  8.490   1.00   107.68 ? 267 HOH B O     1 
HETATM 725 O  O     . HOH G 4 .  ? -2.007  -8.115  11.068  1.00   46.26  ? 268 HOH B O     1 
HETATM 726 O  O     . HOH G 4 .  ? 18.150  0.919   9.852   1.00   32.64  ? 269 HOH B O     1 
HETATM 727 O  O     . HOH G 4 .  ? 10.651  1.059   12.216  1.00   20.75  ? 270 HOH B O     1 
HETATM 728 O  O     . HOH G 4 .  ? -9.493  -3.721  -13.675 1.00   48.78  ? 271 HOH B O     1 
HETATM 729 O  O     . HOH G 4 .  ? -7.186  -1.359  -14.482 1.00   44.13  ? 272 HOH B O     1 
HETATM 730 O  O     . HOH G 4 .  ? -4.001  1.848   -9.298  1.00   91.16  ? 273 HOH B O     1 
HETATM 731 O  O     . HOH G 4 .  ? -1.975  2.706   -6.925  1.00   35.08  ? 274 HOH B O     1 
HETATM 732 O  O     . HOH G 4 .  ? -10.243 8.837   0.022   1.00   30.52  ? 275 HOH B O     1 
HETATM 733 O  O     . HOH G 4 .  ? -4.512  -0.324  -11.165 1.00   115.08 ? 276 HOH B O     1 
HETATM 734 O  O     . HOH G 4 .  ? -6.279  -3.015  -10.507 1.00   100.48 ? 277 HOH B O     1 
HETATM 735 O  O     . HOH G 4 .  ? -1.588  10.350  -0.890  0.50   33.48  ? 278 HOH B O     1 
HETATM 736 O  O     . HOH G 4 .  ? -3.131  4.384   9.808   1.00   50.61  ? 279 HOH B O     1 
HETATM 737 O  O     . HOH G 4 .  ? -5.357  3.878   11.364  0.50   37.16  ? 280 HOH B O     1 
HETATM 738 O  O     . HOH G 4 .  ? 13.166  -9.799  2.164   0.50   116.86 ? 281 HOH B O     1 
HETATM 739 O  O     . HOH G 4 .  ? 12.095  -9.337  6.365   1.00   31.27  ? 282 HOH B O     1 
HETATM 740 O  O     . HOH G 4 .  ? 2.334   9.559   1.666   0.50   44.87  ? 283 HOH B O     1 
HETATM 741 O  O     . HOH G 4 .  ? -3.187  5.879   -8.666  0.50   33.22  ? 284 HOH B O     1 
HETATM 742 O  O     A HOH G 4 .  ? 6.651   -5.521  -1.138  0.0000 30.46  ? 285 HOH B O     1 
HETATM 743 O  O     B HOH G 4 .  ? 5.743   -6.812  -0.561  0.50   30.55  ? 285 HOH B O     1 
HETATM 744 O  O     . HOH G 4 .  ? -5.483  7.121   6.945   0.50   51.22  ? 286 HOH B O     1 
HETATM 745 O  O     A HOH G 4 .  ? 17.116  -3.205  -3.600  0.50   40.01  ? 287 HOH B O     1 
HETATM 746 O  O     B HOH G 4 .  ? 19.301  -1.817  -3.180  0.50   33.51  ? 287 HOH B O     1 
HETATM 747 O  O     . HOH G 4 .  ? 19.590  -5.220  7.246   0.50   29.95  ? 288 HOH B O     1 
HETATM 748 O  O     . HOH G 4 .  ? 16.490  -3.253  8.775   0.50   36.90  ? 289 HOH B O     1 
HETATM 749 O  O     . HOH G 4 .  ? -8.273  5.471   6.326   1.00   88.23  ? 290 HOH B O     1 
HETATM 750 O  O     A HOH G 4 .  ? -2.756  9.339   -5.741  0.50   32.47  ? 291 HOH B O     1 
HETATM 751 O  O     B HOH G 4 .  ? -2.472  7.874   -5.306  0.50   28.64  ? 291 HOH B O     1 
HETATM 752 O  O     . HOH G 4 .  ? 11.184  -4.282  10.997  1.00   45.28  ? 292 HOH B O     1 
HETATM 753 O  O     . HOH G 4 .  ? 13.256  -5.284  11.507  1.00   51.99  ? 293 HOH B O     1 
HETATM 754 O  O     . HOH G 4 .  ? 19.269  -6.116  -1.988  1.00   62.82  ? 294 HOH B O     1 
HETATM 755 O  O     . HOH G 4 .  ? 11.256  -13.342 1.876   1.00   43.78  ? 295 HOH B O     1 
HETATM 756 O  O     . HOH G 4 .  ? 9.399   -11.542 4.246   1.00   54.33  ? 296 HOH B O     1 
HETATM 757 O  O     . HOH G 4 .  ? 8.268   -10.118 6.387   1.00   36.67  ? 297 HOH B O     1 
HETATM 758 O  O     . HOH G 4 .  ? 5.749   -13.155 4.101   1.00   47.74  ? 298 HOH B O     1 
HETATM 759 O  O     . HOH G 4 .  ? 7.004   -11.302 4.783   1.00   58.14  ? 299 HOH B O     1 
HETATM 760 O  O     . HOH G 4 .  ? 5.111   -10.970 2.851   1.00   39.07  ? 300 HOH B O     1 
HETATM 761 O  O     . HOH G 4 .  ? 6.613   -9.351  7.750   0.50   36.86  ? 301 HOH B O     1 
HETATM 762 O  O     . HOH G 4 .  ? 11.729  -8.934  8.845   0.50   32.97  ? 302 HOH B O     1 
HETATM 763 O  O     . HOH G 4 .  ? 9.250   -9.384  0.183   1.00   41.84  ? 303 HOH B O     1 
HETATM 764 O  O     . HOH G 4 .  ? -5.507  -7.262  8.399   1.00   44.49  ? 304 HOH B O     1 
# 
loop_
_atom_site_anisotrop.id 
_atom_site_anisotrop.type_symbol 
_atom_site_anisotrop.pdbx_label_atom_id 
_atom_site_anisotrop.pdbx_label_alt_id 
_atom_site_anisotrop.pdbx_label_comp_id 
_atom_site_anisotrop.pdbx_label_asym_id 
_atom_site_anisotrop.pdbx_label_seq_id 
_atom_site_anisotrop.pdbx_PDB_ins_code 
_atom_site_anisotrop.U[1][1] 
_atom_site_anisotrop.U[2][2] 
_atom_site_anisotrop.U[3][3] 
_atom_site_anisotrop.U[1][2] 
_atom_site_anisotrop.U[1][3] 
_atom_site_anisotrop.U[2][3] 
_atom_site_anisotrop.pdbx_auth_seq_id 
_atom_site_anisotrop.pdbx_auth_comp_id 
_atom_site_anisotrop.pdbx_auth_asym_id 
_atom_site_anisotrop.pdbx_auth_atom_id 
1   O  "O5'" . DC  A 1  ? 0.4459 0.2924 0.1565 -0.0400 0.0248  0.0025  1   DC  A "O5'" 
2   C  "C5'" . DC  A 1  ? 0.3420 0.2740 0.1674 -0.0344 0.0244  0.0192  1   DC  A "C5'" 
3   C  "C4'" . DC  A 1  ? 0.3343 0.2768 0.1554 -0.0193 0.0386  0.0015  1   DC  A "C4'" 
4   O  "O4'" . DC  A 1  ? 0.3128 0.3085 0.1580 -0.0216 0.0147  -0.0085 1   DC  A "O4'" 
5   C  "C3'" . DC  A 1  ? 0.3545 0.2914 0.1724 -0.0027 0.0279  -0.0059 1   DC  A "C3'" 
6   O  "O3'" . DC  A 1  ? 0.4108 0.2872 0.2082 0.0005  0.0171  -0.0069 1   DC  A "O3'" 
7   C  "C2'" . DC  A 1  ? 0.3017 0.3128 0.1657 0.0004  0.0311  -0.0117 1   DC  A "C2'" 
8   C  "C1'" . DC  A 1  ? 0.2965 0.2927 0.1534 0.0005  0.0227  -0.0100 1   DC  A "C1'" 
9   N  N1    . DC  A 1  ? 0.2786 0.2842 0.1467 -0.0221 0.0277  -0.0016 1   DC  A N1    
10  C  C2    . DC  A 1  ? 0.2842 0.2826 0.1422 -0.0151 0.0302  0.0201  1   DC  A C2    
11  O  O2    . DC  A 1  ? 0.3379 0.2693 0.1648 -0.0010 0.0598  0.0103  1   DC  A O2    
12  N  N3    . DC  A 1  ? 0.2717 0.2676 0.1477 -0.0129 0.0267  0.0202  1   DC  A N3    
13  C  C4    . DC  A 1  ? 0.2981 0.2586 0.1552 -0.0356 0.0157  0.0181  1   DC  A C4    
14  N  N4    . DC  A 1  ? 0.3207 0.2556 0.1759 -0.0378 0.0271  0.0225  1   DC  A N4    
15  C  C5    . DC  A 1  ? 0.3077 0.2663 0.1769 -0.0372 0.0327  0.0189  1   DC  A C5    
16  C  C6    . DC  A 1  ? 0.3017 0.2798 0.1611 -0.0328 0.0285  -0.0005 1   DC  A C6    
17  P  P     . DG  A 2  ? 0.4309 0.3247 0.2338 0.0407  0.0007  -0.0077 2   DG  A P     
18  O  OP1   . DG  A 2  ? 0.5271 0.3193 0.2833 0.0737  -0.0281 -0.0462 2   DG  A OP1   
19  O  OP2   . DG  A 2  ? 0.3799 0.3934 0.3285 0.0424  0.0046  0.0644  2   DG  A OP2   
20  O  "O5'" . DG  A 2  ? 0.4019 0.2857 0.2120 0.0173  0.0129  0.0212  2   DG  A "O5'" 
21  C  "C5'" . DG  A 2  ? 0.3473 0.2532 0.2599 0.0195  0.0050  -0.0049 2   DG  A "C5'" 
22  C  "C4'" . DG  A 2  ? 0.3661 0.2254 0.2439 0.0101  0.0032  0.0124  2   DG  A "C4'" 
23  O  "O4'" . DG  A 2  ? 0.3471 0.2299 0.3356 0.0298  0.0045  0.0063  2   DG  A "O4'" 
24  C  "C3'" . DG  A 2  ? 0.3889 0.2704 0.1728 0.0518  -0.0077 -0.0124 2   DG  A "C3'" 
25  O  "O3'" . DG  A 2  ? 0.4956 0.4011 0.2349 0.1677  0.0477  0.0739  2   DG  A "O3'" 
26  C  "C2'" . DG  A 2  ? 0.3715 0.2614 0.2423 0.0693  -0.0319 -0.0603 2   DG  A "C2'" 
27  C  "C1'" . DG  A 2  ? 0.3515 0.2555 0.2221 0.0620  0.0130  0.0005  2   DG  A "C1'" 
28  N  N9    . DG  A 2  ? 0.3149 0.2336 0.1909 0.0334  0.0035  -0.0485 2   DG  A N9    
29  C  C8    . DG  A 2  ? 0.3089 0.2591 0.1770 0.0285  0.0002  -0.0360 2   DG  A C8    
30  N  N7    . DG  A 2  ? 0.2984 0.2600 0.1595 0.0230  0.0033  -0.0399 2   DG  A N7    
31  C  C5    . DG  A 2  ? 0.2841 0.2232 0.1613 -0.0006 0.0060  -0.0287 2   DG  A C5    
32  C  C6    . DG  A 2  ? 0.2499 0.2192 0.1553 -0.0042 0.0084  -0.0310 2   DG  A C6    
33  O  O6    . DG  A 2  ? 0.2773 0.2207 0.1762 -0.0059 0.0198  -0.0139 2   DG  A O6    
34  N  N1    . DG  A 2  ? 0.2563 0.2023 0.1845 -0.0072 0.0056  -0.0275 2   DG  A N1    
35  C  C2    . DG  A 2  ? 0.2553 0.2080 0.1702 -0.0053 0.0053  -0.0320 2   DG  A C2    
36  N  N2    . DG  A 2  ? 0.2690 0.1959 0.1896 -0.0082 0.0161  -0.0085 2   DG  A N2    
37  N  N3    . DG  A 2  ? 0.2812 0.2044 0.1863 0.0044  -0.0080 -0.0295 2   DG  A N3    
38  C  C4    . DG  A 2  ? 0.2815 0.2314 0.1606 0.0194  0.0046  -0.0303 2   DG  A C4    
39  P  P     . DC  A 3  ? 0.4514 0.2965 0.2117 0.1170  -0.0036 -0.0177 3   DC  A P     
40  O  OP1   . DC  A 3  ? 0.6065 0.2862 0.4468 0.1026  -0.1245 -0.0987 3   DC  A OP1   
41  O  OP2   . DC  A 3  ? 0.4807 0.4911 0.2726 0.1895  0.0276  -0.0740 3   DC  A OP2   
42  O  "O5'" . DC  A 3  ? 0.3625 0.2754 0.2354 0.0329  0.0114  -0.0559 3   DC  A "O5'" 
43  C  "C5'" . DC  A 3  ? 0.3282 0.2131 0.1957 -0.0209 0.0126  -0.0187 3   DC  A "C5'" 
44  C  "C4'" . DC  A 3  ? 0.2869 0.2216 0.1911 -0.0103 0.0158  -0.0194 3   DC  A "C4'" 
45  O  "O4'" . DC  A 3  ? 0.2978 0.1960 0.2118 -0.0158 0.0004  -0.0140 3   DC  A "O4'" 
46  C  "C3'" . DC  A 3  ? 0.2881 0.2243 0.2132 -0.0009 0.0113  -0.0096 3   DC  A "C3'" 
47  O  "O3'" . DC  A 3  ? 0.3471 0.2225 0.2066 -0.0271 0.0019  -0.0004 3   DC  A "O3'" 
48  C  "C2'" . DC  A 3  ? 0.2988 0.2253 0.2030 -0.0078 -0.0064 0.0016  3   DC  A "C2'" 
49  C  "C1'" . DC  A 3  ? 0.2902 0.2082 0.2048 -0.0110 0.0077  -0.0128 3   DC  A "C1'" 
50  N  N1    . DC  A 3  ? 0.2726 0.2107 0.1949 -0.0142 0.0097  -0.0179 3   DC  A N1    
51  C  C2    . DC  A 3  ? 0.2654 0.2190 0.1716 -0.0010 0.0008  -0.0319 3   DC  A C2    
52  O  O2    . DC  A 3  ? 0.2727 0.2121 0.1933 -0.0152 0.0164  -0.0295 3   DC  A O2    
53  N  N3    . DC  A 3  ? 0.2700 0.2067 0.1765 -0.0045 0.0010  -0.0240 3   DC  A N3    
54  C  C4    . DC  A 3  ? 0.2661 0.2187 0.1731 -0.0035 0.0001  -0.0289 3   DC  A C4    
55  N  N4    . DC  A 3  ? 0.2726 0.2248 0.1751 -0.0072 -0.0001 -0.0220 3   DC  A N4    
56  C  C5    . DC  A 3  ? 0.2747 0.2158 0.2195 -0.0005 0.0172  -0.0267 3   DC  A C5    
57  C  C6    . DC  A 3  ? 0.2730 0.2158 0.2080 -0.0088 0.0108  -0.0377 3   DC  A C6    
58  P  P     . DG  A 4  ? 0.3905 0.2130 0.2208 -0.0063 -0.0091 -0.0032 4   DG  A P     
59  O  OP1   . DG  A 4  ? 0.4981 0.2413 0.2274 -0.0415 0.0079  0.0223  4   DG  A OP1   
60  O  OP2   . DG  A 4  ? 0.3862 0.2427 0.2705 0.0370  -0.0453 -0.0177 4   DG  A OP2   
61  O  "O5'" . DG  A 4  ? 0.3202 0.2083 0.2237 -0.0099 -0.0119 0.0002  4   DG  A "O5'" 
62  C  "C5'" . DG  A 4  ? 0.2992 0.2387 0.2086 -0.0120 0.0003  0.0063  4   DG  A "C5'" 
63  C  "C4'" . DG  A 4  ? 0.3077 0.2474 0.1941 -0.0189 0.0180  -0.0112 4   DG  A "C4'" 
64  O  "O4'" . DG  A 4  ? 0.2900 0.2226 0.1931 -0.0165 0.0124  -0.0082 4   DG  A "O4'" 
65  C  "C3'" . DG  A 4  ? 0.3211 0.2521 0.1754 -0.0056 0.0094  -0.0144 4   DG  A "C3'" 
66  O  "O3'" . DG  A 4  ? 0.3597 0.2504 0.1881 -0.0246 0.0110  -0.0199 4   DG  A "O3'" 
67  C  "C2'" . DG  A 4  ? 0.3080 0.2210 0.1842 -0.0211 0.0046  -0.0025 4   DG  A "C2'" 
68  C  "C1'" . DG  A 4  ? 0.2845 0.2202 0.1841 -0.0046 0.0134  -0.0072 4   DG  A "C1'" 
69  N  N9    . DG  A 4  ? 0.2773 0.2232 0.1827 -0.0143 0.0059  -0.0192 4   DG  A N9    
70  C  C8    . DG  A 4  ? 0.2808 0.2353 0.1929 -0.0098 0.0054  -0.0336 4   DG  A C8    
71  N  N7    . DG  A 4  ? 0.2865 0.2208 0.1922 -0.0032 0.0008  -0.0311 4   DG  A N7    
72  C  C5    . DG  A 4  ? 0.2706 0.2235 0.1814 -0.0122 0.0083  -0.0285 4   DG  A C5    
73  C  C6    . DG  A 4  ? 0.2629 0.2197 0.1748 -0.0159 0.0034  -0.0260 4   DG  A C6    
74  O  O6    . DG  A 4  ? 0.2987 0.2376 0.1624 -0.0169 0.0161  -0.0229 4   DG  A O6    
75  N  N1    . DG  A 4  ? 0.2656 0.2232 0.1667 -0.0107 -0.0051 -0.0177 4   DG  A N1    
76  C  C2    . DG  A 4  ? 0.2641 0.2063 0.1839 -0.0174 0.0004  -0.0162 4   DG  A C2    
77  N  N2    . DG  A 4  ? 0.2589 0.2253 0.1908 -0.0083 0.0053  -0.0327 4   DG  A N2    
78  N  N3    . DG  A 4  ? 0.2682 0.2201 0.1726 -0.0103 0.0064  -0.0260 4   DG  A N3    
79  C  C4    . DG  A 4  ? 0.2477 0.2251 0.1832 -0.0087 0.0000  -0.0145 4   DG  A C4    
80  P  P     . DA  A 5  ? 0.5289 0.2783 0.1834 -0.0467 0.0513  0.0021  5   DA  A P     
81  O  OP1   . DA  A 5  ? 0.6230 0.3256 0.3523 -0.0978 0.2106  0.0024  5   DA  A OP1   
82  O  OP2   . DA  A 5  ? 0.5653 0.3326 0.3064 -0.0035 -0.0706 -0.0678 5   DA  A OP2   
83  O  "O5'" . DA  A 5  ? 0.4639 0.2945 0.1922 -0.0884 0.0551  -0.0471 5   DA  A "O5'" 
84  C  "C5'" . DA  A 5  ? 0.4067 0.2839 0.2812 -0.0797 0.0918  -0.0561 5   DA  A "C5'" 
85  C  "C4'" . DA  A 5  ? 0.3037 0.2634 0.2374 -0.0467 0.0892  -0.0646 5   DA  A "C4'" 
86  O  "O4'" . DA  A 5  ? 0.3025 0.2903 0.2094 -0.0564 0.0622  -0.0654 5   DA  A "O4'" 
87  C  "C3'" . DA  A 5  ? 0.3633 0.2691 0.2140 -0.0721 0.0770  -0.0835 5   DA  A "C3'" 
88  O  "O3'" . DA  A 5  ? 0.3519 0.2868 0.2158 -0.0596 0.0793  -0.0680 5   DA  A "O3'" 
89  C  "C2'" . DA  A 5  ? 0.3304 0.2604 0.1611 -0.0494 0.0506  -0.0288 5   DA  A "C2'" 
90  C  "C1'" . DA  A 5  ? 0.3004 0.2486 0.1689 -0.0465 0.0580  -0.0448 5   DA  A "C1'" 
91  N  N9    . DA  A 5  ? 0.2764 0.2558 0.1612 -0.0369 0.0352  -0.0256 5   DA  A N9    
92  C  C8    . DA  A 5  ? 0.2850 0.2645 0.1767 -0.0307 0.0320  -0.0146 5   DA  A C8    
93  N  N7    . DA  A 5  ? 0.2855 0.2481 0.1664 -0.0258 0.0181  -0.0169 5   DA  A N7    
94  C  C5    . DA  A 5  ? 0.2523 0.2358 0.1588 -0.0210 0.0099  -0.0218 5   DA  A C5    
95  C  C6    . DA  A 5  ? 0.2456 0.2271 0.1548 -0.0202 0.0131  -0.0329 5   DA  A C6    
96  N  N6    . DA  A 5  ? 0.2564 0.2233 0.1555 -0.0079 0.0090  -0.0204 5   DA  A N6    
97  N  N1    . DA  A 5  ? 0.2565 0.2356 0.1509 -0.0103 0.0093  -0.0210 5   DA  A N1    
98  C  C2    . DA  A 5  ? 0.2642 0.2319 0.1531 -0.0186 0.0187  -0.0305 5   DA  A C2    
99  N  N3    . DA  A 5  ? 0.2648 0.2445 0.1573 -0.0195 0.0205  -0.0378 5   DA  A N3    
100 C  C4    . DA  A 5  ? 0.2552 0.2440 0.1566 -0.0288 0.0151  -0.0290 5   DA  A C4    
101 P  P     . DA  A 6  ? 0.3339 0.2827 0.1923 -0.0369 0.0393  -0.0503 6   DA  A P     
102 O  OP1   . DA  A 6  ? 0.3417 0.2835 0.2214 -0.0295 0.0466  -0.0566 6   DA  A OP1   
103 O  OP2   . DA  A 6  ? 0.3128 0.2488 0.1911 -0.0447 0.0248  -0.0103 6   DA  A OP2   
104 O  "O5'" . DA  A 6  ? 0.3142 0.2608 0.2109 -0.0565 0.0534  -0.0524 6   DA  A "O5'" 
105 C  "C5'" . DA  A 6  ? 0.3240 0.2829 0.2127 -0.0285 0.0542  -0.0402 6   DA  A "C5'" 
106 C  "C4'" . DA  A 6  ? 0.2700 0.2636 0.2221 -0.0158 0.0372  -0.0744 6   DA  A "C4'" 
107 O  "O4'" . DA  A 6  ? 0.2733 0.2784 0.2280 0.0016  0.0333  -0.0982 6   DA  A "O4'" 
108 C  "C3'" . DA  A 6  ? 0.2731 0.2530 0.2058 -0.0227 0.0415  -0.0541 6   DA  A "C3'" 
109 O  "O3'" . DA  A 6  ? 0.2711 0.2452 0.2175 -0.0050 0.0290  -0.0514 6   DA  A "O3'" 
110 C  "C2'" . DA  A 6  ? 0.2840 0.2171 0.1824 -0.0200 0.0365  -0.0400 6   DA  A "C2'" 
111 C  "C1'" . DA  A 6  ? 0.2600 0.2283 0.1869 -0.0100 0.0313  -0.0467 6   DA  A "C1'" 
112 N  N9    . DA  A 6  ? 0.2579 0.2249 0.1567 -0.0061 0.0228  -0.0313 6   DA  A N9    
113 C  C8    . DA  A 6  ? 0.2637 0.2166 0.1811 -0.0242 0.0290  -0.0261 6   DA  A C8    
114 N  N7    . DA  A 6  ? 0.2624 0.2299 0.1509 -0.0168 0.0284  -0.0280 6   DA  A N7    
115 C  C5    . DA  A 6  ? 0.2443 0.2309 0.1418 -0.0071 0.0137  -0.0193 6   DA  A C5    
116 C  C6    . DA  A 6  ? 0.2365 0.2164 0.1356 -0.0166 0.0078  -0.0238 6   DA  A C6    
117 N  N6    . DA  A 6  ? 0.2523 0.2123 0.1550 -0.0077 0.0186  -0.0220 6   DA  A N6    
118 N  N1    . DA  A 6  ? 0.2523 0.2181 0.1413 -0.0083 0.0104  -0.0218 6   DA  A N1    
119 C  C2    . DA  A 6  ? 0.2583 0.2137 0.1508 -0.0132 0.0112  -0.0281 6   DA  A C2    
120 N  N3    . DA  A 6  ? 0.2625 0.2243 0.1441 -0.0014 0.0130  -0.0292 6   DA  A N3    
121 C  C4    . DA  A 6  ? 0.2552 0.2306 0.1350 -0.0131 0.0176  -0.0294 6   DA  A C4    
122 P  P     . DT  A 7  ? 0.2763 0.2295 0.1854 -0.0071 0.0401  -0.0477 7   DT  A P     
123 O  OP1   . DT  A 7  ? 0.3054 0.2552 0.2199 0.0025  0.0534  -0.0375 7   DT  A OP1   
124 O  OP2   . DT  A 7  ? 0.2967 0.2440 0.1643 -0.0316 0.0323  -0.0370 7   DT  A OP2   
125 O  "O5'" . DT  A 7  ? 0.2735 0.2312 0.1686 -0.0032 0.0418  -0.0345 7   DT  A "O5'" 
126 C  "C5'" . DT  A 7  ? 0.2762 0.2286 0.1768 0.0018  0.0337  -0.0236 7   DT  A "C5'" 
127 C  "C4'" . DT  A 7  ? 0.2829 0.2268 0.1827 0.0086  0.0472  -0.0303 7   DT  A "C4'" 
128 O  "O4'" . DT  A 7  ? 0.2651 0.2251 0.1738 0.0052  0.0180  -0.0323 7   DT  A "O4'" 
129 C  "C3'" . DT  A 7  ? 0.2820 0.2388 0.1856 0.0080  0.0453  -0.0249 7   DT  A "C3'" 
130 O  "O3'" . DT  A 7  ? 0.3224 0.2316 0.2423 0.0065  0.0741  -0.0233 7   DT  A "O3'" 
131 C  "C2'" . DT  A 7  ? 0.2723 0.2263 0.1866 -0.0126 0.0315  -0.0189 7   DT  A "C2'" 
132 C  "C1'" . DT  A 7  ? 0.2656 0.2315 0.1577 0.0048  0.0202  -0.0333 7   DT  A "C1'" 
133 N  N1    . DT  A 7  ? 0.2543 0.2368 0.1334 0.0018  0.0251  -0.0280 7   DT  A N1    
134 C  C2    . DT  A 7  ? 0.2572 0.2304 0.1400 0.0005  0.0104  -0.0378 7   DT  A C2    
135 O  O2    . DT  A 7  ? 0.2756 0.2274 0.1463 0.0060  0.0243  -0.0303 7   DT  A O2    
136 N  N3    . DT  A 7  ? 0.2534 0.2213 0.1388 -0.0011 0.0147  -0.0363 7   DT  A N3    
137 C  C4    . DT  A 7  ? 0.2575 0.2303 0.1350 -0.0052 0.0021  -0.0223 7   DT  A C4    
138 O  O4    . DT  A 7  ? 0.2725 0.2274 0.1527 -0.0020 0.0091  -0.0223 7   DT  A O4    
139 C  C5    . DT  A 7  ? 0.2580 0.2421 0.1326 -0.0135 0.0101  -0.0243 7   DT  A C5    
140 C  C7    . DT  A 7  ? 0.2788 0.2523 0.1516 -0.0015 0.0316  -0.0157 7   DT  A C7    
141 C  C6    . DT  A 7  ? 0.2509 0.2357 0.1431 -0.0189 0.0203  -0.0308 7   DT  A C6    
142 P  P     . DT  A 8  ? 0.3767 0.2436 0.2758 -0.0492 0.0995  -0.0761 8   DT  A P     
143 O  OP1   . DT  A 8  ? 0.4652 0.1910 0.4345 -0.0168 0.1525  -0.0618 8   DT  A OP1   
144 O  OP2   . DT  A 8  ? 0.4647 0.3042 0.2897 -0.1214 0.0646  -0.1170 8   DT  A OP2   
145 O  "O5'" . DT  A 8  ? 0.3043 0.2671 0.2022 -0.0265 0.0485  -0.0080 8   DT  A "O5'" 
146 C  "C5'" . DT  A 8  ? 0.2976 0.2357 0.2086 0.0145  0.0370  -0.0040 8   DT  A "C5'" 
147 C  "C4'" . DT  A 8  ? 0.3008 0.2193 0.2425 0.0149  0.0409  0.0080  8   DT  A "C4'" 
148 O  "O4'" . DT  A 8  ? 0.2883 0.2236 0.2656 -0.0103 0.0164  0.0160  8   DT  A "O4'" 
149 C  "C3'" . DT  A 8  ? 0.2866 0.2361 0.3504 0.0005  0.0706  0.0013  8   DT  A "C3'" 
150 O  "O3'" . DT  A 8  ? 0.3265 0.2881 0.3935 0.0214  0.1163  0.1118  8   DT  A "O3'" 
151 C  "C2'" . DT  A 8  ? 0.2809 0.2413 0.2651 -0.0093 0.0327  -0.0509 8   DT  A "C2'" 
152 C  "C1'" . DT  A 8  ? 0.2836 0.2157 0.2233 -0.0018 0.0137  -0.0136 8   DT  A "C1'" 
153 N  N1    . DT  A 8  ? 0.2754 0.2266 0.1733 0.0082  0.0082  -0.0263 8   DT  A N1    
154 C  C2    . DT  A 8  ? 0.2657 0.2208 0.1649 0.0067  0.0130  -0.0219 8   DT  A C2    
155 O  O2    . DT  A 8  ? 0.2902 0.2205 0.1632 0.0051  0.0209  -0.0196 8   DT  A O2    
156 N  N3    . DT  A 8  ? 0.2626 0.2323 0.1536 0.0091  0.0191  -0.0229 8   DT  A N3    
157 C  C4    . DT  A 8  ? 0.2527 0.2456 0.1561 0.0010  0.0064  -0.0361 8   DT  A C4    
158 O  O4    . DT  A 8  ? 0.2735 0.2674 0.1557 0.0133  0.0202  -0.0247 8   DT  A O4    
159 C  C5    . DT  A 8  ? 0.2624 0.2486 0.1681 0.0040  -0.0041 -0.0504 8   DT  A C5    
160 C  C7    . DT  A 8  ? 0.2945 0.2676 0.1767 0.0206  0.0070  -0.0549 8   DT  A C7    
161 C  C6    . DT  A 8  ? 0.2584 0.2368 0.1941 0.0040  0.0120  -0.0481 8   DT  A C6    
162 P  P     . 5HC A 9  ? 0.3177 0.2826 0.4079 0.0008  0.0856  0.0291  9   5HC A P     
163 O  OP1   . 5HC A 9  ? 0.4093 0.2945 0.5263 -0.0552 0.1201  0.1001  9   5HC A OP1   
164 O  OP2   . 5HC A 9  ? 0.3419 0.3418 0.4190 -0.0392 0.0553  0.0120  9   5HC A OP2   
165 O  "O5'" . 5HC A 9  ? 0.3024 0.2534 0.3673 -0.0297 0.0713  0.0045  9   5HC A "O5'" 
166 C  "C5'" . 5HC A 9  ? 0.2970 0.2695 0.2647 -0.0059 0.0447  0.0356  9   5HC A "C5'" 
167 C  "C4'" . 5HC A 9  ? 0.3086 0.2666 0.1760 0.0048  0.0198  0.0380  9   5HC A "C4'" 
168 O  "O4'" . 5HC A 9  ? 0.2910 0.2572 0.1760 -0.0023 0.0241  0.0314  9   5HC A "O4'" 
169 C  "C3'" . 5HC A 9  ? 0.2991 0.3579 0.2191 0.0303  0.0500  0.0123  9   5HC A "C3'" 
170 O  "O3'" . 5HC A 9  ? 0.3676 0.4388 0.1924 0.1257  0.0328  -0.0233 9   5HC A "O3'" 
171 C  "C2'" . 5HC A 9  ? 0.2871 0.2501 0.2254 0.0081  0.0196  0.0288  9   5HC A "C2'" 
172 C  "C1'" . 5HC A 9  ? 0.2930 0.2552 0.1747 0.0151  0.0224  0.0138  9   5HC A "C1'" 
173 N  N1    . 5HC A 9  ? 0.2611 0.2229 0.1696 -0.0122 0.0093  -0.0007 9   5HC A N1    
174 C  C2    . 5HC A 9  ? 0.2568 0.2180 0.1645 0.0041  0.0170  -0.0040 9   5HC A C2    
175 O  O2    . 5HC A 9  ? 0.2842 0.2278 0.1797 0.0083  0.0213  0.0033  9   5HC A O2    
176 N  N3    . 5HC A 9  ? 0.2508 0.2326 0.1652 0.0069  0.0069  -0.0017 9   5HC A N3    
177 C  C4    . 5HC A 9  ? 0.2396 0.2330 0.1691 -0.0017 0.0180  -0.0176 9   5HC A C4    
178 N  N4    . 5HC A 9  ? 0.2834 0.2530 0.1536 0.0133  0.0180  -0.0314 9   5HC A N4    
179 C  C5    . 5HC A 9  ? 0.2535 0.2287 0.2023 -0.0259 0.0144  -0.0271 9   5HC A C5    
180 C  C5M   A 5HC A 9  ? 0.2966 0.2368 0.2166 -0.0323 0.0318  -0.0283 9   5HC A C5M   
181 C  C5M   B 5HC A 9  ? 0.2827 0.2392 0.2376 0.0012  -0.0048 -0.0348 9   5HC A C5M   
182 O  O5    A 5HC A 9  ? 0.3396 0.3041 0.2393 -0.0546 0.0384  -0.0639 9   5HC A O5    
183 O  O5    B 5HC A 9  ? 0.2883 0.2070 0.2632 0.0065  -0.0208 -0.0486 9   5HC A O5    
184 C  C6    . 5HC A 9  ? 0.2570 0.2433 0.1941 -0.0171 0.0080  -0.0211 9   5HC A C6    
185 P  P     . DG  A 10 ? 0.4047 0.6140 0.1853 0.1894  0.0947  0.1092  10  DG  A P     
186 O  OP1   . DG  A 10 ? 0.5329 0.7126 0.3236 0.3050  -0.0186 -0.0368 10  DG  A OP1   
187 O  OP2   . DG  A 10 ? 0.5539 0.5951 0.4766 0.1388  -0.0282 0.0586  10  DG  A OP2   
188 O  "O5'" . DG  A 10 ? 0.3617 0.3879 0.1838 0.0871  0.0653  0.0706  10  DG  A "O5'" 
189 C  "C5'" . DG  A 10 ? 0.3274 0.4038 0.1632 0.0441  0.0302  0.0024  10  DG  A "C5'" 
190 C  "C4'" . DG  A 10 ? 0.3254 0.2779 0.1784 0.0375  0.0422  -0.0016 10  DG  A "C4'" 
191 O  "O4'" . DG  A 10 ? 0.3045 0.2611 0.1767 0.0126  0.0467  -0.0071 10  DG  A "O4'" 
192 C  "C3'" . DG  A 10 ? 0.3176 0.3132 0.1886 0.0376  0.0379  0.0373  10  DG  A "C3'" 
193 O  "O3'" . DG  A 10 ? 0.3241 0.3096 0.1940 0.0421  0.0556  0.0295  10  DG  A "O3'" 
194 C  "C2'" . DG  A 10 ? 0.3025 0.2852 0.2147 -0.0026 0.0472  0.0295  10  DG  A "C2'" 
195 C  "C1'" . DG  A 10 ? 0.3034 0.2410 0.1927 0.0022  0.0445  0.0035  10  DG  A "C1'" 
196 N  N9    . DG  A 10 ? 0.2877 0.2368 0.1789 -0.0091 0.0250  -0.0027 10  DG  A N9    
197 C  C8    . DG  A 10 ? 0.2882 0.2292 0.2007 -0.0117 0.0279  0.0099  10  DG  A C8    
198 N  N7    . DG  A 10 ? 0.2892 0.2216 0.2011 -0.0106 0.0234  -0.0002 10  DG  A N7    
199 C  C5    . DG  A 10 ? 0.2757 0.2203 0.1819 -0.0123 0.0012  -0.0023 10  DG  A C5    
200 C  C6    . DG  A 10 ? 0.2607 0.2361 0.1640 -0.0028 0.0127  -0.0212 10  DG  A C6    
201 O  O6    . DG  A 10 ? 0.2944 0.2444 0.1794 0.0076  0.0165  -0.0254 10  DG  A O6    
202 N  N1    . DG  A 10 ? 0.2667 0.2296 0.1595 -0.0048 0.0175  -0.0151 10  DG  A N1    
203 C  C2    . DG  A 10 ? 0.2710 0.2237 0.1534 0.0082  0.0143  -0.0062 10  DG  A C2    
204 N  N2    . DG  A 10 ? 0.2819 0.2310 0.1566 0.0038  0.0220  -0.0002 10  DG  A N2    
205 N  N3    . DG  A 10 ? 0.2810 0.2207 0.1671 -0.0034 0.0188  -0.0109 10  DG  A N3    
206 C  C4    . DG  A 10 ? 0.2836 0.2296 0.1717 -0.0047 0.0023  0.0021  10  DG  A C4    
207 P  P     . DC  A 11 ? 0.3374 0.3303 0.1972 0.0436  0.0588  0.0201  11  DC  A P     
208 O  OP1   . DC  A 11 ? 0.4128 0.3816 0.1751 0.0382  0.0532  0.0352  11  DC  A OP1   
209 O  OP2   . DC  A 11 ? 0.3493 0.3659 0.2790 0.0454  0.0523  0.0393  11  DC  A OP2   
210 O  "O5'" . DC  A 11 ? 0.3276 0.3134 0.1963 0.0289  0.0563  -0.0162 11  DC  A "O5'" 
211 C  "C5'" . DC  A 11 ? 0.3494 0.3067 0.1858 0.0395  0.0251  -0.0099 11  DC  A "C5'" 
212 C  "C4'" . DC  A 11 ? 0.3197 0.2778 0.1715 0.0324  0.0156  -0.0293 11  DC  A "C4'" 
213 O  "O4'" . DC  A 11 ? 0.3034 0.3028 0.1606 0.0311  0.0121  -0.0299 11  DC  A "O4'" 
214 C  "C3'" . DC  A 11 ? 0.3191 0.3003 0.1666 0.0310  0.0182  -0.0238 11  DC  A "C3'" 
215 O  "O3'" . DC  A 11 ? 0.3587 0.2942 0.2337 0.0271  -0.0133 -0.0161 11  DC  A "O3'" 
216 C  "C2'" . DC  A 11 ? 0.3072 0.2919 0.1683 0.0283  0.0160  -0.0203 11  DC  A "C2'" 
217 C  "C1'" . DC  A 11 ? 0.2949 0.2535 0.1756 0.0038  0.0085  -0.0157 11  DC  A "C1'" 
218 N  N1    . DC  A 11 ? 0.2802 0.2381 0.1621 -0.0016 0.0162  -0.0101 11  DC  A N1    
219 C  C2    . DC  A 11 ? 0.2798 0.2415 0.1591 0.0003  0.0169  0.0006  11  DC  A C2    
220 O  O2    . DC  A 11 ? 0.2959 0.2392 0.1634 -0.0066 0.0226  -0.0170 11  DC  A O2    
221 N  N3    . DC  A 11 ? 0.2707 0.2425 0.1644 -0.0164 0.0192  0.0010  11  DC  A N3    
222 C  C4    . DC  A 11 ? 0.2790 0.2483 0.1775 -0.0183 0.0273  -0.0002 11  DC  A C4    
223 N  N4    . DC  A 11 ? 0.2986 0.2418 0.1795 -0.0223 0.0170  0.0008  11  DC  A N4    
224 C  C5    . DC  A 11 ? 0.3086 0.2728 0.1773 -0.0094 0.0408  0.0189  11  DC  A C5    
225 C  C6    . DC  A 11 ? 0.3040 0.2603 0.1940 -0.0052 0.0286  0.0158  11  DC  A C6    
226 P  P     . DG  A 12 ? 0.4482 0.3624 0.2426 0.1232  -0.0051 -0.0372 12  DG  A P     
227 O  OP1   . DG  A 12 ? 0.4939 0.3805 0.1724 0.1148  0.0227  -0.0490 12  DG  A OP1   
228 O  OP2   . DG  A 12 ? 0.4474 0.3531 0.4487 0.0918  -0.1003 -0.0530 12  DG  A OP2   
229 O  "O5'" . DG  A 12 ? 0.5423 0.4189 0.2974 0.0589  -0.1199 -0.0326 12  DG  A "O5'" 
230 C  "C5'" . DG  A 12 ? 0.3191 0.4284 0.2447 -0.0090 0.0642  0.0968  12  DG  A "C5'" 
231 C  "C4'" . DG  A 12 ? 0.2980 0.2347 0.2172 -0.0101 0.0002  -0.0030 12  DG  A "C4'" 
232 O  "O4'" . DG  A 12 ? 0.3223 0.2368 0.4632 -0.0051 0.0306  -0.0924 12  DG  A "O4'" 
233 C  "C3'" . DG  A 12 ? 0.3121 0.2379 0.1871 -0.0055 0.0267  -0.0029 12  DG  A "C3'" 
234 O  "O3'" . DG  A 12 ? 0.3319 0.2255 0.1959 0.0063  0.0083  -0.0173 12  DG  A "O3'" 
235 C  "C2'" . DG  A 12 ? 0.2895 0.2432 0.2395 -0.0100 0.0272  0.0028  12  DG  A "C2'" 
236 C  "C1'" . DG  A 12 ? 0.3044 0.2241 0.2766 -0.0116 0.0128  -0.0280 12  DG  A "C1'" 
237 N  N9    . DG  A 12 ? 0.3069 0.2280 0.2141 -0.0147 0.0109  -0.0035 12  DG  A N9    
238 C  C8    . DG  A 12 ? 0.2983 0.2337 0.2016 -0.0157 -0.0104 -0.0062 12  DG  A C8    
239 N  N7    . DG  A 12 ? 0.3075 0.2330 0.2101 -0.0168 0.0068  0.0168  12  DG  A N7    
240 C  C5    . DG  A 12 ? 0.2972 0.2319 0.1894 -0.0233 -0.0066 0.0011  12  DG  A C5    
241 C  C6    . DG  A 12 ? 0.2905 0.2168 0.2083 -0.0004 -0.0051 0.0032  12  DG  A C6    
242 O  O6    . DG  A 12 ? 0.3349 0.2321 0.2167 -0.0167 -0.0045 0.0153  12  DG  A O6    
243 N  N1    . DG  A 12 ? 0.3064 0.2220 0.2122 -0.0148 -0.0005 -0.0001 12  DG  A N1    
244 C  C2    . DG  A 12 ? 0.2741 0.2045 0.2390 0.0006  0.0177  0.0110  12  DG  A C2    
245 N  N2    . DG  A 12 ? 0.3043 0.2148 0.2329 0.0040  0.0267  -0.0200 12  DG  A N2    
246 N  N3    . DG  A 12 ? 0.3005 0.2042 0.2096 -0.0084 0.0200  0.0040  12  DG  A N3    
247 C  C4    . DG  A 12 ? 0.2910 0.2090 0.2214 -0.0082 -0.0047 -0.0015 12  DG  A C4    
248 O  "O5'" . DC  B 1  ? 0.5532 0.3090 0.4767 0.0018  0.0145  -0.0516 13  DC  B "O5'" 
249 C  "C5'" . DC  B 1  ? 0.4368 0.2766 0.3916 -0.0231 0.0681  -0.0617 13  DC  B "C5'" 
250 C  "C4'" . DC  B 1  ? 0.4313 0.2626 0.2753 -0.0193 0.0638  -0.0422 13  DC  B "C4'" 
251 O  "O4'" . DC  B 1  ? 0.3761 0.2661 0.2510 -0.0109 0.0414  -0.0402 13  DC  B "O4'" 
252 C  "C3'" . DC  B 1  ? 0.4240 0.3013 0.2612 0.0049  0.0370  -0.0240 13  DC  B "C3'" 
253 O  "O3'" . DC  B 1  ? 0.4567 0.3308 0.2364 -0.0393 0.0929  -0.0451 13  DC  B "O3'" 
254 C  "C2'" . DC  B 1  ? 0.3985 0.2792 0.2915 0.0141  0.0045  -0.0367 13  DC  B "C2'" 
255 C  "C1'" . DC  B 1  ? 0.4079 0.2696 0.2390 0.0274  0.0012  -0.0664 13  DC  B "C1'" 
256 N  N1    . DC  B 1  ? 0.3446 0.2297 0.2688 0.0019  0.0182  -0.0034 13  DC  B N1    
257 C  C2    . DC  B 1  ? 0.3528 0.2372 0.2246 -0.0306 0.0119  -0.0164 13  DC  B C2    
258 O  O2    . DC  B 1  ? 0.3485 0.2416 0.2383 0.0027  0.0077  -0.0313 13  DC  B O2    
259 N  N3    . DC  B 1  ? 0.3115 0.2177 0.2514 -0.0155 0.0127  -0.0013 13  DC  B N3    
260 C  C4    . DC  B 1  ? 0.3129 0.2213 0.2403 -0.0113 0.0188  0.0129  13  DC  B C4    
261 N  N4    . DC  B 1  ? 0.3277 0.2348 0.2442 -0.0267 0.0236  0.0099  13  DC  B N4    
262 C  C5    . DC  B 1  ? 0.3636 0.2215 0.2549 0.0109  0.0233  0.0123  13  DC  B C5    
263 C  C6    . DC  B 1  ? 0.3873 0.2350 0.2605 -0.0203 0.0307  0.0074  13  DC  B C6    
264 P  P     . DG  B 2  ? 0.4594 0.3895 0.2607 -0.0304 0.0887  -0.0645 14  DG  B P     
265 O  OP1   . DG  B 2  ? 0.6316 0.4425 0.2361 -0.0635 0.1182  -0.0977 14  DG  B OP1   
266 O  OP2   . DG  B 2  ? 0.6061 0.3451 0.4181 0.0587  0.1909  -0.0926 14  DG  B OP2   
267 O  "O5'" . DG  B 2  ? 0.3920 0.2857 0.2578 -0.0050 0.0893  -0.0529 14  DG  B "O5'" 
268 C  "C5'" . DG  B 2  ? 0.3251 0.3117 0.2030 -0.0249 0.0304  -0.0313 14  DG  B "C5'" 
269 C  "C4'" . DG  B 2  ? 0.3234 0.2509 0.1821 0.0096  0.0547  0.0080  14  DG  B "C4'" 
270 O  "O4'" . DG  B 2  ? 0.3696 0.2636 0.1712 0.0061  0.0645  -0.0105 14  DG  B "O4'" 
271 C  "C3'" . DG  B 2  ? 0.3534 0.2606 0.2007 -0.0163 0.0198  -0.0121 14  DG  B "C3'" 
272 O  "O3'" . DG  B 2  ? 0.3539 0.2739 0.1555 -0.0051 0.0413  0.0108  14  DG  B "O3'" 
273 C  "C2'" . DG  B 2  ? 0.3325 0.2931 0.2077 -0.0083 0.0258  0.0120  14  DG  B "C2'" 
274 C  "C1'" . DG  B 2  ? 0.3631 0.2777 0.1585 -0.0110 0.0624  -0.0188 14  DG  B "C1'" 
275 N  N9    . DG  B 2  ? 0.3920 0.2378 0.1667 -0.0120 0.0622  -0.0192 14  DG  B N9    
276 C  C8    . DG  B 2  ? 0.3904 0.2370 0.1856 -0.0129 0.0408  -0.0093 14  DG  B C8    
277 N  N7    . DG  B 2  ? 0.3532 0.2438 0.1873 -0.0052 0.0511  -0.0057 14  DG  B N7    
278 C  C5    . DG  B 2  ? 0.3189 0.2272 0.1716 -0.0185 0.0273  -0.0128 14  DG  B C5    
279 C  C6    . DG  B 2  ? 0.2823 0.2134 0.1580 -0.0183 0.0126  -0.0007 14  DG  B C6    
280 O  O6    . DG  B 2  ? 0.2961 0.2282 0.1634 -0.0162 0.0157  0.0018  14  DG  B O6    
281 N  N1    . DG  B 2  ? 0.2700 0.2224 0.1602 -0.0146 0.0184  0.0029  14  DG  B N1    
282 C  C2    . DG  B 2  ? 0.2824 0.2233 0.1519 -0.0145 0.0203  -0.0028 14  DG  B C2    
283 N  N2    . DG  B 2  ? 0.2934 0.2320 0.1523 -0.0082 0.0124  0.0027  14  DG  B N2    
284 N  N3    . DG  B 2  ? 0.3251 0.2207 0.1498 -0.0126 0.0314  -0.0031 14  DG  B N3    
285 C  C4    . DG  B 2  ? 0.3365 0.2254 0.1471 -0.0135 0.0290  -0.0141 14  DG  B C4    
286 P  P     . DC  B 3  ? 0.3104 0.3183 0.1704 0.0158  0.0385  -0.0035 15  DC  B P     
287 O  OP1   . DC  B 3  ? 0.3276 0.3858 0.1542 -0.0022 0.0466  0.0271  15  DC  B OP1   
288 O  OP2   . DC  B 3  ? 0.3249 0.3691 0.2494 0.0545  0.0292  -0.0508 15  DC  B OP2   
289 O  "O5'" . DC  B 3  ? 0.3001 0.2890 0.1761 0.0146  0.0221  0.0040  15  DC  B "O5'" 
290 C  "C5'" . DC  B 3  ? 0.2838 0.2634 0.1703 0.0060  0.0174  0.0219  15  DC  B "C5'" 
291 C  "C4'" . DC  B 3  ? 0.2714 0.2778 0.1730 -0.0008 0.0290  0.0148  15  DC  B "C4'" 
292 O  "O4'" . DC  B 3  ? 0.3044 0.3095 0.1533 -0.0323 0.0227  0.0132  15  DC  B "O4'" 
293 C  "C3'" . DC  B 3  ? 0.2748 0.2635 0.1763 0.0121  0.0256  0.0226  15  DC  B "C3'" 
294 O  "O3'" . DC  B 3  ? 0.2957 0.2771 0.1831 -0.0008 0.0162  0.0305  15  DC  B "O3'" 
295 C  "C2'" . DC  B 3  ? 0.3180 0.2897 0.1701 -0.0177 0.0146  0.0172  15  DC  B "C2'" 
296 C  "C1'" . DC  B 3  ? 0.3172 0.2770 0.1597 -0.0077 0.0216  0.0002  15  DC  B "C1'" 
297 N  N1    . DC  B 3  ? 0.2970 0.2696 0.1592 -0.0097 0.0271  -0.0100 15  DC  B N1    
298 C  C2    . DC  B 3  ? 0.2827 0.2498 0.1449 0.0081  0.0196  -0.0069 15  DC  B C2    
299 O  O2    . DC  B 3  ? 0.3001 0.2457 0.1463 0.0028  0.0289  -0.0163 15  DC  B O2    
300 N  N3    . DC  B 3  ? 0.2812 0.2524 0.1595 0.0127  0.0233  -0.0259 15  DC  B N3    
301 C  C4    . DC  B 3  ? 0.2998 0.2758 0.1921 0.0108  0.0452  -0.0305 15  DC  B C4    
302 N  N4    . DC  B 3  ? 0.3261 0.2844 0.1958 0.0201  0.0457  -0.0385 15  DC  B N4    
303 C  C5    . DC  B 3  ? 0.3592 0.3203 0.1758 0.0158  0.0490  -0.0298 15  DC  B C5    
304 C  C6    . DC  B 3  ? 0.3286 0.3003 0.1930 -0.0036 0.0608  -0.0242 15  DC  B C6    
305 P  P     . DG  B 4  ? 0.3085 0.2970 0.1951 -0.0270 0.0267  0.0282  16  DG  B P     
306 O  OP1   . DG  B 4  ? 0.3467 0.3536 0.2204 -0.0550 0.0263  0.0700  16  DG  B OP1   
307 O  OP2   . DG  B 4  ? 0.2892 0.3575 0.2245 -0.0180 0.0373  0.0023  16  DG  B OP2   
308 O  "O5'" . DG  B 4  ? 0.2953 0.2675 0.1953 -0.0028 0.0137  0.0260  16  DG  B "O5'" 
309 C  "C5'" . DG  B 4  ? 0.3034 0.2457 0.2035 0.0082  -0.0062 0.0037  16  DG  B "C5'" 
310 C  "C4'" . DG  B 4  ? 0.2896 0.2636 0.2068 -0.0181 -0.0014 0.0348  16  DG  B "C4'" 
311 O  "O4'" . DG  B 4  ? 0.2843 0.2460 0.1867 -0.0068 0.0059  0.0149  16  DG  B "O4'" 
312 C  "C3'" . DG  B 4  ? 0.3191 0.2282 0.2143 -0.0204 -0.0099 -0.0033 16  DG  B "C3'" 
313 O  "O3'" . DG  B 4  ? 0.3269 0.2438 0.2137 -0.0047 -0.0201 -0.0019 16  DG  B "O3'" 
314 C  "C2'" . DG  B 4  ? 0.2954 0.2590 0.2060 -0.0104 0.0090  0.0242  16  DG  B "C2'" 
315 C  "C1'" . DG  B 4  ? 0.2936 0.2383 0.1819 -0.0115 0.0018  0.0067  16  DG  B "C1'" 
316 N  N9    . DG  B 4  ? 0.2672 0.2429 0.1631 0.0034  0.0146  0.0086  16  DG  B N9    
317 C  C8    . DG  B 4  ? 0.2834 0.2584 0.1676 0.0034  0.0227  0.0058  16  DG  B C8    
318 N  N7    . DG  B 4  ? 0.2764 0.2643 0.1840 -0.0007 0.0329  0.0077  16  DG  B N7    
319 C  C5    . DG  B 4  ? 0.2622 0.2482 0.1548 0.0006  0.0117  -0.0046 16  DG  B C5    
320 C  C6    . DG  B 4  ? 0.2650 0.2477 0.1495 0.0059  0.0192  -0.0069 16  DG  B C6    
321 O  O6    . DG  B 4  ? 0.2712 0.2631 0.1611 0.0234  0.0165  -0.0118 16  DG  B O6    
322 N  N1    . DG  B 4  ? 0.2634 0.2268 0.1576 0.0047  0.0191  -0.0024 16  DG  B N1    
323 C  C2    . DG  B 4  ? 0.2632 0.2248 0.1480 0.0070  0.0042  -0.0035 16  DG  B C2    
324 N  N2    . DG  B 4  ? 0.2728 0.2326 0.1472 0.0042  0.0165  -0.0079 16  DG  B N2    
325 N  N3    . DG  B 4  ? 0.2702 0.2313 0.1441 -0.0021 0.0122  -0.0054 16  DG  B N3    
326 C  C4    . DG  B 4  ? 0.2602 0.2325 0.1488 0.0043  0.0063  0.0020  16  DG  B C4    
327 P  P     . DA  B 5  ? 0.3366 0.2395 0.2234 -0.0086 -0.0243 -0.0065 17  DA  B P     
328 O  OP1   . DA  B 5  ? 0.3645 0.2343 0.2546 -0.0014 -0.0343 -0.0133 17  DA  B OP1   
329 O  OP2   . DA  B 5  ? 0.3552 0.2624 0.2643 -0.0220 -0.0310 -0.0050 17  DA  B OP2   
330 O  "O5'" . DA  B 5  ? 0.3105 0.2350 0.2138 0.0080  -0.0148 0.0020  17  DA  B "O5'" 
331 C  "C5'" . DA  B 5  ? 0.2947 0.2353 0.2026 0.0233  -0.0065 -0.0099 17  DA  B "C5'" 
332 C  "C4'" . DA  B 5  ? 0.3052 0.2200 0.1916 0.0216  -0.0109 -0.0220 17  DA  B "C4'" 
333 O  "O4'" . DA  B 5  ? 0.2966 0.2252 0.1942 0.0235  -0.0054 -0.0211 17  DA  B "O4'" 
334 C  "C3'" . DA  B 5  ? 0.3276 0.2276 0.1805 0.0340  -0.0067 -0.0221 17  DA  B "C3'" 
335 O  "O3'" . DA  B 5  ? 0.3517 0.2557 0.1762 0.0571  0.0101  -0.0195 17  DA  B "O3'" 
336 C  "C2'" . DA  B 5  ? 0.3142 0.2256 0.1783 0.0174  0.0000  -0.0228 17  DA  B "C2'" 
337 C  "C1'" . DA  B 5  ? 0.2892 0.2179 0.1711 0.0154  0.0059  -0.0192 17  DA  B "C1'" 
338 N  N9    . DA  B 5  ? 0.2775 0.2257 0.1578 0.0143  -0.0012 -0.0043 17  DA  B N9    
339 C  C8    . DA  B 5  ? 0.2806 0.2189 0.1846 0.0087  0.0006  -0.0043 17  DA  B C8    
340 N  N7    . DA  B 5  ? 0.2729 0.2297 0.1656 0.0104  0.0021  -0.0030 17  DA  B N7    
341 C  C5    . DA  B 5  ? 0.2672 0.2260 0.1513 0.0020  0.0066  0.0020  17  DA  B C5    
342 C  C6    . DA  B 5  ? 0.2481 0.2300 0.1560 0.0095  0.0039  -0.0135 17  DA  B C6    
343 N  N6    . DA  B 5  ? 0.2617 0.2393 0.1574 0.0030  0.0154  -0.0101 17  DA  B N6    
344 N  N1    . DA  B 5  ? 0.2677 0.2427 0.1341 0.0141  0.0071  -0.0094 17  DA  B N1    
345 C  C2    . DA  B 5  ? 0.2653 0.2232 0.1497 0.0211  0.0083  -0.0155 17  DA  B C2    
346 N  N3    . DA  B 5  ? 0.2738 0.2150 0.1485 0.0171  0.0006  -0.0140 17  DA  B N3    
347 C  C4    . DA  B 5  ? 0.2582 0.2169 0.1622 0.0153  0.0101  -0.0071 17  DA  B C4    
348 P  P     A DA  B 6  ? 0.3907 0.2549 0.1792 0.0439  0.0120  -0.0394 18  DA  B P     
349 P  P     B DA  B 6  ? 0.4102 0.2799 0.1917 0.0303  0.0046  -0.0129 18  DA  B P     
350 O  OP1   A DA  B 6  ? 0.4251 0.3104 0.1942 0.0900  0.0442  -0.0559 18  DA  B OP1   
351 O  OP1   B DA  B 6  ? 0.4271 0.3301 0.2406 0.0400  0.0326  -0.0119 18  DA  B OP1   
352 O  OP2   A DA  B 6  ? 0.4100 0.2871 0.1992 0.0300  -0.0024 -0.0340 18  DA  B OP2   
353 O  OP2   B DA  B 6  ? 0.4248 0.2981 0.1745 0.0133  -0.0300 -0.0691 18  DA  B OP2   
354 O  "O5'" A DA  B 6  ? 0.3323 0.2688 0.1639 0.0392  0.0157  -0.0200 18  DA  B "O5'" 
355 O  "O5'" B DA  B 6  ? 0.3550 0.2775 0.2008 0.0257  0.0076  -0.0172 18  DA  B "O5'" 
356 C  "C5'" A DA  B 6  ? 0.3214 0.2606 0.1731 0.0401  0.0217  -0.0005 18  DA  B "C5'" 
357 C  "C5'" B DA  B 6  ? 0.3275 0.2702 0.2167 0.0397  0.0139  -0.0254 18  DA  B "C5'" 
358 C  "C4'" A DA  B 6  ? 0.3375 0.3049 0.1221 0.0723  0.0289  -0.0103 18  DA  B "C4'" 
359 C  "C4'" B DA  B 6  ? 0.3226 0.2969 0.1940 0.0614  0.0243  -0.0468 18  DA  B "C4'" 
360 O  "O4'" A DA  B 6  ? 0.3054 0.2969 0.1327 0.0580  0.0245  -0.0389 18  DA  B "O4'" 
361 O  "O4'" B DA  B 6  ? 0.3093 0.2966 0.1801 0.0512  0.0149  -0.0407 18  DA  B "O4'" 
362 C  "C3'" A DA  B 6  ? 0.3776 0.4615 0.2041 0.2023  -0.0244 -0.1176 18  DA  B "C3'" 
363 C  "C3'" B DA  B 6  ? 0.3628 0.4669 0.2470 0.1213  -0.0115 -0.1602 18  DA  B "C3'" 
364 O  "O3'" A DA  B 6  ? 0.6885 0.6572 0.0704 0.3561  0.0819  0.1458  18  DA  B "O3'" 
365 O  "O3'" B DA  B 6  ? 0.4667 0.7945 0.1903 0.2185  0.0803  -0.0176 18  DA  B "O3'" 
366 C  "C2'" A DA  B 6  ? 0.3740 0.2828 0.1704 0.0737  -0.0230 -0.0534 18  DA  B "C2'" 
367 C  "C2'" B DA  B 6  ? 0.3584 0.2885 0.1954 0.0504  -0.0184 -0.0361 18  DA  B "C2'" 
368 C  "C1'" A DA  B 6  ? 0.3175 0.2675 0.1388 0.0648  0.0090  -0.0376 18  DA  B "C1'" 
369 C  "C1'" B DA  B 6  ? 0.3145 0.2658 0.1922 0.0504  0.0059  -0.0309 18  DA  B "C1'" 
370 N  N9    A DA  B 6  ? 0.2848 0.2577 0.1541 0.0433  0.0007  -0.0561 18  DA  B N9    
371 N  N9    B DA  B 6  ? 0.2917 0.2479 0.1765 0.0336  -0.0116 -0.0505 18  DA  B N9    
372 C  C8    A DA  B 6  ? 0.2817 0.2397 0.1884 0.0396  -0.0119 -0.0578 18  DA  B C8    
373 C  C8    B DA  B 6  ? 0.2803 0.2531 0.1715 0.0250  -0.0180 -0.0431 18  DA  B C8    
374 N  N7    A DA  B 6  ? 0.2748 0.2194 0.1876 0.0260  -0.0119 -0.0386 18  DA  B N7    
375 N  N7    B DA  B 6  ? 0.2787 0.2217 0.1811 0.0223  -0.0106 -0.0211 18  DA  B N7    
376 C  C5    A DA  B 6  ? 0.2777 0.2185 0.1473 0.0153  -0.0136 -0.0310 18  DA  B C5    
377 C  C5    B DA  B 6  ? 0.2887 0.2238 0.1556 0.0123  -0.0215 -0.0304 18  DA  B C5    
378 C  C6    A DA  B 6  ? 0.2515 0.2256 0.1474 0.0012  -0.0010 -0.0240 18  DA  B C6    
379 C  C6    B DA  B 6  ? 0.2726 0.2297 0.1711 0.0083  -0.0040 -0.0174 18  DA  B C6    
380 N  N6    A DA  B 6  ? 0.2690 0.2235 0.1637 0.0146  -0.0116 -0.0154 18  DA  B N6    
381 N  N6    B DA  B 6  ? 0.2775 0.2302 0.2107 0.0077  0.0055  -0.0061 18  DA  B N6    
382 N  N1    A DA  B 6  ? 0.2558 0.2360 0.1402 0.0056  0.0067  -0.0332 18  DA  B N1    
383 N  N1    B DA  B 6  ? 0.2760 0.2293 0.1694 0.0020  -0.0028 -0.0312 18  DA  B N1    
384 C  C2    A DA  B 6  ? 0.2636 0.2296 0.1325 0.0084  0.0093  -0.0313 18  DA  B C2    
385 C  C2    B DA  B 6  ? 0.2840 0.2249 0.1583 0.0100  -0.0051 -0.0257 18  DA  B C2    
386 N  N3    A DA  B 6  ? 0.2703 0.2490 0.1404 0.0242  0.0154  -0.0316 18  DA  B N3    
387 N  N3    B DA  B 6  ? 0.2940 0.2480 0.1643 0.0200  -0.0042 -0.0330 18  DA  B N3    
388 C  C4    A DA  B 6  ? 0.2768 0.2471 0.1449 0.0224  0.0105  -0.0439 18  DA  B C4    
389 C  C4    B DA  B 6  ? 0.2878 0.2451 0.1519 0.0238  -0.0027 -0.0368 18  DA  B C4    
390 P  P     A DT  B 7  ? 0.6999 0.5845 0.1397 0.1707  0.0793  -0.0718 19  DT  B P     
391 P  P     B DT  B 7  ? 0.4784 0.4182 0.2447 0.1566  0.0301  -0.0502 19  DT  B P     
392 O  OP1   A DT  B 7  ? 1.0005 1.0348 0.4748 0.1521  0.3445  0.0211  19  DT  B OP1   
393 O  OP1   B DT  B 7  ? 0.3161 0.3332 0.1667 0.0868  -0.0633 -0.1695 19  DT  B OP1   
394 O  OP2   A DT  B 7  ? 0.8297 0.7126 0.7244 0.0586  0.0956  -0.0910 19  DT  B OP2   
395 O  OP2   B DT  B 7  ? 0.3557 0.3999 0.0458 0.2173  0.0822  0.0514  19  DT  B OP2   
396 O  "O5'" A DT  B 7  ? 0.4378 0.3526 0.1883 0.1217  -0.0438 -0.0312 19  DT  B "O5'" 
397 O  "O5'" B DT  B 7  ? 0.3292 0.3130 0.1627 0.0571  0.0020  -0.0700 19  DT  B "O5'" 
398 C  "C5'" A DT  B 7  ? 0.3310 0.3391 0.1699 0.0646  0.0240  -0.0273 19  DT  B "C5'" 
399 C  "C5'" B DT  B 7  ? 0.2530 0.2668 0.1510 0.0367  0.0270  -0.0166 19  DT  B "C5'" 
400 C  "C4'" A DT  B 7  ? 0.2915 0.2700 0.1672 0.0067  0.0289  -0.0013 19  DT  B "C4'" 
401 C  "C4'" B DT  B 7  ? 0.2498 0.2040 0.1172 0.0102  0.0371  -0.0144 19  DT  B "C4'" 
402 O  "O4'" A DT  B 7  ? 0.3056 0.2951 0.1454 -0.0148 0.0249  -0.0006 19  DT  B "O4'" 
403 O  "O4'" B DT  B 7  ? 0.2456 0.2011 0.1004 0.0053  0.0233  -0.0130 19  DT  B "O4'" 
404 C  "C3'" A DT  B 7  ? 0.2897 0.2596 0.1526 0.0121  0.0327  0.0067  19  DT  B "C3'" 
405 C  "C3'" B DT  B 7  ? 0.2514 0.2406 0.1584 0.0099  0.0203  0.0063  19  DT  B "C3'" 
406 O  "O3'" A DT  B 7  ? 0.2954 0.2799 0.2204 0.0207  0.0440  0.0447  19  DT  B "O3'" 
407 O  "O3'" B DT  B 7  ? 0.2958 0.2515 0.1900 0.0172  0.0466  0.0208  19  DT  B "O3'" 
408 C  "C2'" A DT  B 7  ? 0.2782 0.2698 0.1664 0.0072  0.0203  -0.0030 19  DT  B "C2'" 
409 C  "C2'" B DT  B 7  ? 0.2424 0.2154 0.1387 0.0170  0.0136  -0.0065 19  DT  B "C2'" 
410 C  "C1'" A DT  B 7  ? 0.2872 0.2525 0.1489 -0.0132 0.0346  -0.0216 19  DT  B "C1'" 
411 C  "C1'" B DT  B 7  ? 0.2387 0.1955 0.1312 0.0117  0.0193  -0.0173 19  DT  B "C1'" 
412 N  N1    A DT  B 7  ? 0.2767 0.2502 0.1478 -0.0159 0.0187  -0.0260 19  DT  B N1    
413 N  N1    B DT  B 7  ? 0.2358 0.1797 0.1204 0.0144  0.0172  -0.0330 19  DT  B N1    
414 C  C2    A DT  B 7  ? 0.2834 0.2503 0.1335 -0.0176 0.0215  -0.0158 19  DT  B C2    
415 C  C2    B DT  B 7  ? 0.2430 0.1634 0.1176 0.0216  0.0134  -0.0360 19  DT  B C2    
416 O  O2    A DT  B 7  ? 0.2881 0.2492 0.1540 -0.0050 0.0406  -0.0263 19  DT  B O2    
417 O  O2    B DT  B 7  ? 0.2597 0.1580 0.1191 0.0212  0.0091  -0.0270 19  DT  B O2    
418 N  N3    A DT  B 7  ? 0.2699 0.2442 0.1337 -0.0223 0.0273  -0.0179 19  DT  B N3    
419 N  N3    B DT  B 7  ? 0.2420 0.1698 0.1231 0.0166  -0.0025 -0.0228 19  DT  B N3    
420 C  C4    A DT  B 7  ? 0.2911 0.2410 0.1472 -0.0259 0.0129  -0.0255 19  DT  B C4    
421 C  C4    B DT  B 7  ? 0.2336 0.1684 0.1129 0.0126  -0.0017 -0.0198 19  DT  B C4    
422 O  O4    A DT  B 7  ? 0.3046 0.2215 0.1659 -0.0262 0.0259  -0.0229 19  DT  B O4    
423 O  O4    B DT  B 7  ? 0.2373 0.1866 0.1097 0.0185  0.0070  -0.0107 19  DT  B O4    
424 C  C5    A DT  B 7  ? 0.2992 0.2409 0.1650 -0.0035 0.0216  -0.0292 19  DT  B C5    
425 C  C5    B DT  B 7  ? 0.2353 0.1725 0.1310 0.0124  0.0049  -0.0388 19  DT  B C5    
426 C  C7    A DT  B 7  ? 0.2824 0.2456 0.1900 0.0003  0.0315  -0.0390 19  DT  B C7    
427 C  C7    B DT  B 7  ? 0.2148 0.1700 0.1653 0.0137  0.0178  -0.0315 19  DT  B C7    
428 C  C6    A DT  B 7  ? 0.2888 0.2569 0.1526 -0.0031 0.0198  -0.0384 19  DT  B C6    
429 C  C6    B DT  B 7  ? 0.2414 0.1786 0.1334 0.0093  0.0015  -0.0382 19  DT  B C6    
430 P  P     . DT  B 8  ? 0.3499 0.3781 0.1591 0.0433  0.0939  0.0788  20  DT  B P     
431 O  OP1   . DT  B 8  ? 0.4168 0.4491 0.3067 0.0440  0.0540  0.0682  20  DT  B OP1   
432 O  OP2   . DT  B 8  ? 0.4201 0.4225 0.1278 0.0447  0.0212  -0.0328 20  DT  B OP2   
433 O  "O5'" . DT  B 8  ? 0.3253 0.3022 0.1076 0.0178  0.0562  0.0145  20  DT  B "O5'" 
434 C  "C5'" . DT  B 8  ? 0.2986 0.2697 0.2080 -0.0026 0.0254  0.0262  20  DT  B "C5'" 
435 C  "C4'" . DT  B 8  ? 0.3044 0.2723 0.1391 -0.0074 0.0473  0.0166  20  DT  B "C4'" 
436 O  "O4'" . DT  B 8  ? 0.3234 0.2615 0.1134 0.0013  0.0240  -0.0134 20  DT  B "O4'" 
437 C  "C3'" . DT  B 8  ? 0.3183 0.2616 0.1825 0.0075  0.0475  0.0056  20  DT  B "C3'" 
438 O  "O3'" . DT  B 8  ? 0.3350 0.2635 0.2485 -0.0156 0.0450  -0.0093 20  DT  B "O3'" 
439 C  "C2'" . DT  B 8  ? 0.3187 0.2742 0.0890 0.0134  0.0386  -0.0207 20  DT  B "C2'" 
440 C  "C1'" . DT  B 8  ? 0.3149 0.2751 0.0851 -0.0034 0.0356  -0.0153 20  DT  B "C1'" 
441 N  N1    . DT  B 8  ? 0.3201 0.2635 0.0553 0.0114  0.0350  -0.0312 20  DT  B N1    
442 C  C2    . DT  B 8  ? 0.2940 0.2618 0.0567 -0.0034 0.0338  -0.0109 20  DT  B C2    
443 O  O2    . DT  B 8  ? 0.3284 0.2528 0.0733 -0.0017 0.0423  -0.0453 20  DT  B O2    
444 N  N3    . DT  B 8  ? 0.3021 0.2545 0.0564 -0.0077 0.0375  -0.0206 20  DT  B N3    
445 C  C4    . DT  B 8  ? 0.3098 0.2509 0.0670 -0.0030 0.0281  -0.0546 20  DT  B C4    
446 O  O4    . DT  B 8  ? 0.3059 0.2500 0.0792 -0.0065 0.0371  -0.0489 20  DT  B O4    
447 C  C5    . DT  B 8  ? 0.3136 0.2677 0.0362 -0.0101 0.0390  -0.0383 20  DT  B C5    
448 C  C7    . DT  B 8  ? 0.3089 0.2709 0.0792 -0.0020 0.0443  -0.0323 20  DT  B C7    
449 C  C6    . DT  B 8  ? 0.3210 0.2603 0.0452 -0.0101 0.0359  -0.0404 20  DT  B C6    
450 P  P     . 5HC B 9  ? 0.3605 0.2741 0.2773 0.0000  0.0742  0.0358  21  5HC B P     
451 O  OP1   . 5HC B 9  ? 0.3836 0.2744 0.3931 -0.0067 0.1021  0.0161  21  5HC B OP1   
452 O  OP2   . 5HC B 9  ? 0.3837 0.3589 0.3000 0.0288  0.0121  0.1087  21  5HC B OP2   
453 O  "O5'" . 5HC B 9  ? 0.3302 0.2660 0.1975 0.0093  0.0562  0.0102  21  5HC B "O5'" 
454 C  "C5'" . 5HC B 9  ? 0.3483 0.2528 0.1804 0.0101  0.0584  -0.0132 21  5HC B "C5'" 
455 C  "C4'" . 5HC B 9  ? 0.3461 0.2458 0.2151 0.0022  0.0543  -0.0255 21  5HC B "C4'" 
456 O  "O4'" . 5HC B 9  ? 0.3340 0.2400 0.1714 -0.0025 0.0281  -0.0192 21  5HC B "O4'" 
457 C  "C3'" . 5HC B 9  ? 0.3517 0.2577 0.2152 0.0083  0.0711  -0.0313 21  5HC B "C3'" 
458 O  "O3'" . 5HC B 9  ? 0.3591 0.2514 0.3531 -0.0196 0.0679  -0.0764 21  5HC B "O3'" 
459 C  "C2'" . 5HC B 9  ? 0.3155 0.2576 0.2590 0.0000  0.0496  -0.0448 21  5HC B "C2'" 
460 C  "C1'" . 5HC B 9  ? 0.3367 0.2413 0.2042 -0.0176 0.0394  -0.0344 21  5HC B "C1'" 
461 N  N1    . 5HC B 9  ? 0.3263 0.2404 0.1438 -0.0069 0.0292  -0.0448 21  5HC B N1    
462 C  C2    . 5HC B 9  ? 0.2978 0.2483 0.1425 -0.0052 0.0558  -0.0181 21  5HC B C2    
463 O  O2    . 5HC B 9  ? 0.3263 0.2424 0.1264 -0.0065 0.0592  -0.0263 21  5HC B O2    
464 N  N3    . 5HC B 9  ? 0.3030 0.2315 0.1067 -0.0075 0.0270  -0.0158 21  5HC B N3    
465 C  C4    . 5HC B 9  ? 0.2939 0.2473 0.1009 0.0006  0.0305  -0.0270 21  5HC B C4    
466 N  N4    . 5HC B 9  ? 0.3166 0.2491 0.1167 -0.0055 0.0289  -0.0197 21  5HC B N4    
467 C  C5    . 5HC B 9  ? 0.3317 0.2564 0.0764 -0.0085 0.0117  -0.0131 21  5HC B C5    
468 C  C5M   . 5HC B 9  ? 0.2918 0.2478 0.1741 -0.0070 0.0079  -0.0012 21  5HC B C5M   
469 O  O5    . 5HC B 9  ? 0.3151 0.2727 0.1721 -0.0078 0.0093  -0.0258 21  5HC B O5    
470 C  C6    . 5HC B 9  ? 0.3170 0.2440 0.1131 0.0017  0.0315  -0.0423 21  5HC B C6    
471 P  P     . DG  B 10 ? 0.3683 0.2481 0.5120 -0.0008 0.0701  0.0056  22  DG  B P     
472 O  OP1   . DG  B 10 ? 0.3873 0.2503 0.6307 -0.0161 0.1518  -0.0729 22  DG  B OP1   
473 O  OP2   . DG  B 10 ? 0.3621 0.2677 0.4937 0.0259  -0.0050 0.0706  22  DG  B OP2   
474 O  "O5'" . DG  B 10 ? 0.3521 0.2362 0.4611 -0.0133 0.0835  -0.0087 22  DG  B "O5'" 
475 C  "C5'" . DG  B 10 ? 0.3338 0.2367 0.3937 -0.0006 0.0647  -0.0449 22  DG  B "C5'" 
476 C  "C4'" . DG  B 10 ? 0.3137 0.2476 0.2586 -0.0169 0.1054  -0.0550 22  DG  B "C4'" 
477 O  "O4'" . DG  B 10 ? 0.3299 0.2341 0.1949 -0.0050 0.0522  -0.0563 22  DG  B "O4'" 
478 C  "C3'" . DG  B 10 ? 0.3215 0.2136 0.2326 0.0007  0.0896  -0.0277 22  DG  B "C3'" 
479 O  "O3'" . DG  B 10 ? 0.3396 0.2242 0.2190 -0.0090 0.0714  -0.0217 22  DG  B "O3'" 
480 C  "C2'" . DG  B 10 ? 0.3162 0.2466 0.1874 -0.0040 0.0665  -0.0124 22  DG  B "C2'" 
481 C  "C1'" . DG  B 10 ? 0.3263 0.2330 0.1443 0.0023  0.0533  -0.0477 22  DG  B "C1'" 
482 N  N9    . DG  B 10 ? 0.3055 0.2277 0.1475 -0.0141 0.0453  -0.0345 22  DG  B N9    
483 C  C8    . DG  B 10 ? 0.3111 0.2465 0.2107 -0.0082 0.0600  -0.0240 22  DG  B C8    
484 N  N7    . DG  B 10 ? 0.3087 0.2238 0.1733 -0.0046 0.0419  -0.0290 22  DG  B N7    
485 C  C5    . DG  B 10 ? 0.3051 0.2465 0.0884 -0.0125 0.0502  -0.0181 22  DG  B C5    
486 C  C6    . DG  B 10 ? 0.3002 0.2343 0.1220 -0.0138 0.0296  -0.0155 22  DG  B C6    
487 O  O6    . DG  B 10 ? 0.3166 0.2408 0.1121 -0.0051 0.0437  -0.0410 22  DG  B O6    
488 N  N1    . DG  B 10 ? 0.2938 0.2179 0.1115 0.0009  0.0385  -0.0368 22  DG  B N1    
489 C  C2    . DG  B 10 ? 0.2992 0.2192 0.1063 -0.0089 0.0190  -0.0365 22  DG  B C2    
490 N  N2    . DG  B 10 ? 0.2988 0.2256 0.1105 -0.0054 0.0227  -0.0327 22  DG  B N2    
491 N  N3    . DG  B 10 ? 0.3022 0.2229 0.1223 -0.0063 0.0254  -0.0233 22  DG  B N3    
492 C  C4    . DG  B 10 ? 0.3068 0.2335 0.1154 -0.0190 0.0342  -0.0175 22  DG  B C4    
493 P  P     . DC  B 11 ? 0.2965 0.1976 0.2582 0.0037  0.0522  -0.0018 23  DC  B P     
494 O  OP1   . DC  B 11 ? 0.3449 0.2132 0.3176 0.0073  0.0812  -0.0249 23  DC  B OP1   
495 O  OP2   . DC  B 11 ? 0.3214 0.2538 0.2372 0.0017  0.0388  0.0282  23  DC  B OP2   
496 O  "O5'" . DC  B 11 ? 0.2856 0.2130 0.2242 -0.0035 0.0471  -0.0118 23  DC  B "O5'" 
497 C  "C5'" . DC  B 11 ? 0.3003 0.2090 0.2136 -0.0164 0.0503  -0.0208 23  DC  B "C5'" 
498 C  "C4'" . DC  B 11 ? 0.2815 0.2080 0.2037 -0.0082 0.0251  -0.0247 23  DC  B "C4'" 
499 O  "O4'" . DC  B 11 ? 0.2766 0.2085 0.2005 -0.0016 0.0289  -0.0254 23  DC  B "O4'" 
500 C  "C3'" . DC  B 11 ? 0.2744 0.2254 0.1858 -0.0151 0.0405  -0.0218 23  DC  B "C3'" 
501 O  "O3'" . DC  B 11 ? 0.3054 0.2397 0.1882 -0.0135 0.0582  -0.0398 23  DC  B "O3'" 
502 C  "C2'" . DC  B 11 ? 0.2789 0.2133 0.1858 -0.0106 0.0288  -0.0174 23  DC  B "C2'" 
503 C  "C1'" . DC  B 11 ? 0.2901 0.1980 0.1847 -0.0102 0.0264  -0.0184 23  DC  B "C1'" 
504 N  N1    . DC  B 11 ? 0.2717 0.1991 0.1783 -0.0111 0.0283  -0.0147 23  DC  B N1    
505 C  C2    . DC  B 11 ? 0.2485 0.1983 0.1752 -0.0095 0.0131  -0.0179 23  DC  B C2    
506 O  O2    . DC  B 11 ? 0.2753 0.1942 0.1825 -0.0075 0.0254  -0.0221 23  DC  B O2    
507 N  N3    . DC  B 11 ? 0.2641 0.2020 0.1802 -0.0117 0.0199  -0.0118 23  DC  B N3    
508 C  C4    . DC  B 11 ? 0.2689 0.1988 0.1833 -0.0015 0.0249  -0.0091 23  DC  B C4    
509 N  N4    . DC  B 11 ? 0.2888 0.1988 0.1924 -0.0039 0.0341  -0.0113 23  DC  B N4    
510 C  C5    . DC  B 11 ? 0.2780 0.2046 0.2004 0.0074  0.0393  -0.0068 23  DC  B C5    
511 C  C6    . DC  B 11 ? 0.2819 0.1980 0.1958 -0.0025 0.0265  -0.0088 23  DC  B C6    
512 P  P     . DG  B 12 ? 0.2966 0.2267 0.2184 -0.0135 0.0576  -0.0289 24  DG  B P     
513 O  OP1   . DG  B 12 ? 0.3439 0.2491 0.2481 -0.0339 0.0965  -0.0612 24  DG  B OP1   
514 O  OP2   . DG  B 12 ? 0.2880 0.2438 0.2617 0.0028  0.0495  -0.0074 24  DG  B OP2   
515 O  "O5'" . DG  B 12 ? 0.2840 0.2293 0.2044 -0.0144 0.0355  -0.0168 24  DG  B "O5'" 
516 C  "C5'" . DG  B 12 ? 0.2820 0.2256 0.1744 -0.0257 0.0350  -0.0186 24  DG  B "C5'" 
517 C  "C4'" . DG  B 12 ? 0.2804 0.2396 0.1521 -0.0272 0.0382  -0.0178 24  DG  B "C4'" 
518 O  "O4'" . DG  B 12 ? 0.2679 0.2235 0.1563 -0.0145 0.0327  -0.0105 24  DG  B "O4'" 
519 C  "C3'" . DG  B 12 ? 0.2692 0.2259 0.1648 -0.0218 0.0399  -0.0093 24  DG  B "C3'" 
520 O  "O3'" . DG  B 12 ? 0.2886 0.2470 0.1682 -0.0295 0.0515  -0.0142 24  DG  B "O3'" 
521 C  "C2'" . DG  B 12 ? 0.2800 0.2258 0.1590 -0.0115 0.0307  -0.0081 24  DG  B "C2'" 
522 C  "C1'" . DG  B 12 ? 0.2741 0.2272 0.1451 -0.0086 0.0249  -0.0015 24  DG  B "C1'" 
523 N  N9    . DG  B 12 ? 0.2651 0.2199 0.1549 -0.0167 0.0315  -0.0026 24  DG  B N9    
524 C  C8    . DG  B 12 ? 0.2622 0.2325 0.1693 -0.0088 0.0233  0.0043  24  DG  B C8    
525 N  N7    . DG  B 12 ? 0.2644 0.2228 0.1710 -0.0074 0.0281  0.0013  24  DG  B N7    
526 C  C5    . DG  B 12 ? 0.2583 0.2021 0.1704 -0.0173 0.0194  -0.0027 24  DG  B C5    
527 C  C6    . DG  B 12 ? 0.2577 0.2243 0.1615 -0.0181 0.0180  0.0152  24  DG  B C6    
528 O  O6    . DG  B 12 ? 0.2875 0.2355 0.1694 -0.0151 0.0314  0.0221  24  DG  B O6    
529 N  N1    . DG  B 12 ? 0.2622 0.2317 0.1596 -0.0018 0.0287  0.0170  24  DG  B N1    
530 C  C2    . DG  B 12 ? 0.2561 0.2330 0.1521 0.0009  0.0323  0.0094  24  DG  B C2    
531 N  N2    . DG  B 12 ? 0.2811 0.2397 0.1591 0.0153  0.0398  0.0081  24  DG  B N2    
532 N  N3    . DG  B 12 ? 0.2579 0.2172 0.1600 -0.0068 0.0358  0.0071  24  DG  B N3    
533 C  C4    . DG  B 12 ? 0.2452 0.2266 0.1552 -0.0120 0.0261  0.0095  24  DG  B C4    
534 MG MG    . MG  C .  ? 0.2526 0.2519 0.2254 -0.0076 0.0067  -0.0136 101 MG  A MG    
535 N  N1    . SPK D .  ? 0.4969 0.4964 0.4839 -0.0336 0.0770  0.0228  101 SPK B N1    
536 C  C2    . SPK D .  ? 0.4216 0.4978 0.4411 -0.0083 0.0379  -0.0112 101 SPK B C2    
537 C  C3    . SPK D .  ? 0.3713 0.4384 0.3536 0.0367  0.0404  -0.0464 101 SPK B C3    
538 C  C4    . SPK D .  ? 0.4459 0.4405 0.3694 -0.0265 -0.0159 0.0300  101 SPK B C4    
539 N  N5    . SPK D .  ? 0.4160 0.4511 0.3486 0.0213  -0.0032 0.0185  101 SPK B N5    
540 C  C6    . SPK D .  ? 0.3980 0.5209 0.4998 0.0447  -0.0709 -0.0136 101 SPK B C6    
541 C  C7    . SPK D .  ? 0.3874 0.4168 0.4322 0.0048  -0.0090 0.0024  101 SPK B C7    
542 C  C8    . SPK D .  ? 0.3462 0.4772 0.4618 -0.0016 -0.0086 0.0737  101 SPK B C8    
543 C  C9    . SPK D .  ? 0.5080 0.4712 0.4580 0.0609  -0.1242 0.1055  101 SPK B C9    
544 N  N10   . SPK D .  ? 0.5865 0.5528 0.3372 0.0585  0.0016  0.0625  101 SPK B N10   
545 C  C11   . SPK D .  ? 1.4410 1.5647 1.0083 -0.6223 -0.1269 0.0794  101 SPK B C11   
546 N  N1    A SPK E .  ? 0.4385 0.3696 0.3479 -0.0003 0.0185  -0.0255 102 SPK B N1    
547 N  N1    B SPK E .  ? 0.4488 0.4146 0.3979 -0.0073 0.0034  -0.0268 102 SPK B N1    
548 C  C2    A SPK E .  ? 0.3617 0.3505 0.3317 0.0103  0.0042  -0.0154 102 SPK B C2    
549 C  C2    B SPK E .  ? 0.4308 0.3448 0.3595 -0.0449 -0.0244 -0.0682 102 SPK B C2    
550 C  C3    A SPK E .  ? 0.3841 0.4012 0.4384 -0.0187 0.0223  0.0140  102 SPK B C3    
551 C  C3    B SPK E .  ? 0.4181 0.4049 0.4589 -0.0266 0.0148  -0.0057 102 SPK B C3    
552 C  C4    A SPK E .  ? 0.4118 0.3435 0.3585 0.0011  -0.0240 0.0209  102 SPK B C4    
553 C  C4    B SPK E .  ? 0.4243 0.3447 0.4447 -0.0065 -0.0043 -0.0057 102 SPK B C4    
554 N  N5    A SPK E .  ? 0.4173 0.3716 0.4239 -0.0231 0.0064  0.0345  102 SPK B N5    
555 N  N5    B SPK E .  ? 0.3966 0.3662 0.4290 0.0026  -0.0015 0.0009  102 SPK B N5    
556 C  C6    A SPK E .  ? 0.4211 0.3562 0.4617 -0.0407 -0.0234 -0.0593 102 SPK B C6    
557 C  C6    B SPK E .  ? 0.3589 0.2630 0.3302 -0.0657 -0.0392 -0.0252 102 SPK B C6    
558 C  C7    A SPK E .  ? 0.4573 0.4668 0.4746 -0.0368 -0.0544 -0.0147 102 SPK B C7    
559 C  C7    B SPK E .  ? 0.3985 0.3429 0.3896 -0.0362 -0.0312 0.0377  102 SPK B C7    
560 C  C8    A SPK E .  ? 0.4824 0.4712 0.5000 -0.0204 -0.0203 0.0152  102 SPK B C8    
561 C  C8    B SPK E .  ? 0.4339 0.3449 0.4917 -0.0442 -0.0162 -0.0036 102 SPK B C8    
562 C  C9    A SPK E .  ? 0.4939 0.4948 0.4349 -0.0372 0.0013  -0.0023 102 SPK B C9    
563 C  C9    B SPK E .  ? 0.5113 0.4735 0.4701 -0.0117 -0.0286 0.0024  102 SPK B C9    
564 N  N10   A SPK E .  ? 0.4544 0.4076 0.4161 -0.0486 -0.0315 0.0853  102 SPK B N10   
565 N  N10   B SPK E .  ? 0.4769 0.4644 0.5066 -0.0142 -0.0410 -0.0096 102 SPK B N10   
566 C  C11   A SPK E .  ? 0.5178 0.5103 0.4307 -0.0148 -0.0167 0.0316  102 SPK B C11   
567 C  C11   B SPK E .  ? 0.5077 0.4929 0.4648 0.0217  -0.0363 0.0318  102 SPK B C11   
568 C  C12   A SPK E .  ? 0.4884 0.4531 0.4883 -0.0037 -0.0044 0.0229  102 SPK B C12   
569 C  C12   B SPK E .  ? 0.4884 0.4214 0.4710 0.0165  -0.0082 0.0241  102 SPK B C12   
570 C  C13   A SPK E .  ? 0.5206 0.5108 0.4821 0.0038  -0.0072 0.0186  102 SPK B C13   
571 C  C13   B SPK E .  ? 0.5092 0.4753 0.4673 0.0139  0.0018  0.0162  102 SPK B C13   
572 N  N14   A SPK E .  ? 0.5161 0.4832 0.4630 0.0000  0.0019  0.0371  102 SPK B N14   
573 N  N14   B SPK E .  ? 0.5035 0.4149 0.4607 0.0493  0.0065  -0.0102 102 SPK B N14   
574 O  O     . HOH F .  ? 0.3104 0.3131 0.1825 0.0363  0.0320  -0.0071 201 HOH A O     
575 O  O     . HOH F .  ? 0.3630 0.3804 0.2661 0.0064  0.0259  -0.1077 202 HOH A O     
576 O  O     . HOH F .  ? 0.2982 0.2231 0.1695 -0.0023 0.0155  -0.0117 203 HOH A O     
577 O  O     . HOH F .  ? 0.2965 0.2416 0.1550 0.0222  0.0220  -0.0045 204 HOH A O     
578 O  O     . HOH F .  ? 0.4460 0.3309 0.4157 0.0814  0.0690  0.0721  205 HOH A O     
579 O  O     . HOH F .  ? 0.2936 0.2680 0.2070 0.0073  0.0281  -0.0261 206 HOH A O     
580 O  O     . HOH F .  ? 0.3384 0.3048 0.3941 0.0090  0.0414  -0.0090 207 HOH A O     
581 O  O     . HOH F .  ? 0.3077 0.2579 0.1604 -0.0209 0.0203  -0.0143 208 HOH A O     
582 O  O     . HOH F .  ? 0.4021 0.2705 0.1844 0.0450  -0.0222 -0.0681 209 HOH A O     
583 O  O     . HOH F .  ? 0.3614 0.2657 0.2687 -0.0370 0.0186  0.0219  210 HOH A O     
584 O  O     . HOH F .  ? 0.5592 0.4216 0.4028 -0.0572 0.0622  -0.1151 211 HOH A O     
585 O  O     . HOH F .  ? 0.3210 0.3069 0.2067 0.0034  0.0225  -0.0311 212 HOH A O     
586 O  O     . HOH F .  ? 0.4313 0.5364 0.1846 0.0921  0.0634  0.0110  213 HOH A O     
587 O  O     . HOH F .  ? 0.4482 0.3007 0.1884 -0.0128 0.0673  -0.0343 214 HOH A O     
588 O  O     . HOH F .  ? 0.3668 0.2921 0.2081 0.0397  0.0249  -0.0364 215 HOH A O     
589 O  O     . HOH F .  ? 0.3772 0.2875 0.3046 0.0123  0.0647  -0.0539 216 HOH A O     
590 O  O     . HOH F .  ? 0.4353 0.5270 0.2307 0.1193  0.0210  -0.0666 217 HOH A O     
591 O  O     . HOH F .  ? 0.5107 0.6000 0.2260 -0.0860 0.0458  -0.0038 218 HOH A O     
592 O  O     . HOH F .  ? 0.4602 0.3478 0.2749 0.0773  0.1060  0.0621  219 HOH A O     
593 O  O     . HOH F .  ? 0.7215 0.3020 0.3452 -0.0405 -0.0346 0.0658  220 HOH A O     
594 O  O     . HOH F .  ? 0.5642 0.2595 0.5740 -0.0557 -0.0241 -0.0071 221 HOH A O     
595 O  O     . HOH F .  ? 0.4071 0.5161 0.2392 0.0023  0.0284  -0.0793 222 HOH A O     
596 O  O     . HOH F .  ? 0.3848 0.3548 0.2776 0.0629  0.0369  0.0517  223 HOH A O     
597 O  O     . HOH F .  ? 0.3955 0.3530 0.3362 0.0266  0.0464  0.0630  224 HOH A O     
598 O  O     . HOH F .  ? 0.4659 0.3517 0.2376 0.0262  -0.0374 -0.0446 225 HOH A O     
599 O  O     . HOH F .  ? 0.3662 0.3637 0.2100 -0.0155 0.0126  0.0613  226 HOH A O     
600 O  O     . HOH F .  ? 0.5981 0.4392 0.3597 0.0996  -0.0364 -0.1274 227 HOH A O     
601 O  O     . HOH F .  ? 0.3801 0.5720 0.2975 0.0221  0.0389  -0.1245 228 HOH A O     
602 O  O     . HOH F .  ? 0.4362 0.4825 0.4414 0.0063  0.1302  0.1580  229 HOH A O     
603 O  O     . HOH F .  ? 0.5087 0.3902 0.4066 -0.0465 0.0773  -0.1855 230 HOH A O     
604 O  O     . HOH F .  ? 0.3459 0.2787 0.3359 -0.0301 0.0141  -0.0608 231 HOH A O     
605 O  O     . HOH F .  ? 0.3485 0.4248 0.3020 0.0152  0.0181  -0.1557 232 HOH A O     
606 O  O     . HOH F .  ? 0.5936 0.4545 0.5879 -0.0732 0.1140  -0.1595 233 HOH A O     
607 O  O     . HOH F .  ? 0.3480 0.8466 0.3756 0.0700  0.0616  0.4149  234 HOH A O     
608 O  O     . HOH F .  ? 0.4000 0.5045 0.3387 -0.0385 0.0826  -0.0479 235 HOH A O     
609 O  O     . HOH F .  ? 0.3795 0.3310 0.2913 0.0095  0.0605  0.0592  236 HOH A O     
610 O  O     . HOH F .  ? 0.4428 0.3719 0.2766 -0.0130 0.0890  0.0101  237 HOH A O     
611 O  O     . HOH F .  ? 0.4612 0.4328 0.3003 0.0774  0.0425  -0.0652 238 HOH A O     
612 O  O     . HOH F .  ? 0.4178 0.4849 0.2561 0.0318  0.0829  -0.0313 239 HOH A O     
613 O  O     . HOH F .  ? 0.4749 0.4586 0.5110 -0.0213 0.0227  -0.1366 240 HOH A O     
614 O  O     . HOH F .  ? 0.3851 0.3190 0.3279 0.0464  -0.0297 -0.1108 241 HOH A O     
615 O  O     . HOH F .  ? 0.6477 0.6737 0.3449 0.0398  0.0748  0.1381  242 HOH A O     
616 O  O     . HOH F .  ? 0.6027 0.4309 0.4541 -0.2076 -0.0431 0.0669  243 HOH A O     
617 O  O     . HOH F .  ? 1.2395 0.5142 0.7011 0.0596  0.3482  -0.1036 244 HOH A O     
618 O  O     . HOH F .  ? 0.8039 0.6684 0.6180 0.3158  0.0910  0.1041  245 HOH A O     
619 O  O     . HOH F .  ? 0.7670 0.3916 0.5599 0.0937  -0.2120 0.0040  246 HOH A O     
620 O  O     . HOH F .  ? 0.5585 0.6211 0.5144 -0.0502 0.1343  -0.0141 247 HOH A O     
621 O  O     . HOH F .  ? 0.5881 0.3185 0.8199 -0.0481 0.2972  0.0320  248 HOH A O     
622 O  O     . HOH F .  ? 0.3185 0.2805 0.1835 -0.0129 0.0254  -0.0384 249 HOH A O     
623 O  O     . HOH F .  ? 0.4310 0.5039 0.2375 0.0364  0.0070  0.0332  250 HOH A O     
624 O  O     . HOH F .  ? 0.5869 0.8246 0.3704 0.1295  -0.0994 -0.1355 251 HOH A O     
625 O  O     . HOH F .  ? 0.4455 0.3611 0.4279 0.0477  -0.1496 -0.0254 252 HOH A O     
626 O  O     . HOH F .  ? 0.6656 0.4435 0.4246 -0.0253 0.1847  0.0467  253 HOH A O     
627 O  O     . HOH F .  ? 0.6981 0.9797 0.4271 -0.0030 -0.1268 0.0354  254 HOH A O     
628 O  O     . HOH F .  ? 0.4620 0.3215 0.5935 0.0415  -0.0419 -0.0075 255 HOH A O     
629 O  O     . HOH F .  ? 0.5815 0.8649 0.5272 0.1306  -0.0907 0.1764  256 HOH A O     
630 O  O     . HOH F .  ? 0.6115 0.3719 0.2831 -0.1009 0.0944  -0.0263 257 HOH A O     
631 O  O     . HOH F .  ? 0.6667 0.3884 0.3395 -0.0035 0.0157  -0.1027 258 HOH A O     
632 O  O     . HOH F .  ? 0.6006 0.4540 0.6224 0.1353  -0.1545 -0.2450 259 HOH A O     
633 O  O     . HOH F .  ? 0.4568 0.5110 0.7400 -0.0963 0.0366  -0.2414 260 HOH A O     
634 O  O     . HOH F .  ? 0.5516 0.4216 0.4288 0.0620  0.1393  0.0846  261 HOH A O     
635 O  O     . HOH F .  ? 0.5842 0.3694 0.3710 0.0329  0.0806  -0.0168 262 HOH A O     
636 O  O     . HOH F .  ? 0.6590 0.4481 0.5305 -0.0437 -0.1156 0.1208  263 HOH A O     
637 O  O     . HOH F .  ? 1.0420 2.3552 0.8996 0.9552  -0.1938 -0.6692 264 HOH A O     
638 O  O     . HOH F .  ? 0.4197 0.5563 0.7498 -0.0124 0.0094  0.2820  265 HOH A O     
639 O  O     . HOH F .  ? 0.5205 0.4871 0.2700 -0.0944 0.0634  0.0063  266 HOH A O     
640 O  O     . HOH F .  ? 0.4429 0.5376 0.3732 0.0446  0.0347  -0.0418 267 HOH A O     
641 O  O     . HOH F .  ? 0.5958 0.6226 0.3546 0.2428  -0.0515 -0.1171 268 HOH A O     
642 O  O     . HOH F .  ? 0.5733 0.6827 0.4823 -0.0952 0.0641  0.0505  269 HOH A O     
643 O  O     . HOH F .  ? 0.5366 0.4233 0.9844 0.1534  0.2879  0.3028  270 HOH A O     
644 O  O     . HOH F .  ? 0.5694 0.4146 0.3281 0.0862  0.0589  -0.0786 271 HOH A O     
645 O  O     A HOH F .  ? 0.4124 0.6273 0.4029 0.0170  0.0866  -0.0527 272 HOH A O     
646 O  O     B HOH F .  ? 0.6221 0.5374 0.3011 -0.0187 -0.0151 0.0060  272 HOH A O     
647 O  O     . HOH F .  ? 0.6604 0.8444 0.3603 -0.0415 -0.1708 -0.0557 273 HOH A O     
648 O  O     . HOH F .  ? 0.3900 0.4180 0.3609 0.0556  -0.0048 -0.0185 274 HOH A O     
649 O  O     . HOH F .  ? 0.6544 1.0175 0.3106 0.2917  0.1941  0.0259  275 HOH A O     
650 O  O     . HOH F .  ? 0.3454 0.3500 0.3672 0.0235  0.0253  -0.0152 276 HOH A O     
651 O  O     . HOH F .  ? 0.4879 0.4739 0.2888 -0.0748 0.1084  0.0537  277 HOH A O     
652 O  O     . HOH F .  ? 0.6215 0.4929 0.2668 0.0192  0.0418  0.0567  278 HOH A O     
653 O  O     . HOH F .  ? 0.5381 0.4479 0.4382 -0.0172 0.0107  0.0053  279 HOH A O     
654 O  O     . HOH F .  ? 0.6648 0.4929 0.3770 0.1347  0.0777  0.0779  280 HOH A O     
655 O  O     . HOH F .  ? 0.4836 0.5243 0.3550 0.0539  0.0131  -0.0147 281 HOH A O     
656 O  O     . HOH F .  ? 0.6693 0.5273 0.8268 -0.0755 0.0091  -0.2173 282 HOH A O     
657 O  O     . HOH F .  ? 0.4663 0.4811 0.2123 -0.0596 0.0914  -0.0142 283 HOH A O     
658 O  O     . HOH G .  ? 0.3121 0.2572 0.1521 0.0094  0.0195  -0.0179 201 HOH B O     
659 O  O     . HOH G .  ? 0.4404 0.4904 0.2083 -0.1115 0.0276  -0.0511 202 HOH B O     
660 O  O     . HOH G .  ? 0.4065 0.2632 0.2165 -0.0025 -0.0146 -0.0549 203 HOH B O     
661 O  O     . HOH G .  ? 0.6291 0.3194 0.1922 0.0214  0.0242  -0.0434 204 HOH B O     
662 O  O     . HOH G .  ? 0.3684 0.2943 0.1613 0.0690  0.0354  0.0013  205 HOH B O     
663 O  O     . HOH G .  ? 0.3134 0.2802 0.1918 -0.0110 0.0246  -0.0238 206 HOH B O     
664 O  O     . HOH G .  ? 0.3117 0.2580 0.1891 -0.0146 0.0267  -0.0157 207 HOH B O     
665 O  O     . HOH G .  ? 0.3883 0.3152 0.1826 -0.0069 0.0375  -0.0635 208 HOH B O     
666 O  O     . HOH G .  ? 0.3151 0.2479 0.2373 0.0005  0.0278  0.0189  209 HOH B O     
667 O  O     . HOH G .  ? 0.4101 0.2799 0.3386 -0.0395 -0.0176 0.0716  210 HOH B O     
668 O  O     . HOH G .  ? 0.3871 0.3733 0.1710 0.0055  0.0533  0.0206  211 HOH B O     
669 O  O     . HOH G .  ? 0.3519 0.2935 0.1881 -0.0129 0.0438  0.0102  212 HOH B O     
670 O  O     . HOH G .  ? 0.3888 0.2854 0.2924 0.0142  -0.0119 -0.0831 213 HOH B O     
671 O  O     . HOH G .  ? 0.3405 0.2502 0.2450 0.0056  0.0303  -0.0071 214 HOH B O     
672 O  O     . HOH G .  ? 0.3454 0.2301 0.1794 0.0191  0.0127  -0.0204 215 HOH B O     
673 O  O     . HOH G .  ? 0.4059 0.3158 0.3127 -0.0285 -0.0006 -0.0489 216 HOH B O     
674 O  O     . HOH G .  ? 0.3712 0.2988 0.2680 0.0414  0.0298  0.0368  217 HOH B O     
675 O  O     . HOH G .  ? 0.3346 0.2827 0.4064 0.0061  -0.0315 -0.0086 218 HOH B O     
676 O  O     . HOH G .  ? 0.3976 0.2583 0.3881 -0.0273 -0.0830 0.0317  219 HOH B O     
677 O  O     . HOH G .  ? 0.3792 0.3195 0.2936 -0.0083 0.0431  -0.0545 220 HOH B O     
678 O  O     . HOH G .  ? 0.3746 0.4075 0.3800 0.0321  0.1142  0.0824  221 HOH B O     
679 O  O     . HOH G .  ? 0.5094 0.3869 0.2022 0.0372  0.0151  0.0073  222 HOH B O     
680 O  O     . HOH G .  ? 0.3455 0.2336 0.2387 0.0104  0.0189  -0.0075 223 HOH B O     
681 O  O     . HOH G .  ? 0.4505 0.3003 0.3750 0.0251  -0.0966 -0.0096 224 HOH B O     
682 O  O     . HOH G .  ? 0.4310 0.3240 0.3059 0.0220  0.0550  0.0980  225 HOH B O     
683 O  O     . HOH G .  ? 0.5141 0.3247 0.4385 -0.0179 0.1664  -0.0926 226 HOH B O     
684 O  O     . HOH G .  ? 0.6883 0.4801 0.3003 -0.1112 0.0960  -0.0393 227 HOH B O     
685 O  O     . HOH G .  ? 0.9552 1.9126 0.6022 0.4112  0.1466  -0.2921 228 HOH B O     
686 O  O     . HOH G .  ? 0.5207 0.3772 0.2829 -0.0096 -0.0807 -0.0370 229 HOH B O     
687 O  O     . HOH G .  ? 0.3815 0.2885 0.3726 0.0073  0.0607  0.0086  230 HOH B O     
688 O  O     . HOH G .  ? 0.3989 0.2864 0.2399 0.0141  0.0299  -0.0382 231 HOH B O     
689 O  O     . HOH G .  ? 0.6126 0.3004 0.2846 0.0311  0.0238  -0.0600 232 HOH B O     
690 O  O     . HOH G .  ? 0.4160 0.4506 0.2175 0.0682  0.0011  -0.0284 233 HOH B O     
691 O  O     . HOH G .  ? 0.4136 0.3013 0.2642 -0.0612 0.0059  -0.0181 234 HOH B O     
692 O  O     . HOH G .  ? 1.0312 0.5340 0.7159 0.0605  0.2172  -0.0556 235 HOH B O     
693 O  O     . HOH G .  ? 0.4720 0.4010 0.3794 0.0184  -0.0620 0.0006  236 HOH B O     
694 O  O     . HOH G .  ? 0.5526 0.6739 0.3146 0.1395  -0.0012 0.0400  237 HOH B O     
695 O  O     . HOH G .  ? 0.4711 0.5736 0.4532 -0.1230 0.0241  0.1464  238 HOH B O     
696 O  O     . HOH G .  ? 0.4946 0.4138 0.5178 0.0128  0.0396  -0.1139 239 HOH B O     
697 O  O     . HOH G .  ? 0.5082 0.4604 0.5139 0.0344  0.0538  0.1899  240 HOH B O     
698 O  O     . HOH G .  ? 0.4243 0.4099 0.4594 0.0259  -0.0470 -0.1139 241 HOH B O     
699 O  O     . HOH G .  ? 0.5444 0.6471 0.3896 -0.0406 -0.0653 0.1893  242 HOH B O     
700 O  O     . HOH G .  ? 0.4890 0.3610 0.4927 0.0075  0.0514  0.1303  243 HOH B O     
701 O  O     . HOH G .  ? 0.4352 0.3233 0.3190 0.0386  0.0300  0.0393  244 HOH B O     
702 O  O     . HOH G .  ? 0.5773 0.4075 0.6638 -0.0692 0.0994  -0.0094 245 HOH B O     
703 O  O     . HOH G .  ? 0.4837 0.3494 0.3493 -0.0591 -0.0158 0.0432  246 HOH B O     
704 O  O     . HOH G .  ? 1.2367 1.2991 0.5956 -0.6448 -0.4251 0.1779  247 HOH B O     
705 O  O     . HOH G .  ? 0.4922 0.2993 0.2598 -0.0434 -0.0248 0.0301  248 HOH B O     
706 O  O     . HOH G .  ? 0.5043 0.4063 0.3442 0.0010  -0.0364 0.0819  249 HOH B O     
707 O  O     . HOH G .  ? 0.4633 0.4580 0.2525 0.0304  -0.0032 -0.0462 250 HOH B O     
708 O  O     . HOH G .  ? 0.4226 0.3275 0.5357 -0.0086 0.1316  -0.0655 251 HOH B O     
709 O  O     . HOH G .  ? 0.4372 0.4238 0.5519 0.0089  0.0225  0.0778  252 HOH B O     
710 O  O     . HOH G .  ? 0.4071 0.4177 0.6820 -0.0098 0.0533  -0.1136 253 HOH B O     
711 O  O     . HOH G .  ? 0.4579 0.3936 0.3785 0.0017  -0.0437 -0.1100 254 HOH B O     
712 O  O     . HOH G .  ? 0.5006 0.4804 0.2607 0.0658  0.0333  -0.0865 255 HOH B O     
713 O  O     . HOH G .  ? 0.6527 0.4814 0.2726 0.0169  0.0645  -0.0512 256 HOH B O     
714 O  O     . HOH G .  ? 0.5122 0.2557 0.5568 0.0175  0.0825  -0.0372 257 HOH B O     
715 O  O     . HOH G .  ? 0.6403 0.2454 0.4488 -0.0338 -0.1632 0.0163  258 HOH B O     
716 O  O     . HOH G .  ? 0.5015 0.6661 0.9134 -0.0862 0.0254  0.1879  259 HOH B O     
717 O  O     . HOH G .  ? 0.6780 0.3064 0.3574 0.0951  0.1348  0.0061  260 HOH B O     
718 O  O     . HOH G .  ? 0.3181 0.2664 0.1873 -0.0198 0.0311  -0.0228 261 HOH B O     
719 O  O     . HOH G .  ? 0.3092 0.2921 0.1934 -0.0163 0.0404  -0.0163 262 HOH B O     
720 O  O     . HOH G .  ? 0.4814 0.2881 0.7021 -0.0267 0.0243  0.1363  263 HOH B O     
721 O  O     . HOH G .  ? 0.4581 0.6676 0.6654 -0.0084 0.1276  -0.3451 264 HOH B O     
722 O  O     . HOH G .  ? 0.5451 0.4518 0.3601 -0.1105 0.0107  0.1301  265 HOH B O     
723 O  O     . HOH G .  ? 0.7657 0.3739 0.3399 -0.0082 0.1669  -0.0305 266 HOH B O     
724 O  O     . HOH G .  ? 1.5712 0.8512 1.6689 0.4167  0.5354  0.5631  267 HOH B O     
725 O  O     . HOH G .  ? 0.8174 0.4944 0.4458 -0.0726 -0.0234 0.1451  268 HOH B O     
726 O  O     . HOH G .  ? 0.4627 0.4644 0.3128 -0.0538 -0.0165 0.0106  269 HOH B O     
727 O  O     . HOH G .  ? 0.3282 0.2868 0.1732 -0.0344 0.0368  -0.0216 270 HOH B O     
728 O  O     . HOH G .  ? 0.7253 0.6221 0.5058 0.2281  0.2024  0.0193  271 HOH B O     
729 O  O     . HOH G .  ? 0.5347 0.4803 0.6616 0.1128  -0.0808 -0.0746 272 HOH B O     
730 O  O     . HOH G .  ? 1.0318 1.8632 0.5686 0.4357  0.4913  -0.4947 273 HOH B O     
731 O  O     . HOH G .  ? 0.5314 0.4242 0.3769 0.0761  0.1854  0.1006  274 HOH B O     
732 O  O     . HOH G .  ? 0.5664 0.3751 0.2182 0.1097  -0.0366 -0.0530 275 HOH B O     
733 O  O     . HOH G .  ? 1.3359 2.7103 0.3263 0.4393  0.0084  -0.1640 276 HOH B O     
734 O  O     . HOH G .  ? 1.7673 1.2996 0.7509 0.3000  0.2716  -0.1562 277 HOH B O     
735 O  O     . HOH G .  ? 0.5116 0.3105 0.4498 -0.0136 -0.0868 -0.0864 278 HOH B O     
736 O  O     . HOH G .  ? 0.7601 0.5955 0.5673 -0.0035 0.2696  -0.0742 279 HOH B O     
737 O  O     . HOH G .  ? 0.5825 0.5295 0.2997 0.1556  0.0340  -0.0246 280 HOH B O     
738 O  O     . HOH G .  ? 0.7286 0.5250 3.1863 -0.0514 0.1080  -0.2640 281 HOH B O     
739 O  O     . HOH G .  ? 0.4076 0.2609 0.5195 -0.0013 -0.0026 0.0167  282 HOH B O     
740 O  O     . HOH G .  ? 0.3749 0.4840 0.8456 0.0360  0.0392  0.2699  283 HOH B O     
741 O  O     . HOH G .  ? 0.3547 0.4314 0.4758 -0.0745 0.0099  0.0321  284 HOH B O     
742 O  O     A HOH G .  ? 0.3947 0.3962 0.3666 0.0616  0.0201  -0.0703 285 HOH B O     
743 O  O     B HOH G .  ? 0.4392 0.4378 0.2835 0.1837  -0.1152 -0.1596 285 HOH B O     
744 O  O     . HOH G .  ? 0.7722 0.4155 0.7584 -0.0530 -0.0728 -0.0632 286 HOH B O     
745 O  O     A HOH G .  ? 0.7927 0.3159 0.4114 0.0642  0.0107  -0.0060 287 HOH B O     
746 O  O     B HOH G .  ? 0.5396 0.5641 0.1694 -0.0557 0.0527  -0.1231 287 HOH B O     
747 O  O     . HOH G .  ? 0.5079 0.3350 0.2950 -0.0033 -0.0356 0.0520  288 HOH B O     
748 O  O     . HOH G .  ? 0.3854 0.3812 0.6353 0.0248  -0.0074 0.1921  289 HOH B O     
749 O  O     . HOH G .  ? 1.6668 0.5153 1.1702 0.2224  0.2535  0.0308  290 HOH B O     
750 O  O     A HOH G .  ? 0.4384 0.3871 0.4079 -0.0368 -0.0100 0.0123  291 HOH B O     
751 O  O     B HOH G .  ? 0.3451 0.3161 0.4268 -0.0149 0.0266  0.0313  291 HOH B O     
752 O  O     . HOH G .  ? 0.7550 0.5642 0.4010 0.0149  0.1159  0.0385  292 HOH B O     
753 O  O     . HOH G .  ? 0.7955 0.7073 0.4726 0.1505  0.1706  0.1479  293 HOH B O     
754 O  O     . HOH G .  ? 1.0576 0.6415 0.6878 0.0441  0.2173  -0.0431 294 HOH B O     
755 O  O     . HOH G .  ? 0.4520 0.6405 0.5706 -0.1281 -0.0289 0.2260  295 HOH B O     
756 O  O     . HOH G .  ? 0.8231 0.3554 0.8858 -0.2238 -0.2420 0.0453  296 HOH B O     
757 O  O     . HOH G .  ? 0.4472 0.4291 0.5169 0.0453  0.0357  0.1757  297 HOH B O     
758 O  O     . HOH G .  ? 0.9352 0.4935 0.3850 0.2048  0.1501  0.0501  298 HOH B O     
759 O  O     . HOH G .  ? 0.8941 0.4746 0.8403 0.0608  -0.1650 0.1789  299 HOH B O     
760 O  O     . HOH G .  ? 0.6277 0.4513 0.4054 0.1489  -0.0376 -0.0922 300 HOH B O     
761 O  O     . HOH G .  ? 0.5272 0.4861 0.3870 -0.0382 -0.0906 -0.0478 301 HOH B O     
762 O  O     . HOH G .  ? 0.4601 0.4031 0.3895 0.0386  0.0401  0.0947  302 HOH B O     
763 O  O     . HOH G .  ? 0.5216 0.5181 0.5498 0.0377  -0.0492 -0.0390 303 HOH B O     
764 O  O     . HOH G .  ? 0.5466 0.6426 0.5010 -0.0453 0.0879  0.1090  304 HOH B O     
# 
loop_
_pdbx_poly_seq_scheme.asym_id 
_pdbx_poly_seq_scheme.entity_id 
_pdbx_poly_seq_scheme.seq_id 
_pdbx_poly_seq_scheme.mon_id 
_pdbx_poly_seq_scheme.ndb_seq_num 
_pdbx_poly_seq_scheme.pdb_seq_num 
_pdbx_poly_seq_scheme.auth_seq_num 
_pdbx_poly_seq_scheme.pdb_mon_id 
_pdbx_poly_seq_scheme.auth_mon_id 
_pdbx_poly_seq_scheme.pdb_strand_id 
_pdbx_poly_seq_scheme.pdb_ins_code 
_pdbx_poly_seq_scheme.hetero 
A 1 1  DC  1  1  1  DC  DC  A . n 
A 1 2  DG  2  2  2  DG  DG  A . n 
A 1 3  DC  3  3  3  DC  DC  A . n 
A 1 4  DG  4  4  4  DG  DG  A . n 
A 1 5  DA  5  5  5  DA  DA  A . n 
A 1 6  DA  6  6  6  DA  DA  A . n 
A 1 7  DT  7  7  7  DT  DT  A . n 
A 1 8  DT  8  8  8  DT  DT  A . n 
A 1 9  5HC 9  9  9  5HC 5HC A . n 
A 1 10 DG  10 10 10 DG  DG  A . n 
A 1 11 DC  11 11 11 DC  DC  A . n 
A 1 12 DG  12 12 12 DG  DG  A . n 
B 1 1  DC  1  13 13 DC  DC  B . n 
B 1 2  DG  2  14 14 DG  DG  B . n 
B 1 3  DC  3  15 15 DC  DC  B . n 
B 1 4  DG  4  16 16 DG  DG  B . n 
B 1 5  DA  5  17 17 DA  DA  B . n 
B 1 6  DA  6  18 18 DA  DA  B . n 
B 1 7  DT  7  19 19 DT  DT  B . n 
B 1 8  DT  8  20 20 DT  DT  B . n 
B 1 9  5HC 9  21 21 5HC 5HC B . n 
B 1 10 DG  10 22 22 DG  DG  B . n 
B 1 11 DC  11 23 23 DC  DC  B . n 
B 1 12 DG  12 24 24 DG  DG  B . n 
# 
loop_
_pdbx_nonpoly_scheme.asym_id 
_pdbx_nonpoly_scheme.entity_id 
_pdbx_nonpoly_scheme.mon_id 
_pdbx_nonpoly_scheme.ndb_seq_num 
_pdbx_nonpoly_scheme.pdb_seq_num 
_pdbx_nonpoly_scheme.auth_seq_num 
_pdbx_nonpoly_scheme.pdb_mon_id 
_pdbx_nonpoly_scheme.auth_mon_id 
_pdbx_nonpoly_scheme.pdb_strand_id 
_pdbx_nonpoly_scheme.pdb_ins_code 
C 2 MG  1   101 101 MG  MG  A . 
D 3 SPK 1   101 101 SPK SPK B . 
E 3 SPK 1   102 102 SPK SPK B . 
F 4 HOH 1   201 201 HOH HOH A . 
F 4 HOH 2   202 202 HOH HOH A . 
F 4 HOH 3   203 203 HOH HOH A . 
F 4 HOH 4   204 205 HOH HOH A . 
F 4 HOH 5   205 206 HOH HOH A . 
F 4 HOH 6   206 207 HOH HOH A . 
F 4 HOH 7   207 208 HOH HOH A . 
F 4 HOH 8   208 209 HOH HOH A . 
F 4 HOH 9   209 210 HOH HOH A . 
F 4 HOH 10  210 211 HOH HOH A . 
F 4 HOH 11  211 212 HOH HOH A . 
F 4 HOH 12  212 213 HOH HOH A . 
F 4 HOH 13  213 214 HOH HOH A . 
F 4 HOH 14  214 215 HOH HOH A . 
F 4 HOH 15  215 216 HOH HOH A . 
F 4 HOH 16  216 217 HOH HOH A . 
F 4 HOH 17  217 218 HOH HOH A . 
F 4 HOH 18  218 219 HOH HOH A . 
F 4 HOH 19  219 220 HOH HOH A . 
F 4 HOH 20  220 221 HOH HOH A . 
F 4 HOH 21  221 222 HOH HOH A . 
F 4 HOH 22  222 223 HOH HOH A . 
F 4 HOH 23  223 224 HOH HOH A . 
F 4 HOH 24  224 225 HOH HOH A . 
F 4 HOH 25  225 226 HOH HOH A . 
F 4 HOH 26  226 227 HOH HOH A . 
F 4 HOH 27  227 228 HOH HOH A . 
F 4 HOH 28  228 229 HOH HOH A . 
F 4 HOH 29  229 230 HOH HOH A . 
F 4 HOH 30  230 231 HOH HOH A . 
F 4 HOH 31  231 232 HOH HOH A . 
F 4 HOH 32  232 233 HOH HOH A . 
F 4 HOH 33  233 234 HOH HOH A . 
F 4 HOH 34  234 235 HOH HOH A . 
F 4 HOH 35  235 236 HOH HOH A . 
F 4 HOH 36  236 237 HOH HOH A . 
F 4 HOH 37  237 238 HOH HOH A . 
F 4 HOH 38  238 239 HOH HOH A . 
F 4 HOH 39  239 240 HOH HOH A . 
F 4 HOH 40  240 242 HOH HOH A . 
F 4 HOH 41  241 243 HOH HOH A . 
F 4 HOH 42  242 244 HOH HOH A . 
F 4 HOH 43  243 245 HOH HOH A . 
F 4 HOH 44  244 246 HOH HOH A . 
F 4 HOH 45  245 247 HOH HOH A . 
F 4 HOH 46  246 248 HOH HOH A . 
F 4 HOH 47  247 249 HOH HOH A . 
F 4 HOH 48  248 250 HOH HOH A . 
F 4 HOH 49  249 251 HOH HOH A . 
F 4 HOH 50  250 252 HOH HOH A . 
F 4 HOH 51  251 253 HOH HOH A . 
F 4 HOH 52  252 254 HOH HOH A . 
F 4 HOH 53  253 255 HOH HOH A . 
F 4 HOH 54  254 256 HOH HOH A . 
F 4 HOH 55  255 257 HOH HOH A . 
F 4 HOH 56  256 258 HOH HOH A . 
F 4 HOH 57  257 259 HOH HOH A . 
F 4 HOH 58  258 260 HOH HOH A . 
F 4 HOH 59  259 261 HOH HOH A . 
F 4 HOH 60  260 262 HOH HOH A . 
F 4 HOH 61  261 263 HOH HOH A . 
F 4 HOH 62  262 264 HOH HOH A . 
F 4 HOH 63  263 265 HOH HOH A . 
F 4 HOH 64  264 266 HOH HOH A . 
F 4 HOH 65  265 267 HOH HOH A . 
F 4 HOH 66  266 268 HOH HOH A . 
F 4 HOH 67  267 269 HOH HOH A . 
F 4 HOH 68  268 270 HOH HOH A . 
F 4 HOH 69  269 271 HOH HOH A . 
F 4 HOH 70  270 272 HOH HOH A . 
F 4 HOH 71  271 273 HOH HOH A . 
F 4 HOH 72  272 274 HOH HOH A . 
F 4 HOH 73  273 275 HOH HOH A . 
F 4 HOH 74  274 276 HOH HOH A . 
F 4 HOH 75  275 277 HOH HOH A . 
F 4 HOH 76  276 278 HOH HOH A . 
F 4 HOH 77  277 279 HOH HOH A . 
F 4 HOH 78  278 280 HOH HOH A . 
F 4 HOH 79  279 281 HOH HOH A . 
F 4 HOH 80  280 282 HOH HOH A . 
F 4 HOH 81  281 283 HOH HOH A . 
F 4 HOH 82  282 294 HOH HOH A . 
F 4 HOH 83  283 241 HOH HOH A . 
G 4 HOH 1   201 204 HOH HOH B . 
G 4 HOH 2   202 201 HOH HOH B . 
G 4 HOH 3   203 202 HOH HOH B . 
G 4 HOH 4   204 203 HOH HOH B . 
G 4 HOH 5   205 204 HOH HOH B . 
G 4 HOH 6   206 205 HOH HOH B . 
G 4 HOH 7   207 206 HOH HOH B . 
G 4 HOH 8   208 207 HOH HOH B . 
G 4 HOH 9   209 208 HOH HOH B . 
G 4 HOH 10  210 209 HOH HOH B . 
G 4 HOH 11  211 210 HOH HOH B . 
G 4 HOH 12  212 211 HOH HOH B . 
G 4 HOH 13  213 212 HOH HOH B . 
G 4 HOH 14  214 213 HOH HOH B . 
G 4 HOH 15  215 214 HOH HOH B . 
G 4 HOH 16  216 215 HOH HOH B . 
G 4 HOH 17  217 216 HOH HOH B . 
G 4 HOH 18  218 217 HOH HOH B . 
G 4 HOH 19  219 218 HOH HOH B . 
G 4 HOH 20  220 219 HOH HOH B . 
G 4 HOH 21  221 220 HOH HOH B . 
G 4 HOH 22  222 221 HOH HOH B . 
G 4 HOH 23  223 222 HOH HOH B . 
G 4 HOH 24  224 223 HOH HOH B . 
G 4 HOH 25  225 224 HOH HOH B . 
G 4 HOH 26  226 225 HOH HOH B . 
G 4 HOH 27  227 226 HOH HOH B . 
G 4 HOH 28  228 227 HOH HOH B . 
G 4 HOH 29  229 228 HOH HOH B . 
G 4 HOH 30  230 229 HOH HOH B . 
G 4 HOH 31  231 230 HOH HOH B . 
G 4 HOH 32  232 231 HOH HOH B . 
G 4 HOH 33  233 232 HOH HOH B . 
G 4 HOH 34  234 233 HOH HOH B . 
G 4 HOH 35  235 234 HOH HOH B . 
G 4 HOH 36  236 235 HOH HOH B . 
G 4 HOH 37  237 236 HOH HOH B . 
G 4 HOH 38  238 237 HOH HOH B . 
G 4 HOH 39  239 238 HOH HOH B . 
G 4 HOH 40  240 239 HOH HOH B . 
G 4 HOH 41  241 240 HOH HOH B . 
G 4 HOH 42  242 241 HOH HOH B . 
G 4 HOH 43  243 242 HOH HOH B . 
G 4 HOH 44  244 243 HOH HOH B . 
G 4 HOH 45  245 244 HOH HOH B . 
G 4 HOH 46  246 245 HOH HOH B . 
G 4 HOH 47  247 246 HOH HOH B . 
G 4 HOH 48  248 247 HOH HOH B . 
G 4 HOH 49  249 248 HOH HOH B . 
G 4 HOH 50  250 249 HOH HOH B . 
G 4 HOH 51  251 250 HOH HOH B . 
G 4 HOH 52  252 251 HOH HOH B . 
G 4 HOH 53  253 252 HOH HOH B . 
G 4 HOH 54  254 253 HOH HOH B . 
G 4 HOH 55  255 254 HOH HOH B . 
G 4 HOH 56  256 255 HOH HOH B . 
G 4 HOH 57  257 256 HOH HOH B . 
G 4 HOH 58  258 257 HOH HOH B . 
G 4 HOH 59  259 258 HOH HOH B . 
G 4 HOH 60  260 259 HOH HOH B . 
G 4 HOH 61  261 260 HOH HOH B . 
G 4 HOH 62  262 261 HOH HOH B . 
G 4 HOH 63  263 262 HOH HOH B . 
G 4 HOH 64  264 263 HOH HOH B . 
G 4 HOH 65  265 264 HOH HOH B . 
G 4 HOH 66  266 265 HOH HOH B . 
G 4 HOH 67  267 266 HOH HOH B . 
G 4 HOH 68  268 267 HOH HOH B . 
G 4 HOH 69  269 268 HOH HOH B . 
G 4 HOH 70  270 269 HOH HOH B . 
G 4 HOH 71  271 270 HOH HOH B . 
G 4 HOH 72  272 271 HOH HOH B . 
G 4 HOH 73  273 272 HOH HOH B . 
G 4 HOH 74  274 273 HOH HOH B . 
G 4 HOH 75  275 274 HOH HOH B . 
G 4 HOH 76  276 275 HOH HOH B . 
G 4 HOH 77  277 276 HOH HOH B . 
G 4 HOH 78  278 277 HOH HOH B . 
G 4 HOH 79  279 278 HOH HOH B . 
G 4 HOH 80  280 279 HOH HOH B . 
G 4 HOH 81  281 280 HOH HOH B . 
G 4 HOH 82  282 281 HOH HOH B . 
G 4 HOH 83  283 282 HOH HOH B . 
G 4 HOH 84  284 283 HOH HOH B . 
G 4 HOH 85  285 284 HOH HOH B . 
G 4 HOH 86  286 285 HOH HOH B . 
G 4 HOH 87  287 286 HOH HOH B . 
G 4 HOH 88  288 287 HOH HOH B . 
G 4 HOH 89  289 288 HOH HOH B . 
G 4 HOH 90  290 289 HOH HOH B . 
G 4 HOH 91  291 290 HOH HOH B . 
G 4 HOH 92  292 291 HOH HOH B . 
G 4 HOH 93  293 292 HOH HOH B . 
G 4 HOH 94  294 293 HOH HOH B . 
G 4 HOH 95  295 295 HOH HOH B . 
G 4 HOH 96  296 296 HOH HOH B . 
G 4 HOH 97  297 297 HOH HOH B . 
G 4 HOH 98  298 298 HOH HOH B . 
G 4 HOH 99  299 299 HOH HOH B . 
G 4 HOH 100 300 300 HOH HOH B . 
G 4 HOH 101 301 301 HOH HOH B . 
G 4 HOH 102 302 302 HOH HOH B . 
G 4 HOH 103 303 303 HOH HOH B . 
G 4 HOH 104 304 304 HOH HOH B . 
# 
loop_
_pdbx_struct_mod_residue.id 
_pdbx_struct_mod_residue.label_asym_id 
_pdbx_struct_mod_residue.label_comp_id 
_pdbx_struct_mod_residue.label_seq_id 
_pdbx_struct_mod_residue.auth_asym_id 
_pdbx_struct_mod_residue.auth_comp_id 
_pdbx_struct_mod_residue.auth_seq_id 
_pdbx_struct_mod_residue.PDB_ins_code 
_pdbx_struct_mod_residue.parent_comp_id 
_pdbx_struct_mod_residue.details 
1 A 5HC 9 A 5HC 9  ? DC ? 
2 B 5HC 9 B 5HC 21 ? DC ? 
# 
_pdbx_struct_assembly.id                   1 
_pdbx_struct_assembly.details              author_and_software_defined_assembly 
_pdbx_struct_assembly.method_details       PISA 
_pdbx_struct_assembly.oligomeric_details   dimeric 
_pdbx_struct_assembly.oligomeric_count     2 
# 
_pdbx_struct_assembly_gen.assembly_id       1 
_pdbx_struct_assembly_gen.oper_expression   1 
_pdbx_struct_assembly_gen.asym_id_list      A,B,C,D,E,F,G 
# 
loop_
_pdbx_struct_assembly_prop.biol_id 
_pdbx_struct_assembly_prop.type 
_pdbx_struct_assembly_prop.value 
_pdbx_struct_assembly_prop.details 
1 'ABSA (A^2)' 1470 ? 
1 MORE         -11  ? 
1 'SSA (A^2)'  5150 ? 
# 
_pdbx_struct_oper_list.id                   1 
_pdbx_struct_oper_list.type                 'identity operation' 
_pdbx_struct_oper_list.name                 1_555 
_pdbx_struct_oper_list.symmetry_operation   x,y,z 
_pdbx_struct_oper_list.matrix[1][1]         1.0000000000 
_pdbx_struct_oper_list.matrix[1][2]         0.0000000000 
_pdbx_struct_oper_list.matrix[1][3]         0.0000000000 
_pdbx_struct_oper_list.vector[1]            0.0000000000 
_pdbx_struct_oper_list.matrix[2][1]         0.0000000000 
_pdbx_struct_oper_list.matrix[2][2]         1.0000000000 
_pdbx_struct_oper_list.matrix[2][3]         0.0000000000 
_pdbx_struct_oper_list.vector[2]            0.0000000000 
_pdbx_struct_oper_list.matrix[3][1]         0.0000000000 
_pdbx_struct_oper_list.matrix[3][2]         0.0000000000 
_pdbx_struct_oper_list.matrix[3][3]         1.0000000000 
_pdbx_struct_oper_list.vector[3]            0.0000000000 
# 
loop_
_pdbx_struct_conn_angle.id 
_pdbx_struct_conn_angle.ptnr1_label_atom_id 
_pdbx_struct_conn_angle.ptnr1_label_alt_id 
_pdbx_struct_conn_angle.ptnr1_label_asym_id 
_pdbx_struct_conn_angle.ptnr1_label_comp_id 
_pdbx_struct_conn_angle.ptnr1_label_seq_id 
_pdbx_struct_conn_angle.ptnr1_auth_atom_id 
_pdbx_struct_conn_angle.ptnr1_auth_asym_id 
_pdbx_struct_conn_angle.ptnr1_auth_comp_id 
_pdbx_struct_conn_angle.ptnr1_auth_seq_id 
_pdbx_struct_conn_angle.ptnr1_PDB_ins_code 
_pdbx_struct_conn_angle.ptnr1_symmetry 
_pdbx_struct_conn_angle.ptnr2_label_atom_id 
_pdbx_struct_conn_angle.ptnr2_label_alt_id 
_pdbx_struct_conn_angle.ptnr2_label_asym_id 
_pdbx_struct_conn_angle.ptnr2_label_comp_id 
_pdbx_struct_conn_angle.ptnr2_label_seq_id 
_pdbx_struct_conn_angle.ptnr2_auth_atom_id 
_pdbx_struct_conn_angle.ptnr2_auth_asym_id 
_pdbx_struct_conn_angle.ptnr2_auth_comp_id 
_pdbx_struct_conn_angle.ptnr2_auth_seq_id 
_pdbx_struct_conn_angle.ptnr2_PDB_ins_code 
_pdbx_struct_conn_angle.ptnr2_symmetry 
_pdbx_struct_conn_angle.ptnr3_label_atom_id 
_pdbx_struct_conn_angle.ptnr3_label_alt_id 
_pdbx_struct_conn_angle.ptnr3_label_asym_id 
_pdbx_struct_conn_angle.ptnr3_label_comp_id 
_pdbx_struct_conn_angle.ptnr3_label_seq_id 
_pdbx_struct_conn_angle.ptnr3_auth_atom_id 
_pdbx_struct_conn_angle.ptnr3_auth_asym_id 
_pdbx_struct_conn_angle.ptnr3_auth_comp_id 
_pdbx_struct_conn_angle.ptnr3_auth_seq_id 
_pdbx_struct_conn_angle.ptnr3_PDB_ins_code 
_pdbx_struct_conn_angle.ptnr3_symmetry 
_pdbx_struct_conn_angle.value 
_pdbx_struct_conn_angle.value_esd 
1  O ? F HOH . ? A HOH 208 ? 1_555 MG ? C MG . ? A MG 101 ? 1_555 O ? F HOH . ? A HOH 249 ? 1_555 93.8  ? 
2  O ? F HOH . ? A HOH 208 ? 1_555 MG ? C MG . ? A MG 101 ? 1_555 O ? G HOH . ? B HOH 206 ? 1_555 86.7  ? 
3  O ? F HOH . ? A HOH 249 ? 1_555 MG ? C MG . ? A MG 101 ? 1_555 O ? G HOH . ? B HOH 206 ? 1_555 90.0  ? 
4  O ? F HOH . ? A HOH 208 ? 1_555 MG ? C MG . ? A MG 101 ? 1_555 O ? G HOH . ? B HOH 261 ? 1_555 86.2  ? 
5  O ? F HOH . ? A HOH 249 ? 1_555 MG ? C MG . ? A MG 101 ? 1_555 O ? G HOH . ? B HOH 261 ? 1_555 178.7 ? 
6  O ? G HOH . ? B HOH 206 ? 1_555 MG ? C MG . ? A MG 101 ? 1_555 O ? G HOH . ? B HOH 261 ? 1_555 91.4  ? 
7  O ? F HOH . ? A HOH 208 ? 1_555 MG ? C MG . ? A MG 101 ? 1_555 O ? G HOH . ? B HOH 262 ? 1_555 173.7 ? 
8  O ? F HOH . ? A HOH 249 ? 1_555 MG ? C MG . ? A MG 101 ? 1_555 O ? G HOH . ? B HOH 262 ? 1_555 89.2  ? 
9  O ? G HOH . ? B HOH 206 ? 1_555 MG ? C MG . ? A MG 101 ? 1_555 O ? G HOH . ? B HOH 262 ? 1_555 87.9  ? 
10 O ? G HOH . ? B HOH 261 ? 1_555 MG ? C MG . ? A MG 101 ? 1_555 O ? G HOH . ? B HOH 262 ? 1_555 90.9  ? 
11 O ? F HOH . ? A HOH 208 ? 1_555 MG ? C MG . ? A MG 101 ? 1_555 O ? G HOH . ? B HOH 270 ? 1_555 93.2  ? 
12 O ? F HOH . ? A HOH 249 ? 1_555 MG ? C MG . ? A MG 101 ? 1_555 O ? G HOH . ? B HOH 270 ? 1_555 89.9  ? 
13 O ? G HOH . ? B HOH 206 ? 1_555 MG ? C MG . ? A MG 101 ? 1_555 O ? G HOH . ? B HOH 270 ? 1_555 179.8 ? 
14 O ? G HOH . ? B HOH 261 ? 1_555 MG ? C MG . ? A MG 101 ? 1_555 O ? G HOH . ? B HOH 270 ? 1_555 88.8  ? 
15 O ? G HOH . ? B HOH 262 ? 1_555 MG ? C MG . ? A MG 101 ? 1_555 O ? G HOH . ? B HOH 270 ? 1_555 92.3  ? 
# 
loop_
_pdbx_audit_revision_history.ordinal 
_pdbx_audit_revision_history.data_content_type 
_pdbx_audit_revision_history.major_revision 
_pdbx_audit_revision_history.minor_revision 
_pdbx_audit_revision_history.revision_date 
1 'Structure model' 1 0 2013-11-20 
2 'Structure model' 1 1 2015-02-11 
3 'Structure model' 1 2 2015-02-25 
4 'Structure model' 1 3 2023-09-20 
# 
_pdbx_audit_revision_details.ordinal             1 
_pdbx_audit_revision_details.revision_ordinal    1 
_pdbx_audit_revision_details.data_content_type   'Structure model' 
_pdbx_audit_revision_details.provider            repository 
_pdbx_audit_revision_details.type                'Initial release' 
_pdbx_audit_revision_details.description         ? 
_pdbx_audit_revision_details.details             ? 
# 
loop_
_pdbx_audit_revision_group.ordinal 
_pdbx_audit_revision_group.revision_ordinal 
_pdbx_audit_revision_group.data_content_type 
_pdbx_audit_revision_group.group 
1 2 'Structure model' 'Database references'    
2 3 'Structure model' 'Database references'    
3 4 'Structure model' 'Data collection'        
4 4 'Structure model' 'Database references'    
5 4 'Structure model' 'Derived calculations'   
6 4 'Structure model' 'Refinement description' 
# 
loop_
_pdbx_audit_revision_category.ordinal 
_pdbx_audit_revision_category.revision_ordinal 
_pdbx_audit_revision_category.data_content_type 
_pdbx_audit_revision_category.category 
1 4 'Structure model' chem_comp_atom                
2 4 'Structure model' chem_comp_bond                
3 4 'Structure model' database_2                    
4 4 'Structure model' pdbx_initial_refinement_model 
5 4 'Structure model' pdbx_struct_conn_angle        
6 4 'Structure model' struct_conn                   
7 4 'Structure model' struct_site                   
# 
loop_
_pdbx_audit_revision_item.ordinal 
_pdbx_audit_revision_item.revision_ordinal 
_pdbx_audit_revision_item.data_content_type 
_pdbx_audit_revision_item.item 
1  4 'Structure model' '_database_2.pdbx_DOI'                        
2  4 'Structure model' '_database_2.pdbx_database_accession'         
3  4 'Structure model' '_pdbx_struct_conn_angle.ptnr1_auth_asym_id'  
4  4 'Structure model' '_pdbx_struct_conn_angle.ptnr1_auth_seq_id'   
5  4 'Structure model' '_pdbx_struct_conn_angle.ptnr1_label_asym_id' 
6  4 'Structure model' '_pdbx_struct_conn_angle.ptnr3_auth_asym_id'  
7  4 'Structure model' '_pdbx_struct_conn_angle.ptnr3_auth_seq_id'   
8  4 'Structure model' '_pdbx_struct_conn_angle.ptnr3_label_asym_id' 
9  4 'Structure model' '_pdbx_struct_conn_angle.value'               
10 4 'Structure model' '_struct_conn.pdbx_dist_value'                
11 4 'Structure model' '_struct_conn.pdbx_leaving_atom_flag'         
12 4 'Structure model' '_struct_conn.ptnr2_auth_asym_id'             
13 4 'Structure model' '_struct_conn.ptnr2_auth_seq_id'              
14 4 'Structure model' '_struct_conn.ptnr2_label_asym_id'            
15 4 'Structure model' '_struct_site.pdbx_auth_asym_id'              
16 4 'Structure model' '_struct_site.pdbx_auth_comp_id'              
17 4 'Structure model' '_struct_site.pdbx_auth_seq_id'               
# 
loop_
_software.name 
_software.classification 
_software.version 
_software.citation_id 
_software.pdbx_ordinal 
SBC-Collect 'data collection' .        ? 1 
MOLREP      phasing           .        ? 2 
REFMAC      refinement        5.7.0029 ? 3 
HKL-3000    'data reduction'  .        ? 4 
HKL-3000    'data scaling'    .        ? 5 
# 
_pdbx_validate_rmsd_bond.id                        1 
_pdbx_validate_rmsd_bond.PDB_model_num             1 
_pdbx_validate_rmsd_bond.auth_atom_id_1            "O3'" 
_pdbx_validate_rmsd_bond.auth_asym_id_1            A 
_pdbx_validate_rmsd_bond.auth_comp_id_1            5HC 
_pdbx_validate_rmsd_bond.auth_seq_id_1             9 
_pdbx_validate_rmsd_bond.PDB_ins_code_1            ? 
_pdbx_validate_rmsd_bond.label_alt_id_1            ? 
_pdbx_validate_rmsd_bond.auth_atom_id_2            P 
_pdbx_validate_rmsd_bond.auth_asym_id_2            A 
_pdbx_validate_rmsd_bond.auth_comp_id_2            DG 
_pdbx_validate_rmsd_bond.auth_seq_id_2             10 
_pdbx_validate_rmsd_bond.PDB_ins_code_2            ? 
_pdbx_validate_rmsd_bond.label_alt_id_2            ? 
_pdbx_validate_rmsd_bond.bond_value                1.525 
_pdbx_validate_rmsd_bond.bond_target_value         1.607 
_pdbx_validate_rmsd_bond.bond_deviation            -0.082 
_pdbx_validate_rmsd_bond.bond_standard_deviation   0.012 
_pdbx_validate_rmsd_bond.linker_flag               Y 
# 
_pdbx_validate_rmsd_angle.id                         1 
_pdbx_validate_rmsd_angle.PDB_model_num              1 
_pdbx_validate_rmsd_angle.auth_atom_id_1             "O5'" 
_pdbx_validate_rmsd_angle.auth_asym_id_1             A 
_pdbx_validate_rmsd_angle.auth_comp_id_1             DG 
_pdbx_validate_rmsd_angle.auth_seq_id_1              12 
_pdbx_validate_rmsd_angle.PDB_ins_code_1             ? 
_pdbx_validate_rmsd_angle.label_alt_id_1             ? 
_pdbx_validate_rmsd_angle.auth_atom_id_2             P 
_pdbx_validate_rmsd_angle.auth_asym_id_2             A 
_pdbx_validate_rmsd_angle.auth_comp_id_2             DG 
_pdbx_validate_rmsd_angle.auth_seq_id_2              12 
_pdbx_validate_rmsd_angle.PDB_ins_code_2             ? 
_pdbx_validate_rmsd_angle.label_alt_id_2             ? 
_pdbx_validate_rmsd_angle.auth_atom_id_3             OP2 
_pdbx_validate_rmsd_angle.auth_asym_id_3             A 
_pdbx_validate_rmsd_angle.auth_comp_id_3             DG 
_pdbx_validate_rmsd_angle.auth_seq_id_3              12 
_pdbx_validate_rmsd_angle.PDB_ins_code_3             ? 
_pdbx_validate_rmsd_angle.label_alt_id_3             ? 
_pdbx_validate_rmsd_angle.angle_value                89.52 
_pdbx_validate_rmsd_angle.angle_target_value         105.70 
_pdbx_validate_rmsd_angle.angle_deviation            -16.18 
_pdbx_validate_rmsd_angle.angle_standard_deviation   0.90 
_pdbx_validate_rmsd_angle.linker_flag                N 
# 
loop_
_pdbx_unobs_or_zero_occ_atoms.id 
_pdbx_unobs_or_zero_occ_atoms.PDB_model_num 
_pdbx_unobs_or_zero_occ_atoms.polymer_flag 
_pdbx_unobs_or_zero_occ_atoms.occupancy_flag 
_pdbx_unobs_or_zero_occ_atoms.auth_asym_id 
_pdbx_unobs_or_zero_occ_atoms.auth_comp_id 
_pdbx_unobs_or_zero_occ_atoms.auth_seq_id 
_pdbx_unobs_or_zero_occ_atoms.PDB_ins_code 
_pdbx_unobs_or_zero_occ_atoms.auth_atom_id 
_pdbx_unobs_or_zero_occ_atoms.label_alt_id 
_pdbx_unobs_or_zero_occ_atoms.label_asym_id 
_pdbx_unobs_or_zero_occ_atoms.label_comp_id 
_pdbx_unobs_or_zero_occ_atoms.label_seq_id 
_pdbx_unobs_or_zero_occ_atoms.label_atom_id 
1 1 N 1 B SPK 101 ? C12 ? D SPK 1 C12 
2 1 N 1 B SPK 101 ? C13 ? D SPK 1 C13 
3 1 N 1 B SPK 101 ? N14 ? D SPK 1 N14 
4 1 N 0 B HOH 285 ? O   A G HOH ? O   
# 
loop_
_chem_comp_atom.comp_id 
_chem_comp_atom.atom_id 
_chem_comp_atom.type_symbol 
_chem_comp_atom.pdbx_aromatic_flag 
_chem_comp_atom.pdbx_stereo_config 
_chem_comp_atom.pdbx_ordinal 
5HC P      P  N N 1   
5HC OP1    O  N N 2   
5HC OP2    O  N N 3   
5HC "O5'"  O  N N 4   
5HC "C5'"  C  N N 5   
5HC "C4'"  C  N R 6   
5HC "O4'"  O  N N 7   
5HC "C3'"  C  N S 8   
5HC "O3'"  O  N N 9   
5HC "C2'"  C  N N 10  
5HC "C1'"  C  N R 11  
5HC N1     N  N N 12  
5HC C2     C  N N 13  
5HC O2     O  N N 14  
5HC N3     N  N N 15  
5HC C4     C  N N 16  
5HC N4     N  N N 17  
5HC C5     C  N N 18  
5HC C5M    C  N N 19  
5HC O5     O  N N 20  
5HC C6     C  N N 21  
5HC OP3    O  N N 22  
5HC HOP2   H  N N 23  
5HC "H5'"  H  N N 24  
5HC "H5''" H  N N 25  
5HC H4     H  N N 26  
5HC "H3'"  H  N N 27  
5HC "HO3'" H  N N 28  
5HC "H2'"  H  N N 29  
5HC "H2''" H  N N 30  
5HC "H1'"  H  N N 31  
5HC HN41   H  N N 32  
5HC HN42   H  N N 33  
5HC H5M2   H  N N 34  
5HC H5M1   H  N N 35  
5HC HO5    H  N N 36  
5HC H6     H  N N 37  
5HC HOP3   H  N N 38  
DA  OP3    O  N N 39  
DA  P      P  N N 40  
DA  OP1    O  N N 41  
DA  OP2    O  N N 42  
DA  "O5'"  O  N N 43  
DA  "C5'"  C  N N 44  
DA  "C4'"  C  N R 45  
DA  "O4'"  O  N N 46  
DA  "C3'"  C  N S 47  
DA  "O3'"  O  N N 48  
DA  "C2'"  C  N N 49  
DA  "C1'"  C  N R 50  
DA  N9     N  Y N 51  
DA  C8     C  Y N 52  
DA  N7     N  Y N 53  
DA  C5     C  Y N 54  
DA  C6     C  Y N 55  
DA  N6     N  N N 56  
DA  N1     N  Y N 57  
DA  C2     C  Y N 58  
DA  N3     N  Y N 59  
DA  C4     C  Y N 60  
DA  HOP3   H  N N 61  
DA  HOP2   H  N N 62  
DA  "H5'"  H  N N 63  
DA  "H5''" H  N N 64  
DA  "H4'"  H  N N 65  
DA  "H3'"  H  N N 66  
DA  "HO3'" H  N N 67  
DA  "H2'"  H  N N 68  
DA  "H2''" H  N N 69  
DA  "H1'"  H  N N 70  
DA  H8     H  N N 71  
DA  H61    H  N N 72  
DA  H62    H  N N 73  
DA  H2     H  N N 74  
DC  OP3    O  N N 75  
DC  P      P  N N 76  
DC  OP1    O  N N 77  
DC  OP2    O  N N 78  
DC  "O5'"  O  N N 79  
DC  "C5'"  C  N N 80  
DC  "C4'"  C  N R 81  
DC  "O4'"  O  N N 82  
DC  "C3'"  C  N S 83  
DC  "O3'"  O  N N 84  
DC  "C2'"  C  N N 85  
DC  "C1'"  C  N R 86  
DC  N1     N  N N 87  
DC  C2     C  N N 88  
DC  O2     O  N N 89  
DC  N3     N  N N 90  
DC  C4     C  N N 91  
DC  N4     N  N N 92  
DC  C5     C  N N 93  
DC  C6     C  N N 94  
DC  HOP3   H  N N 95  
DC  HOP2   H  N N 96  
DC  "H5'"  H  N N 97  
DC  "H5''" H  N N 98  
DC  "H4'"  H  N N 99  
DC  "H3'"  H  N N 100 
DC  "HO3'" H  N N 101 
DC  "H2'"  H  N N 102 
DC  "H2''" H  N N 103 
DC  "H1'"  H  N N 104 
DC  H41    H  N N 105 
DC  H42    H  N N 106 
DC  H5     H  N N 107 
DC  H6     H  N N 108 
DG  OP3    O  N N 109 
DG  P      P  N N 110 
DG  OP1    O  N N 111 
DG  OP2    O  N N 112 
DG  "O5'"  O  N N 113 
DG  "C5'"  C  N N 114 
DG  "C4'"  C  N R 115 
DG  "O4'"  O  N N 116 
DG  "C3'"  C  N S 117 
DG  "O3'"  O  N N 118 
DG  "C2'"  C  N N 119 
DG  "C1'"  C  N R 120 
DG  N9     N  Y N 121 
DG  C8     C  Y N 122 
DG  N7     N  Y N 123 
DG  C5     C  Y N 124 
DG  C6     C  N N 125 
DG  O6     O  N N 126 
DG  N1     N  N N 127 
DG  C2     C  N N 128 
DG  N2     N  N N 129 
DG  N3     N  N N 130 
DG  C4     C  Y N 131 
DG  HOP3   H  N N 132 
DG  HOP2   H  N N 133 
DG  "H5'"  H  N N 134 
DG  "H5''" H  N N 135 
DG  "H4'"  H  N N 136 
DG  "H3'"  H  N N 137 
DG  "HO3'" H  N N 138 
DG  "H2'"  H  N N 139 
DG  "H2''" H  N N 140 
DG  "H1'"  H  N N 141 
DG  H8     H  N N 142 
DG  H1     H  N N 143 
DG  H21    H  N N 144 
DG  H22    H  N N 145 
DT  OP3    O  N N 146 
DT  P      P  N N 147 
DT  OP1    O  N N 148 
DT  OP2    O  N N 149 
DT  "O5'"  O  N N 150 
DT  "C5'"  C  N N 151 
DT  "C4'"  C  N R 152 
DT  "O4'"  O  N N 153 
DT  "C3'"  C  N S 154 
DT  "O3'"  O  N N 155 
DT  "C2'"  C  N N 156 
DT  "C1'"  C  N R 157 
DT  N1     N  N N 158 
DT  C2     C  N N 159 
DT  O2     O  N N 160 
DT  N3     N  N N 161 
DT  C4     C  N N 162 
DT  O4     O  N N 163 
DT  C5     C  N N 164 
DT  C7     C  N N 165 
DT  C6     C  N N 166 
DT  HOP3   H  N N 167 
DT  HOP2   H  N N 168 
DT  "H5'"  H  N N 169 
DT  "H5''" H  N N 170 
DT  "H4'"  H  N N 171 
DT  "H3'"  H  N N 172 
DT  "HO3'" H  N N 173 
DT  "H2'"  H  N N 174 
DT  "H2''" H  N N 175 
DT  "H1'"  H  N N 176 
DT  H3     H  N N 177 
DT  H71    H  N N 178 
DT  H72    H  N N 179 
DT  H73    H  N N 180 
DT  H6     H  N N 181 
HOH O      O  N N 182 
HOH H1     H  N N 183 
HOH H2     H  N N 184 
MG  MG     MG N N 185 
SPK N1     N  N N 186 
SPK C2     C  N N 187 
SPK C3     C  N N 188 
SPK C4     C  N N 189 
SPK N5     N  N N 190 
SPK C6     C  N N 191 
SPK C7     C  N N 192 
SPK C8     C  N N 193 
SPK C9     C  N N 194 
SPK N10    N  N N 195 
SPK C11    C  N N 196 
SPK C12    C  N N 197 
SPK C13    C  N N 198 
SPK N14    N  N N 199 
SPK H1A    H  N N 200 
SPK H1B    H  N N 201 
SPK H1C    H  N N 202 
SPK H2A    H  N N 203 
SPK H2B    H  N N 204 
SPK H3A    H  N N 205 
SPK H3B    H  N N 206 
SPK H4A    H  N N 207 
SPK H4B    H  N N 208 
SPK H5A    H  N N 209 
SPK H5B    H  N N 210 
SPK H6A    H  N N 211 
SPK H6B    H  N N 212 
SPK H7A    H  N N 213 
SPK H7B    H  N N 214 
SPK H8A    H  N N 215 
SPK H8B    H  N N 216 
SPK H9A    H  N N 217 
SPK H9B    H  N N 218 
SPK H101   H  N N 219 
SPK H102   H  N N 220 
SPK H111   H  N N 221 
SPK H112   H  N N 222 
SPK H121   H  N N 223 
SPK H122   H  N N 224 
SPK H131   H  N N 225 
SPK H132   H  N N 226 
SPK H141   H  N N 227 
SPK H142   H  N N 228 
SPK H143   H  N N 229 
# 
loop_
_chem_comp_bond.comp_id 
_chem_comp_bond.atom_id_1 
_chem_comp_bond.atom_id_2 
_chem_comp_bond.value_order 
_chem_comp_bond.pdbx_aromatic_flag 
_chem_comp_bond.pdbx_stereo_config 
_chem_comp_bond.pdbx_ordinal 
5HC "O4'" "C4'"  sing N N 1   
5HC "O4'" "C1'"  sing N N 2   
5HC "C4'" "C5'"  sing N N 3   
5HC "C4'" "C3'"  sing N N 4   
5HC O2    C2     doub N N 5   
5HC "C1'" N1     sing N N 6   
5HC "C1'" "C2'"  sing N N 7   
5HC "C5'" "O5'"  sing N N 8   
5HC C2    N1     sing N N 9   
5HC C2    N3     sing N N 10  
5HC N1    C6     sing N N 11  
5HC N3    C4     doub N N 12  
5HC "O5'" P      sing N N 13  
5HC "C2'" "C3'"  sing N N 14  
5HC C6    C5     doub N N 15  
5HC "C3'" "O3'"  sing N N 16  
5HC P     OP1    doub N N 17  
5HC P     OP2    sing N N 18  
5HC C4    C5     sing N N 19  
5HC C4    N4     sing N N 20  
5HC C5    C5M    sing N N 21  
5HC C5M   O5     sing N N 22  
5HC P     OP3    sing N N 23  
5HC OP2   HOP2   sing N N 24  
5HC "C5'" "H5'"  sing N N 25  
5HC "C5'" "H5''" sing N N 26  
5HC "C4'" H4     sing N N 27  
5HC "C3'" "H3'"  sing N N 28  
5HC "O3'" "HO3'" sing N N 29  
5HC "C2'" "H2'"  sing N N 30  
5HC "C2'" "H2''" sing N N 31  
5HC "C1'" "H1'"  sing N N 32  
5HC N4    HN41   sing N N 33  
5HC N4    HN42   sing N N 34  
5HC C5M   H5M2   sing N N 35  
5HC C5M   H5M1   sing N N 36  
5HC O5    HO5    sing N N 37  
5HC C6    H6     sing N N 38  
5HC OP3   HOP3   sing N N 39  
DA  OP3   P      sing N N 40  
DA  OP3   HOP3   sing N N 41  
DA  P     OP1    doub N N 42  
DA  P     OP2    sing N N 43  
DA  P     "O5'"  sing N N 44  
DA  OP2   HOP2   sing N N 45  
DA  "O5'" "C5'"  sing N N 46  
DA  "C5'" "C4'"  sing N N 47  
DA  "C5'" "H5'"  sing N N 48  
DA  "C5'" "H5''" sing N N 49  
DA  "C4'" "O4'"  sing N N 50  
DA  "C4'" "C3'"  sing N N 51  
DA  "C4'" "H4'"  sing N N 52  
DA  "O4'" "C1'"  sing N N 53  
DA  "C3'" "O3'"  sing N N 54  
DA  "C3'" "C2'"  sing N N 55  
DA  "C3'" "H3'"  sing N N 56  
DA  "O3'" "HO3'" sing N N 57  
DA  "C2'" "C1'"  sing N N 58  
DA  "C2'" "H2'"  sing N N 59  
DA  "C2'" "H2''" sing N N 60  
DA  "C1'" N9     sing N N 61  
DA  "C1'" "H1'"  sing N N 62  
DA  N9    C8     sing Y N 63  
DA  N9    C4     sing Y N 64  
DA  C8    N7     doub Y N 65  
DA  C8    H8     sing N N 66  
DA  N7    C5     sing Y N 67  
DA  C5    C6     sing Y N 68  
DA  C5    C4     doub Y N 69  
DA  C6    N6     sing N N 70  
DA  C6    N1     doub Y N 71  
DA  N6    H61    sing N N 72  
DA  N6    H62    sing N N 73  
DA  N1    C2     sing Y N 74  
DA  C2    N3     doub Y N 75  
DA  C2    H2     sing N N 76  
DA  N3    C4     sing Y N 77  
DC  OP3   P      sing N N 78  
DC  OP3   HOP3   sing N N 79  
DC  P     OP1    doub N N 80  
DC  P     OP2    sing N N 81  
DC  P     "O5'"  sing N N 82  
DC  OP2   HOP2   sing N N 83  
DC  "O5'" "C5'"  sing N N 84  
DC  "C5'" "C4'"  sing N N 85  
DC  "C5'" "H5'"  sing N N 86  
DC  "C5'" "H5''" sing N N 87  
DC  "C4'" "O4'"  sing N N 88  
DC  "C4'" "C3'"  sing N N 89  
DC  "C4'" "H4'"  sing N N 90  
DC  "O4'" "C1'"  sing N N 91  
DC  "C3'" "O3'"  sing N N 92  
DC  "C3'" "C2'"  sing N N 93  
DC  "C3'" "H3'"  sing N N 94  
DC  "O3'" "HO3'" sing N N 95  
DC  "C2'" "C1'"  sing N N 96  
DC  "C2'" "H2'"  sing N N 97  
DC  "C2'" "H2''" sing N N 98  
DC  "C1'" N1     sing N N 99  
DC  "C1'" "H1'"  sing N N 100 
DC  N1    C2     sing N N 101 
DC  N1    C6     sing N N 102 
DC  C2    O2     doub N N 103 
DC  C2    N3     sing N N 104 
DC  N3    C4     doub N N 105 
DC  C4    N4     sing N N 106 
DC  C4    C5     sing N N 107 
DC  N4    H41    sing N N 108 
DC  N4    H42    sing N N 109 
DC  C5    C6     doub N N 110 
DC  C5    H5     sing N N 111 
DC  C6    H6     sing N N 112 
DG  OP3   P      sing N N 113 
DG  OP3   HOP3   sing N N 114 
DG  P     OP1    doub N N 115 
DG  P     OP2    sing N N 116 
DG  P     "O5'"  sing N N 117 
DG  OP2   HOP2   sing N N 118 
DG  "O5'" "C5'"  sing N N 119 
DG  "C5'" "C4'"  sing N N 120 
DG  "C5'" "H5'"  sing N N 121 
DG  "C5'" "H5''" sing N N 122 
DG  "C4'" "O4'"  sing N N 123 
DG  "C4'" "C3'"  sing N N 124 
DG  "C4'" "H4'"  sing N N 125 
DG  "O4'" "C1'"  sing N N 126 
DG  "C3'" "O3'"  sing N N 127 
DG  "C3'" "C2'"  sing N N 128 
DG  "C3'" "H3'"  sing N N 129 
DG  "O3'" "HO3'" sing N N 130 
DG  "C2'" "C1'"  sing N N 131 
DG  "C2'" "H2'"  sing N N 132 
DG  "C2'" "H2''" sing N N 133 
DG  "C1'" N9     sing N N 134 
DG  "C1'" "H1'"  sing N N 135 
DG  N9    C8     sing Y N 136 
DG  N9    C4     sing Y N 137 
DG  C8    N7     doub Y N 138 
DG  C8    H8     sing N N 139 
DG  N7    C5     sing Y N 140 
DG  C5    C6     sing N N 141 
DG  C5    C4     doub Y N 142 
DG  C6    O6     doub N N 143 
DG  C6    N1     sing N N 144 
DG  N1    C2     sing N N 145 
DG  N1    H1     sing N N 146 
DG  C2    N2     sing N N 147 
DG  C2    N3     doub N N 148 
DG  N2    H21    sing N N 149 
DG  N2    H22    sing N N 150 
DG  N3    C4     sing N N 151 
DT  OP3   P      sing N N 152 
DT  OP3   HOP3   sing N N 153 
DT  P     OP1    doub N N 154 
DT  P     OP2    sing N N 155 
DT  P     "O5'"  sing N N 156 
DT  OP2   HOP2   sing N N 157 
DT  "O5'" "C5'"  sing N N 158 
DT  "C5'" "C4'"  sing N N 159 
DT  "C5'" "H5'"  sing N N 160 
DT  "C5'" "H5''" sing N N 161 
DT  "C4'" "O4'"  sing N N 162 
DT  "C4'" "C3'"  sing N N 163 
DT  "C4'" "H4'"  sing N N 164 
DT  "O4'" "C1'"  sing N N 165 
DT  "C3'" "O3'"  sing N N 166 
DT  "C3'" "C2'"  sing N N 167 
DT  "C3'" "H3'"  sing N N 168 
DT  "O3'" "HO3'" sing N N 169 
DT  "C2'" "C1'"  sing N N 170 
DT  "C2'" "H2'"  sing N N 171 
DT  "C2'" "H2''" sing N N 172 
DT  "C1'" N1     sing N N 173 
DT  "C1'" "H1'"  sing N N 174 
DT  N1    C2     sing N N 175 
DT  N1    C6     sing N N 176 
DT  C2    O2     doub N N 177 
DT  C2    N3     sing N N 178 
DT  N3    C4     sing N N 179 
DT  N3    H3     sing N N 180 
DT  C4    O4     doub N N 181 
DT  C4    C5     sing N N 182 
DT  C5    C7     sing N N 183 
DT  C5    C6     doub N N 184 
DT  C7    H71    sing N N 185 
DT  C7    H72    sing N N 186 
DT  C7    H73    sing N N 187 
DT  C6    H6     sing N N 188 
HOH O     H1     sing N N 189 
HOH O     H2     sing N N 190 
SPK N1    C2     sing N N 191 
SPK N1    H1A    sing N N 192 
SPK N1    H1B    sing N N 193 
SPK N1    H1C    sing N N 194 
SPK C2    C3     sing N N 195 
SPK C2    H2A    sing N N 196 
SPK C2    H2B    sing N N 197 
SPK C3    C4     sing N N 198 
SPK C3    H3A    sing N N 199 
SPK C3    H3B    sing N N 200 
SPK C4    N5     sing N N 201 
SPK C4    H4A    sing N N 202 
SPK C4    H4B    sing N N 203 
SPK N5    C6     sing N N 204 
SPK N5    H5A    sing N N 205 
SPK N5    H5B    sing N N 206 
SPK C6    C7     sing N N 207 
SPK C6    H6A    sing N N 208 
SPK C6    H6B    sing N N 209 
SPK C7    C8     sing N N 210 
SPK C7    H7A    sing N N 211 
SPK C7    H7B    sing N N 212 
SPK C8    C9     sing N N 213 
SPK C8    H8A    sing N N 214 
SPK C8    H8B    sing N N 215 
SPK C9    N10    sing N N 216 
SPK C9    H9A    sing N N 217 
SPK C9    H9B    sing N N 218 
SPK N10   C11    sing N N 219 
SPK N10   H101   sing N N 220 
SPK N10   H102   sing N N 221 
SPK C11   C12    sing N N 222 
SPK C11   H111   sing N N 223 
SPK C11   H112   sing N N 224 
SPK C12   C13    sing N N 225 
SPK C12   H121   sing N N 226 
SPK C12   H122   sing N N 227 
SPK C13   N14    sing N N 228 
SPK C13   H131   sing N N 229 
SPK C13   H132   sing N N 230 
SPK N14   H141   sing N N 231 
SPK N14   H142   sing N N 232 
SPK N14   H143   sing N N 233 
# 
loop_
_ndb_struct_conf_na.entry_id 
_ndb_struct_conf_na.feature 
4I9V 'double helix'         
4I9V 'b-form double helix'  
4I9V 'mismatched base pair' 
# 
loop_
_ndb_struct_na_base_pair.model_number 
_ndb_struct_na_base_pair.i_label_asym_id 
_ndb_struct_na_base_pair.i_label_comp_id 
_ndb_struct_na_base_pair.i_label_seq_id 
_ndb_struct_na_base_pair.i_symmetry 
_ndb_struct_na_base_pair.j_label_asym_id 
_ndb_struct_na_base_pair.j_label_comp_id 
_ndb_struct_na_base_pair.j_label_seq_id 
_ndb_struct_na_base_pair.j_symmetry 
_ndb_struct_na_base_pair.shear 
_ndb_struct_na_base_pair.stretch 
_ndb_struct_na_base_pair.stagger 
_ndb_struct_na_base_pair.buckle 
_ndb_struct_na_base_pair.propeller 
_ndb_struct_na_base_pair.opening 
_ndb_struct_na_base_pair.pair_number 
_ndb_struct_na_base_pair.pair_name 
_ndb_struct_na_base_pair.i_auth_asym_id 
_ndb_struct_na_base_pair.i_auth_seq_id 
_ndb_struct_na_base_pair.i_PDB_ins_code 
_ndb_struct_na_base_pair.j_auth_asym_id 
_ndb_struct_na_base_pair.j_auth_seq_id 
_ndb_struct_na_base_pair.j_PDB_ins_code 
_ndb_struct_na_base_pair.hbond_type_28 
_ndb_struct_na_base_pair.hbond_type_12 
1 A DC 1  1_555 B DG 12 1_555 0.248  -0.134 0.123  4.154  -17.046 0.200  1  A_DC1:DG24_B  A 1  ? B 24 ? 19 1 
1 A DG 2  1_555 B DC 11 1_555 -0.222 -0.185 0.559  6.362  -15.684 -3.159 2  A_DG2:DC23_B  A 2  ? B 23 ? 19 1 
1 A DC 3  1_555 B DG 10 1_555 0.125  -0.147 0.095  -2.401 -1.522  -1.171 3  A_DC3:DG22_B  A 3  ? B 22 ? 19 1 
1 A DA 5  1_555 B DT 8  1_555 0.033  -0.122 -0.001 7.315  -19.263 1.247  4  A_DA5:DT20_B  A 5  ? B 20 ? 20 1 
1 A DA 6  1_555 B DT 7  1_555 0.017  -0.118 0.109  2.884  -16.032 4.476  5  A_DA6:DT19_B  A 6  ? B 19 ? 20 1 
1 A DT 7  1_555 B DA 6  1_555 -0.031 -0.126 0.082  0.093  -16.342 4.116  6  A_DT7:DA18_B  A 7  ? B 18 ? 20 1 
1 A DT 8  1_555 B DA 5  1_555 -0.022 -0.168 0.020  -3.290 -12.687 4.516  7  A_DT8:DA17_B  A 8  ? B 17 ? 20 1 
1 A DG 10 1_555 B DC 3  1_555 -0.128 -0.070 0.184  6.980  -8.001  3.406  8  A_DG10:DC15_B A 10 ? B 15 ? 19 1 
1 A DC 11 1_555 B DG 2  1_555 0.121  -0.171 0.174  2.696  -19.754 -2.759 9  A_DC11:DG14_B A 11 ? B 14 ? 19 1 
1 A DG 12 1_555 B DC 1  1_555 -0.288 -0.106 0.305  4.472  -4.767  -1.040 10 A_DG12:DC13_B A 12 ? B 13 ? 19 1 
# 
loop_
_ndb_struct_na_base_pair_step.model_number 
_ndb_struct_na_base_pair_step.i_label_asym_id_1 
_ndb_struct_na_base_pair_step.i_label_comp_id_1 
_ndb_struct_na_base_pair_step.i_label_seq_id_1 
_ndb_struct_na_base_pair_step.i_symmetry_1 
_ndb_struct_na_base_pair_step.j_label_asym_id_1 
_ndb_struct_na_base_pair_step.j_label_comp_id_1 
_ndb_struct_na_base_pair_step.j_label_seq_id_1 
_ndb_struct_na_base_pair_step.j_symmetry_1 
_ndb_struct_na_base_pair_step.i_label_asym_id_2 
_ndb_struct_na_base_pair_step.i_label_comp_id_2 
_ndb_struct_na_base_pair_step.i_label_seq_id_2 
_ndb_struct_na_base_pair_step.i_symmetry_2 
_ndb_struct_na_base_pair_step.j_label_asym_id_2 
_ndb_struct_na_base_pair_step.j_label_comp_id_2 
_ndb_struct_na_base_pair_step.j_label_seq_id_2 
_ndb_struct_na_base_pair_step.j_symmetry_2 
_ndb_struct_na_base_pair_step.shift 
_ndb_struct_na_base_pair_step.slide 
_ndb_struct_na_base_pair_step.rise 
_ndb_struct_na_base_pair_step.tilt 
_ndb_struct_na_base_pair_step.roll 
_ndb_struct_na_base_pair_step.twist 
_ndb_struct_na_base_pair_step.x_displacement 
_ndb_struct_na_base_pair_step.y_displacement 
_ndb_struct_na_base_pair_step.helical_rise 
_ndb_struct_na_base_pair_step.inclination 
_ndb_struct_na_base_pair_step.tip 
_ndb_struct_na_base_pair_step.helical_twist 
_ndb_struct_na_base_pair_step.step_number 
_ndb_struct_na_base_pair_step.step_name 
_ndb_struct_na_base_pair_step.i_auth_asym_id_1 
_ndb_struct_na_base_pair_step.i_auth_seq_id_1 
_ndb_struct_na_base_pair_step.i_PDB_ins_code_1 
_ndb_struct_na_base_pair_step.j_auth_asym_id_1 
_ndb_struct_na_base_pair_step.j_auth_seq_id_1 
_ndb_struct_na_base_pair_step.j_PDB_ins_code_1 
_ndb_struct_na_base_pair_step.i_auth_asym_id_2 
_ndb_struct_na_base_pair_step.i_auth_seq_id_2 
_ndb_struct_na_base_pair_step.i_PDB_ins_code_2 
_ndb_struct_na_base_pair_step.j_auth_asym_id_2 
_ndb_struct_na_base_pair_step.j_auth_seq_id_2 
_ndb_struct_na_base_pair_step.j_PDB_ins_code_2 
1 A DC 1  1_555 B DG 12 1_555 A DG 2  1_555 B DC 11 1_555 -0.025 0.177  3.217 -3.416 6.028  34.124 -0.613 -0.473 3.189 10.142  
5.748  34.799 1 AA_DC1DG2:DC23DG24_BB   A 1  ? B 24 ? A 2  ? B 23 ? 
1 A DG 2  1_555 B DC 11 1_555 A DC 3  1_555 B DG 10 1_555 0.694  0.510  3.585 4.179  -7.979 41.733 1.579  -0.494 3.486 -11.046 
-5.785 42.652 2 AA_DG2DC3:DG22DC23_BB   A 2  ? B 23 ? A 3  ? B 22 ? 
1 A DC 3  1_555 B DG 10 1_555 A DA 5  1_555 B DT 8  1_555 -0.663 0.238  6.521 -0.464 5.359  63.842 -0.236 0.586  6.525 5.058   
0.438  64.044 3 AA_DC3DA5:DT20DG22_BB   A 3  ? B 22 ? A 5  ? B 20 ? 
1 A DA 5  1_555 B DT 8  1_555 A DA 6  1_555 B DT 7  1_555 0.262  -0.192 3.270 -1.625 0.752  38.825 -0.380 -0.590 3.252 1.131   
2.444  38.865 4 AA_DA5DA6:DT19DT20_BB   A 5  ? B 20 ? A 6  ? B 19 ? 
1 A DA 6  1_555 B DT 7  1_555 A DT 7  1_555 B DA 6  1_555 0.058  -0.541 3.284 0.089  -2.484 31.593 -0.528 -0.090 3.315 -4.554  
-0.164 31.688 5 AA_DA6DT7:DA18DT19_BB   A 6  ? B 19 ? A 7  ? B 18 ? 
1 A DT 7  1_555 B DA 6  1_555 A DT 8  1_555 B DA 5  1_555 0.031  -0.385 3.275 1.516  -1.811 36.132 -0.363 0.164  3.289 -2.916  
-2.440 36.206 6 AA_DT7DT8:DA17DA18_BB   A 7  ? B 18 ? A 8  ? B 17 ? 
1 A DT 8  1_555 B DA 5  1_555 A DG 10 1_555 B DC 3  1_555 -0.125 0.390  6.400 -3.750 1.493  66.493 0.240  -0.177 6.405 1.360   
3.417  66.601 7 AA_DT8DG10:DC15DA17_BB  A 8  ? B 17 ? A 10 ? B 15 ? 
1 A DG 10 1_555 B DC 3  1_555 A DC 11 1_555 B DG 2  1_555 -1.323 0.547  3.405 -3.438 -9.339 42.756 1.656  1.431  3.312 -12.606 
4.640  43.846 8 AA_DG10DC11:DG14DC15_BB A 10 ? B 15 ? A 11 ? B 14 ? 
1 A DC 11 1_555 B DG 2  1_555 A DG 12 1_555 B DC 1  1_555 -0.232 0.176  3.176 -1.430 6.196  32.505 -0.713 0.171  3.162 10.939  
2.525  33.104 9 AA_DC11DG12:DC13DG14_BB A 11 ? B 14 ? A 12 ? B 13 ? 
# 
loop_
_pdbx_entity_nonpoly.entity_id 
_pdbx_entity_nonpoly.name 
_pdbx_entity_nonpoly.comp_id 
2 'MAGNESIUM ION'                    MG  
3 'SPERMINE (FULLY PROTONATED FORM)' SPK 
4 water                              HOH 
# 
_pdbx_initial_refinement_model.id               1 
_pdbx_initial_refinement_model.entity_id_list   ? 
_pdbx_initial_refinement_model.type             'experimental model' 
_pdbx_initial_refinement_model.source_name      PDB 
_pdbx_initial_refinement_model.accession_code   436D 
_pdbx_initial_refinement_model.details          'PDB ENTRY 436D' 
# 
